data_5OGB
# 
_entry.id   5OGB 
# 
_audit_conform.dict_name       mmcif_pdbx.dic 
_audit_conform.dict_version    5.383 
_audit_conform.dict_location   http://mmcif.pdb.org/dictionaries/ascii/mmcif_pdbx.dic 
# 
loop_
_database_2.database_id 
_database_2.database_code 
_database_2.pdbx_database_accession 
_database_2.pdbx_DOI 
PDB   5OGB         pdb_00005ogb 10.2210/pdb5ogb/pdb 
WWPDB D_1200005762 ?            ?                   
# 
loop_
_pdbx_audit_revision_history.ordinal 
_pdbx_audit_revision_history.data_content_type 
_pdbx_audit_revision_history.major_revision 
_pdbx_audit_revision_history.minor_revision 
_pdbx_audit_revision_history.revision_date 
1 'Structure model' 1 0 2018-10-24 
2 'Structure model' 1 1 2019-05-08 
3 'Structure model' 1 2 2019-10-16 
4 'Structure model' 1 3 2024-01-17 
# 
_pdbx_audit_revision_details.ordinal             1 
_pdbx_audit_revision_details.revision_ordinal    1 
_pdbx_audit_revision_details.data_content_type   'Structure model' 
_pdbx_audit_revision_details.provider            repository 
_pdbx_audit_revision_details.type                'Initial release' 
_pdbx_audit_revision_details.description         ? 
_pdbx_audit_revision_details.details             ? 
# 
loop_
_pdbx_audit_revision_group.ordinal 
_pdbx_audit_revision_group.revision_ordinal 
_pdbx_audit_revision_group.data_content_type 
_pdbx_audit_revision_group.group 
1 2 'Structure model' 'Data collection'        
2 2 'Structure model' 'Database references'    
3 3 'Structure model' 'Data collection'        
4 4 'Structure model' 'Data collection'        
5 4 'Structure model' 'Database references'    
6 4 'Structure model' 'Refinement description' 
# 
loop_
_pdbx_audit_revision_category.ordinal 
_pdbx_audit_revision_category.revision_ordinal 
_pdbx_audit_revision_category.data_content_type 
_pdbx_audit_revision_category.category 
1 2 'Structure model' citation                      
2 2 'Structure model' citation_author               
3 2 'Structure model' pdbx_database_proc            
4 3 'Structure model' reflns_shell                  
5 4 'Structure model' chem_comp_atom                
6 4 'Structure model' chem_comp_bond                
7 4 'Structure model' database_2                    
8 4 'Structure model' pdbx_initial_refinement_model 
# 
loop_
_pdbx_audit_revision_item.ordinal 
_pdbx_audit_revision_item.revision_ordinal 
_pdbx_audit_revision_item.data_content_type 
_pdbx_audit_revision_item.item 
1  2 'Structure model' '_citation.country'                   
2  2 'Structure model' '_citation.journal_abbrev'            
3  2 'Structure model' '_citation.journal_id_CSD'            
4  2 'Structure model' '_citation.journal_id_ISSN'           
5  2 'Structure model' '_citation.journal_volume'            
6  2 'Structure model' '_citation.page_first'                
7  2 'Structure model' '_citation.page_last'                 
8  2 'Structure model' '_citation.pdbx_database_id_DOI'      
9  2 'Structure model' '_citation.pdbx_database_id_PubMed'   
10 2 'Structure model' '_citation.title'                     
11 2 'Structure model' '_citation.year'                      
12 4 'Structure model' '_database_2.pdbx_DOI'                
13 4 'Structure model' '_database_2.pdbx_database_accession' 
# 
_pdbx_database_status.status_code                     REL 
_pdbx_database_status.status_code_sf                  REL 
_pdbx_database_status.status_code_mr                  ? 
_pdbx_database_status.entry_id                        5OGB 
_pdbx_database_status.recvd_initial_deposition_date   2017-07-12 
_pdbx_database_status.SG_entry                        N 
_pdbx_database_status.deposit_site                    PDBE 
_pdbx_database_status.process_site                    PDBE 
_pdbx_database_status.status_code_cs                  ? 
_pdbx_database_status.methods_development_category    ? 
_pdbx_database_status.pdb_format_compatible           Y 
_pdbx_database_status.status_code_nmr_data            ? 
# 
loop_
_audit_author.name 
_audit_author.pdbx_ordinal 
_audit_author.identifier_ORCID 
'Chisholm, D.'  1 ?                   
'Tomlinson, C.' 2 ?                   
'Whiting, A.'   3 0000-0001-8937-8445 
'Pohl, E.'      4 0000-0002-9949-4471 
# 
_citation.abstract                  ? 
_citation.abstract_id_CAS           ? 
_citation.book_id_ISBN              ? 
_citation.book_publisher            ? 
_citation.book_publisher_city       ? 
_citation.book_title                ? 
_citation.coordinate_linkage        ? 
_citation.country                   US 
_citation.database_id_Medline       ? 
_citation.details                   ? 
_citation.id                        primary 
_citation.journal_abbrev            'Acs Chem.Biol.' 
_citation.journal_id_ASTM           ? 
_citation.journal_id_CSD            ? 
_citation.journal_id_ISSN           1554-8937 
_citation.journal_full              ? 
_citation.journal_issue             ? 
_citation.journal_volume            14 
_citation.language                  ? 
_citation.page_first                369 
_citation.page_last                 377 
_citation.title                     
'Fluorescent Retinoic Acid Analogues as Probes for Biochemical and Intracellular Characterization of Retinoid Signaling Pathways.' 
_citation.year                      2019 
_citation.database_id_CSD           ? 
_citation.pdbx_database_id_DOI      10.1021/acschembio.8b00916 
_citation.pdbx_database_id_PubMed   30707838 
_citation.unpublished_flag          ? 
# 
loop_
_citation_author.citation_id 
_citation_author.name 
_citation_author.ordinal 
_citation_author.identifier_ORCID 
primary 'Chisholm, D.R.'    1  ?                   
primary 'Tomlinson, C.W.E.' 2  ?                   
primary 'Zhou, G.L.'        3  ?                   
primary 'Holden, C.'        4  ?                   
primary 'Affleck, V.'       5  ?                   
primary 'Lamb, R.'          6  ?                   
primary 'Newling, K.'       7  ?                   
primary 'Ashton, P.'        8  ?                   
primary 'Valentine, R.'     9  ?                   
primary 'Redfern, C.'       10 0000-0002-1833-8048 
primary 'Erostyak, J.'      11 ?                   
primary 'Makkai, G.'        12 ?                   
primary 'Ambler, C.A.'      13 ?                   
primary 'Whiting, A.'       14 0000-0001-8937-8445 
primary 'Pohl, E.'          15 0000-0002-9949-4471 
# 
loop_
_entity.id 
_entity.type 
_entity.src_method 
_entity.pdbx_description 
_entity.formula_weight 
_entity.pdbx_number_of_molecules 
_entity.pdbx_ec 
_entity.pdbx_mutation 
_entity.pdbx_fragment 
_entity.details 
1 polymer     man 'Cellular retinoic acid-binding protein 2'                            15713.000 1  ? ? ? ? 
2 non-polymer syn '4-[2-(4,4-dimethyl-1-propan-2-yl-quinolin-6-yl)ethynyl]benzoic acid' 345.434   1  ? ? ? ? 
3 water       nat water                                                                 18.015    62 ? ? ? ? 
# 
_entity_name_com.entity_id   1 
_entity_name_com.name        'Cellular retinoic acid-binding protein II,CRABP-II' 
# 
_entity_poly.entity_id                      1 
_entity_poly.type                           'polypeptide(L)' 
_entity_poly.nstd_linkage                   no 
_entity_poly.nstd_monomer                   no 
_entity_poly.pdbx_seq_one_letter_code       
;MPNFSGNWKIIRSENFEELLKVLGVNVMLRKIAVAAASKPAVEIKQEGDTFYIKTSTTVRTTEINFKVGEEFEEQTVDGR
PCKSLVKWESENKMVCEQKLLKGEGPKTSWTRELTNDGELILTMTADDVVCTRVYVRE
;
_entity_poly.pdbx_seq_one_letter_code_can   
;MPNFSGNWKIIRSENFEELLKVLGVNVMLRKIAVAAASKPAVEIKQEGDTFYIKTSTTVRTTEINFKVGEEFEEQTVDGR
PCKSLVKWESENKMVCEQKLLKGEGPKTSWTRELTNDGELILTMTADDVVCTRVYVRE
;
_entity_poly.pdbx_strand_id                 A 
_entity_poly.pdbx_target_identifier         ? 
# 
loop_
_pdbx_entity_nonpoly.entity_id 
_pdbx_entity_nonpoly.name 
_pdbx_entity_nonpoly.comp_id 
2 '4-[2-(4,4-dimethyl-1-propan-2-yl-quinolin-6-yl)ethynyl]benzoic acid' 9U5 
3 water                                                                 HOH 
# 
loop_
_entity_poly_seq.entity_id 
_entity_poly_seq.num 
_entity_poly_seq.mon_id 
_entity_poly_seq.hetero 
1 1   MET n 
1 2   PRO n 
1 3   ASN n 
1 4   PHE n 
1 5   SER n 
1 6   GLY n 
1 7   ASN n 
1 8   TRP n 
1 9   LYS n 
1 10  ILE n 
1 11  ILE n 
1 12  ARG n 
1 13  SER n 
1 14  GLU n 
1 15  ASN n 
1 16  PHE n 
1 17  GLU n 
1 18  GLU n 
1 19  LEU n 
1 20  LEU n 
1 21  LYS n 
1 22  VAL n 
1 23  LEU n 
1 24  GLY n 
1 25  VAL n 
1 26  ASN n 
1 27  VAL n 
1 28  MET n 
1 29  LEU n 
1 30  ARG n 
1 31  LYS n 
1 32  ILE n 
1 33  ALA n 
1 34  VAL n 
1 35  ALA n 
1 36  ALA n 
1 37  ALA n 
1 38  SER n 
1 39  LYS n 
1 40  PRO n 
1 41  ALA n 
1 42  VAL n 
1 43  GLU n 
1 44  ILE n 
1 45  LYS n 
1 46  GLN n 
1 47  GLU n 
1 48  GLY n 
1 49  ASP n 
1 50  THR n 
1 51  PHE n 
1 52  TYR n 
1 53  ILE n 
1 54  LYS n 
1 55  THR n 
1 56  SER n 
1 57  THR n 
1 58  THR n 
1 59  VAL n 
1 60  ARG n 
1 61  THR n 
1 62  THR n 
1 63  GLU n 
1 64  ILE n 
1 65  ASN n 
1 66  PHE n 
1 67  LYS n 
1 68  VAL n 
1 69  GLY n 
1 70  GLU n 
1 71  GLU n 
1 72  PHE n 
1 73  GLU n 
1 74  GLU n 
1 75  GLN n 
1 76  THR n 
1 77  VAL n 
1 78  ASP n 
1 79  GLY n 
1 80  ARG n 
1 81  PRO n 
1 82  CYS n 
1 83  LYS n 
1 84  SER n 
1 85  LEU n 
1 86  VAL n 
1 87  LYS n 
1 88  TRP n 
1 89  GLU n 
1 90  SER n 
1 91  GLU n 
1 92  ASN n 
1 93  LYS n 
1 94  MET n 
1 95  VAL n 
1 96  CYS n 
1 97  GLU n 
1 98  GLN n 
1 99  LYS n 
1 100 LEU n 
1 101 LEU n 
1 102 LYS n 
1 103 GLY n 
1 104 GLU n 
1 105 GLY n 
1 106 PRO n 
1 107 LYS n 
1 108 THR n 
1 109 SER n 
1 110 TRP n 
1 111 THR n 
1 112 ARG n 
1 113 GLU n 
1 114 LEU n 
1 115 THR n 
1 116 ASN n 
1 117 ASP n 
1 118 GLY n 
1 119 GLU n 
1 120 LEU n 
1 121 ILE n 
1 122 LEU n 
1 123 THR n 
1 124 MET n 
1 125 THR n 
1 126 ALA n 
1 127 ASP n 
1 128 ASP n 
1 129 VAL n 
1 130 VAL n 
1 131 CYS n 
1 132 THR n 
1 133 ARG n 
1 134 VAL n 
1 135 TYR n 
1 136 VAL n 
1 137 ARG n 
1 138 GLU n 
# 
_entity_src_gen.entity_id                          1 
_entity_src_gen.pdbx_src_id                        1 
_entity_src_gen.pdbx_alt_source_flag               sample 
_entity_src_gen.pdbx_seq_type                      'Biological sequence' 
_entity_src_gen.pdbx_beg_seq_num                   1 
_entity_src_gen.pdbx_end_seq_num                   138 
_entity_src_gen.gene_src_common_name               Human 
_entity_src_gen.gene_src_genus                     ? 
_entity_src_gen.pdbx_gene_src_gene                 CRABP2 
_entity_src_gen.gene_src_species                   ? 
_entity_src_gen.gene_src_strain                    ? 
_entity_src_gen.gene_src_tissue                    ? 
_entity_src_gen.gene_src_tissue_fraction           ? 
_entity_src_gen.gene_src_details                   ? 
_entity_src_gen.pdbx_gene_src_fragment             ? 
_entity_src_gen.pdbx_gene_src_scientific_name      'Homo sapiens' 
_entity_src_gen.pdbx_gene_src_ncbi_taxonomy_id     9606 
_entity_src_gen.pdbx_gene_src_variant              ? 
_entity_src_gen.pdbx_gene_src_cell_line            ? 
_entity_src_gen.pdbx_gene_src_atcc                 ? 
_entity_src_gen.pdbx_gene_src_organ                ? 
_entity_src_gen.pdbx_gene_src_organelle            ? 
_entity_src_gen.pdbx_gene_src_cell                 ? 
_entity_src_gen.pdbx_gene_src_cellular_location    ? 
_entity_src_gen.host_org_common_name               ? 
_entity_src_gen.pdbx_host_org_scientific_name      'Escherichia coli' 
_entity_src_gen.pdbx_host_org_ncbi_taxonomy_id     562 
_entity_src_gen.host_org_genus                     ? 
_entity_src_gen.pdbx_host_org_gene                 ? 
_entity_src_gen.pdbx_host_org_organ                ? 
_entity_src_gen.host_org_species                   ? 
_entity_src_gen.pdbx_host_org_tissue               ? 
_entity_src_gen.pdbx_host_org_tissue_fraction      ? 
_entity_src_gen.pdbx_host_org_strain               ? 
_entity_src_gen.pdbx_host_org_variant              ? 
_entity_src_gen.pdbx_host_org_cell_line            ? 
_entity_src_gen.pdbx_host_org_atcc                 ? 
_entity_src_gen.pdbx_host_org_culture_collection   ? 
_entity_src_gen.pdbx_host_org_cell                 ? 
_entity_src_gen.pdbx_host_org_organelle            ? 
_entity_src_gen.pdbx_host_org_cellular_location    ? 
_entity_src_gen.pdbx_host_org_vector_type          ? 
_entity_src_gen.pdbx_host_org_vector               ? 
_entity_src_gen.host_org_details                   ? 
_entity_src_gen.expression_system_id               ? 
_entity_src_gen.plasmid_name                       ? 
_entity_src_gen.plasmid_details                    ? 
_entity_src_gen.pdbx_description                   ? 
# 
loop_
_chem_comp.id 
_chem_comp.type 
_chem_comp.mon_nstd_flag 
_chem_comp.name 
_chem_comp.pdbx_synonyms 
_chem_comp.formula 
_chem_comp.formula_weight 
9U5 non-polymer         . '4-[2-(4,4-dimethyl-1-propan-2-yl-quinolin-6-yl)ethynyl]benzoic acid' ? 'C23 H23 N O2'   345.434 
ALA 'L-peptide linking' y ALANINE                                                               ? 'C3 H7 N O2'     89.093  
ARG 'L-peptide linking' y ARGININE                                                              ? 'C6 H15 N4 O2 1' 175.209 
ASN 'L-peptide linking' y ASPARAGINE                                                            ? 'C4 H8 N2 O3'    132.118 
ASP 'L-peptide linking' y 'ASPARTIC ACID'                                                       ? 'C4 H7 N O4'     133.103 
CYS 'L-peptide linking' y CYSTEINE                                                              ? 'C3 H7 N O2 S'   121.158 
GLN 'L-peptide linking' y GLUTAMINE                                                             ? 'C5 H10 N2 O3'   146.144 
GLU 'L-peptide linking' y 'GLUTAMIC ACID'                                                       ? 'C5 H9 N O4'     147.129 
GLY 'peptide linking'   y GLYCINE                                                               ? 'C2 H5 N O2'     75.067  
HOH non-polymer         . WATER                                                                 ? 'H2 O'           18.015  
ILE 'L-peptide linking' y ISOLEUCINE                                                            ? 'C6 H13 N O2'    131.173 
LEU 'L-peptide linking' y LEUCINE                                                               ? 'C6 H13 N O2'    131.173 
LYS 'L-peptide linking' y LYSINE                                                                ? 'C6 H15 N2 O2 1' 147.195 
MET 'L-peptide linking' y METHIONINE                                                            ? 'C5 H11 N O2 S'  149.211 
PHE 'L-peptide linking' y PHENYLALANINE                                                         ? 'C9 H11 N O2'    165.189 
PRO 'L-peptide linking' y PROLINE                                                               ? 'C5 H9 N O2'     115.130 
SER 'L-peptide linking' y SERINE                                                                ? 'C3 H7 N O3'     105.093 
THR 'L-peptide linking' y THREONINE                                                             ? 'C4 H9 N O3'     119.119 
TRP 'L-peptide linking' y TRYPTOPHAN                                                            ? 'C11 H12 N2 O2'  204.225 
TYR 'L-peptide linking' y TYROSINE                                                              ? 'C9 H11 N O3'    181.189 
VAL 'L-peptide linking' y VALINE                                                                ? 'C5 H11 N O2'    117.146 
# 
loop_
_pdbx_poly_seq_scheme.asym_id 
_pdbx_poly_seq_scheme.entity_id 
_pdbx_poly_seq_scheme.seq_id 
_pdbx_poly_seq_scheme.mon_id 
_pdbx_poly_seq_scheme.ndb_seq_num 
_pdbx_poly_seq_scheme.pdb_seq_num 
_pdbx_poly_seq_scheme.auth_seq_num 
_pdbx_poly_seq_scheme.pdb_mon_id 
_pdbx_poly_seq_scheme.auth_mon_id 
_pdbx_poly_seq_scheme.pdb_strand_id 
_pdbx_poly_seq_scheme.pdb_ins_code 
_pdbx_poly_seq_scheme.hetero 
A 1 1   MET 1   1   ?   ?   ?   A . n 
A 1 2   PRO 2   2   2   PRO PRO A . n 
A 1 3   ASN 3   3   3   ASN ASN A . n 
A 1 4   PHE 4   4   4   PHE PHE A . n 
A 1 5   SER 5   5   5   SER SER A . n 
A 1 6   GLY 6   6   6   GLY GLY A . n 
A 1 7   ASN 7   7   7   ASN ASN A . n 
A 1 8   TRP 8   8   8   TRP TRP A . n 
A 1 9   LYS 9   9   9   LYS LYS A . n 
A 1 10  ILE 10  10  10  ILE ILE A . n 
A 1 11  ILE 11  11  11  ILE ILE A . n 
A 1 12  ARG 12  12  12  ARG ARG A . n 
A 1 13  SER 13  13  13  SER SER A . n 
A 1 14  GLU 14  14  14  GLU GLU A . n 
A 1 15  ASN 15  15  15  ASN ASN A . n 
A 1 16  PHE 16  16  16  PHE PHE A . n 
A 1 17  GLU 17  17  17  GLU GLU A . n 
A 1 18  GLU 18  18  18  GLU GLU A . n 
A 1 19  LEU 19  19  19  LEU LEU A . n 
A 1 20  LEU 20  20  20  LEU LEU A . n 
A 1 21  LYS 21  21  21  LYS LYS A . n 
A 1 22  VAL 22  22  22  VAL VAL A . n 
A 1 23  LEU 23  23  23  LEU LEU A . n 
A 1 24  GLY 24  24  24  GLY GLY A . n 
A 1 25  VAL 25  25  25  VAL VAL A . n 
A 1 26  ASN 26  26  26  ASN ASN A . n 
A 1 27  VAL 27  27  27  VAL VAL A . n 
A 1 28  MET 28  28  28  MET MET A . n 
A 1 29  LEU 29  29  29  LEU LEU A . n 
A 1 30  ARG 30  30  30  ARG ARG A . n 
A 1 31  LYS 31  31  31  LYS LYS A . n 
A 1 32  ILE 32  32  32  ILE ILE A . n 
A 1 33  ALA 33  33  33  ALA ALA A . n 
A 1 34  VAL 34  34  34  VAL VAL A . n 
A 1 35  ALA 35  35  35  ALA ALA A . n 
A 1 36  ALA 36  36  36  ALA ALA A . n 
A 1 37  ALA 37  37  37  ALA ALA A . n 
A 1 38  SER 38  38  38  SER SER A . n 
A 1 39  LYS 39  39  39  LYS LYS A . n 
A 1 40  PRO 40  40  40  PRO PRO A . n 
A 1 41  ALA 41  41  41  ALA ALA A . n 
A 1 42  VAL 42  42  42  VAL VAL A . n 
A 1 43  GLU 43  43  43  GLU GLU A . n 
A 1 44  ILE 44  44  44  ILE ILE A . n 
A 1 45  LYS 45  45  45  LYS LYS A . n 
A 1 46  GLN 46  46  46  GLN GLN A . n 
A 1 47  GLU 47  47  47  GLU GLU A . n 
A 1 48  GLY 48  48  48  GLY GLY A . n 
A 1 49  ASP 49  49  49  ASP ASP A . n 
A 1 50  THR 50  50  50  THR THR A . n 
A 1 51  PHE 51  51  51  PHE PHE A . n 
A 1 52  TYR 52  52  52  TYR TYR A . n 
A 1 53  ILE 53  53  53  ILE ILE A . n 
A 1 54  LYS 54  54  54  LYS LYS A . n 
A 1 55  THR 55  55  55  THR THR A . n 
A 1 56  SER 56  56  56  SER SER A . n 
A 1 57  THR 57  57  57  THR THR A . n 
A 1 58  THR 58  58  58  THR THR A . n 
A 1 59  VAL 59  59  59  VAL VAL A . n 
A 1 60  ARG 60  60  60  ARG ARG A . n 
A 1 61  THR 61  61  61  THR THR A . n 
A 1 62  THR 62  62  62  THR THR A . n 
A 1 63  GLU 63  63  63  GLU GLU A . n 
A 1 64  ILE 64  64  64  ILE ILE A . n 
A 1 65  ASN 65  65  65  ASN ASN A . n 
A 1 66  PHE 66  66  66  PHE PHE A . n 
A 1 67  LYS 67  67  67  LYS LYS A . n 
A 1 68  VAL 68  68  68  VAL VAL A . n 
A 1 69  GLY 69  69  69  GLY GLY A . n 
A 1 70  GLU 70  70  70  GLU GLU A . n 
A 1 71  GLU 71  71  71  GLU GLU A . n 
A 1 72  PHE 72  72  72  PHE PHE A . n 
A 1 73  GLU 73  73  73  GLU GLU A . n 
A 1 74  GLU 74  74  74  GLU GLU A . n 
A 1 75  GLN 75  75  75  GLN GLN A . n 
A 1 76  THR 76  76  76  THR THR A . n 
A 1 77  VAL 77  77  77  VAL VAL A . n 
A 1 78  ASP 78  78  78  ASP ASP A . n 
A 1 79  GLY 79  79  79  GLY GLY A . n 
A 1 80  ARG 80  80  80  ARG ARG A . n 
A 1 81  PRO 81  81  81  PRO PRO A . n 
A 1 82  CYS 82  82  82  CYS CYS A . n 
A 1 83  LYS 83  83  83  LYS LYS A . n 
A 1 84  SER 84  84  84  SER SER A . n 
A 1 85  LEU 85  85  85  LEU LEU A . n 
A 1 86  VAL 86  86  86  VAL VAL A . n 
A 1 87  LYS 87  87  87  LYS LYS A . n 
A 1 88  TRP 88  88  88  TRP TRP A . n 
A 1 89  GLU 89  89  89  GLU GLU A . n 
A 1 90  SER 90  90  90  SER SER A . n 
A 1 91  GLU 91  91  91  GLU GLU A . n 
A 1 92  ASN 92  92  92  ASN ASN A . n 
A 1 93  LYS 93  93  93  LYS LYS A . n 
A 1 94  MET 94  94  94  MET MET A . n 
A 1 95  VAL 95  95  95  VAL VAL A . n 
A 1 96  CYS 96  96  96  CYS CYS A . n 
A 1 97  GLU 97  97  97  GLU GLU A . n 
A 1 98  GLN 98  98  98  GLN GLN A . n 
A 1 99  LYS 99  99  99  LYS LYS A . n 
A 1 100 LEU 100 100 100 LEU LEU A . n 
A 1 101 LEU 101 101 101 LEU LEU A . n 
A 1 102 LYS 102 102 ?   ?   ?   A . n 
A 1 103 GLY 103 103 ?   ?   ?   A . n 
A 1 104 GLU 104 104 104 GLU GLU A . n 
A 1 105 GLY 105 105 105 GLY GLY A . n 
A 1 106 PRO 106 106 106 PRO PRO A . n 
A 1 107 LYS 107 107 107 LYS LYS A . n 
A 1 108 THR 108 108 108 THR THR A . n 
A 1 109 SER 109 109 109 SER SER A . n 
A 1 110 TRP 110 110 110 TRP TRP A . n 
A 1 111 THR 111 111 111 THR THR A . n 
A 1 112 ARG 112 112 112 ARG ARG A . n 
A 1 113 GLU 113 113 113 GLU GLU A . n 
A 1 114 LEU 114 114 114 LEU LEU A . n 
A 1 115 THR 115 115 115 THR THR A . n 
A 1 116 ASN 116 116 116 ASN ASN A . n 
A 1 117 ASP 117 117 117 ASP ASP A . n 
A 1 118 GLY 118 118 118 GLY GLY A . n 
A 1 119 GLU 119 119 119 GLU GLU A . n 
A 1 120 LEU 120 120 120 LEU LEU A . n 
A 1 121 ILE 121 121 121 ILE ILE A . n 
A 1 122 LEU 122 122 122 LEU LEU A . n 
A 1 123 THR 123 123 123 THR THR A . n 
A 1 124 MET 124 124 124 MET MET A . n 
A 1 125 THR 125 125 125 THR THR A . n 
A 1 126 ALA 126 126 126 ALA ALA A . n 
A 1 127 ASP 127 127 127 ASP ASP A . n 
A 1 128 ASP 128 128 128 ASP ASP A . n 
A 1 129 VAL 129 129 129 VAL VAL A . n 
A 1 130 VAL 130 130 130 VAL VAL A . n 
A 1 131 CYS 131 131 131 CYS CYS A . n 
A 1 132 THR 132 132 132 THR THR A . n 
A 1 133 ARG 133 133 133 ARG ARG A . n 
A 1 134 VAL 134 134 134 VAL VAL A . n 
A 1 135 TYR 135 135 135 TYR TYR A . n 
A 1 136 VAL 136 136 136 VAL VAL A . n 
A 1 137 ARG 137 137 137 ARG ARG A . n 
A 1 138 GLU 138 138 138 GLU GLU A . n 
# 
loop_
_pdbx_nonpoly_scheme.asym_id 
_pdbx_nonpoly_scheme.entity_id 
_pdbx_nonpoly_scheme.mon_id 
_pdbx_nonpoly_scheme.ndb_seq_num 
_pdbx_nonpoly_scheme.pdb_seq_num 
_pdbx_nonpoly_scheme.auth_seq_num 
_pdbx_nonpoly_scheme.pdb_mon_id 
_pdbx_nonpoly_scheme.auth_mon_id 
_pdbx_nonpoly_scheme.pdb_strand_id 
_pdbx_nonpoly_scheme.pdb_ins_code 
B 2 9U5 1  201 1  9U5 DRG A . 
C 3 HOH 1  301 50 HOH HOH A . 
C 3 HOH 2  302 8  HOH HOH A . 
C 3 HOH 3  303 9  HOH HOH A . 
C 3 HOH 4  304 19 HOH HOH A . 
C 3 HOH 5  305 10 HOH HOH A . 
C 3 HOH 6  306 49 HOH HOH A . 
C 3 HOH 7  307 7  HOH HOH A . 
C 3 HOH 8  308 25 HOH HOH A . 
C 3 HOH 9  309 6  HOH HOH A . 
C 3 HOH 10 310 44 HOH HOH A . 
C 3 HOH 11 311 22 HOH HOH A . 
C 3 HOH 12 312 41 HOH HOH A . 
C 3 HOH 13 313 35 HOH HOH A . 
C 3 HOH 14 314 11 HOH HOH A . 
C 3 HOH 15 315 5  HOH HOH A . 
C 3 HOH 16 316 2  HOH HOH A . 
C 3 HOH 17 317 62 HOH HOH A . 
C 3 HOH 18 318 53 HOH HOH A . 
C 3 HOH 19 319 12 HOH HOH A . 
C 3 HOH 20 320 34 HOH HOH A . 
C 3 HOH 21 321 38 HOH HOH A . 
C 3 HOH 22 322 46 HOH HOH A . 
C 3 HOH 23 323 58 HOH HOH A . 
C 3 HOH 24 324 20 HOH HOH A . 
C 3 HOH 25 325 24 HOH HOH A . 
C 3 HOH 26 326 52 HOH HOH A . 
C 3 HOH 27 327 1  HOH HOH A . 
C 3 HOH 28 328 28 HOH HOH A . 
C 3 HOH 29 329 48 HOH HOH A . 
C 3 HOH 30 330 37 HOH HOH A . 
C 3 HOH 31 331 54 HOH HOH A . 
C 3 HOH 32 332 29 HOH HOH A . 
C 3 HOH 33 333 13 HOH HOH A . 
C 3 HOH 34 334 27 HOH HOH A . 
C 3 HOH 35 335 51 HOH HOH A . 
C 3 HOH 36 336 45 HOH HOH A . 
C 3 HOH 37 337 56 HOH HOH A . 
C 3 HOH 38 338 16 HOH HOH A . 
C 3 HOH 39 339 39 HOH HOH A . 
C 3 HOH 40 340 3  HOH HOH A . 
C 3 HOH 41 341 4  HOH HOH A . 
C 3 HOH 42 342 26 HOH HOH A . 
C 3 HOH 43 343 33 HOH HOH A . 
C 3 HOH 44 344 14 HOH HOH A . 
C 3 HOH 45 345 47 HOH HOH A . 
C 3 HOH 46 346 36 HOH HOH A . 
C 3 HOH 47 347 40 HOH HOH A . 
C 3 HOH 48 348 43 HOH HOH A . 
C 3 HOH 49 349 23 HOH HOH A . 
C 3 HOH 50 350 17 HOH HOH A . 
C 3 HOH 51 351 32 HOH HOH A . 
C 3 HOH 52 352 15 HOH HOH A . 
C 3 HOH 53 353 42 HOH HOH A . 
C 3 HOH 54 354 18 HOH HOH A . 
C 3 HOH 55 355 21 HOH HOH A . 
C 3 HOH 56 356 59 HOH HOH A . 
C 3 HOH 57 357 60 HOH HOH A . 
C 3 HOH 58 358 30 HOH HOH A . 
C 3 HOH 59 359 55 HOH HOH A . 
C 3 HOH 60 360 61 HOH HOH A . 
C 3 HOH 61 361 31 HOH HOH A . 
C 3 HOH 62 362 57 HOH HOH A . 
# 
loop_
_software.citation_id 
_software.classification 
_software.compiler_name 
_software.compiler_version 
_software.contact_author 
_software.contact_author_email 
_software.date 
_software.description 
_software.dependencies 
_software.hardware 
_software.language 
_software.location 
_software.mods 
_software.name 
_software.os 
_software.os_version 
_software.type 
_software.version 
_software.pdbx_ordinal 
? 'data reduction' ? ? ? ? ? ? ? ? ? ? ? iMOSFLM   ? ? ? .        1 
? 'data scaling'   ? ? ? ? ? ? ? ? ? ? ? Aimless   ? ? ? .        2 
? 'model building' ? ? ? ? ? ? ? ? ? ? ? BUCCANEER ? ? ? .        3 
? 'model building' ? ? ? ? ? ? ? ? ? ? ? Coot      ? ? ? .        4 
? refinement       ? ? ? ? ? ? ? ? ? ? ? REFMAC    ? ? ? 5.8.0158 5 
# 
_cell.angle_alpha                  90.00 
_cell.angle_alpha_esd              ? 
_cell.angle_beta                   102.87 
_cell.angle_beta_esd               ? 
_cell.angle_gamma                  90.00 
_cell.angle_gamma_esd              ? 
_cell.entry_id                     5OGB 
_cell.details                      ? 
_cell.formula_units_Z              ? 
_cell.length_a                     33.050 
_cell.length_a_esd                 ? 
_cell.length_b                     45.580 
_cell.length_b_esd                 ? 
_cell.length_c                     36.670 
_cell.length_c_esd                 ? 
_cell.volume                       ? 
_cell.volume_esd                   ? 
_cell.Z_PDB                        2 
_cell.reciprocal_angle_alpha       ? 
_cell.reciprocal_angle_beta        ? 
_cell.reciprocal_angle_gamma       ? 
_cell.reciprocal_angle_alpha_esd   ? 
_cell.reciprocal_angle_beta_esd    ? 
_cell.reciprocal_angle_gamma_esd   ? 
_cell.reciprocal_length_a          ? 
_cell.reciprocal_length_b          ? 
_cell.reciprocal_length_c          ? 
_cell.reciprocal_length_a_esd      ? 
_cell.reciprocal_length_b_esd      ? 
_cell.reciprocal_length_c_esd      ? 
_cell.pdbx_unique_axis             ? 
# 
_symmetry.entry_id                         5OGB 
_symmetry.cell_setting                     ? 
_symmetry.Int_Tables_number                4 
_symmetry.space_group_name_Hall            ? 
_symmetry.space_group_name_H-M             'P 1 21 1' 
_symmetry.pdbx_full_space_group_name_H-M   ? 
# 
_exptl.absorpt_coefficient_mu     ? 
_exptl.absorpt_correction_T_max   ? 
_exptl.absorpt_correction_T_min   ? 
_exptl.absorpt_correction_type    ? 
_exptl.absorpt_process_details    ? 
_exptl.entry_id                   5OGB 
_exptl.crystals_number            1 
_exptl.details                    ? 
_exptl.method                     'X-RAY DIFFRACTION' 
_exptl.method_details             ? 
# 
_exptl_crystal.colour                      ? 
_exptl_crystal.density_diffrn              ? 
_exptl_crystal.density_Matthews            1.71 
_exptl_crystal.density_method              ? 
_exptl_crystal.density_percent_sol         28.22 
_exptl_crystal.description                 ? 
_exptl_crystal.F_000                       ? 
_exptl_crystal.id                          1 
_exptl_crystal.preparation                 ? 
_exptl_crystal.size_max                    ? 
_exptl_crystal.size_mid                    ? 
_exptl_crystal.size_min                    ? 
_exptl_crystal.size_rad                    ? 
_exptl_crystal.colour_lustre               ? 
_exptl_crystal.colour_modifier             ? 
_exptl_crystal.colour_primary              ? 
_exptl_crystal.density_meas                ? 
_exptl_crystal.density_meas_esd            ? 
_exptl_crystal.density_meas_gt             ? 
_exptl_crystal.density_meas_lt             ? 
_exptl_crystal.density_meas_temp           ? 
_exptl_crystal.density_meas_temp_esd       ? 
_exptl_crystal.density_meas_temp_gt        ? 
_exptl_crystal.density_meas_temp_lt        ? 
_exptl_crystal.pdbx_crystal_image_url      ? 
_exptl_crystal.pdbx_crystal_image_format   ? 
_exptl_crystal.pdbx_mosaicity              ? 
_exptl_crystal.pdbx_mosaicity_esd          ? 
# 
_exptl_crystal_grow.apparatus       ? 
_exptl_crystal_grow.atmosphere      ? 
_exptl_crystal_grow.crystal_id      1 
_exptl_crystal_grow.details         ? 
_exptl_crystal_grow.method          'VAPOR DIFFUSION, HANGING DROP' 
_exptl_crystal_grow.method_ref      ? 
_exptl_crystal_grow.pH              ? 
_exptl_crystal_grow.pressure        ? 
_exptl_crystal_grow.pressure_esd    ? 
_exptl_crystal_grow.seeding         ? 
_exptl_crystal_grow.seeding_ref     ? 
_exptl_crystal_grow.temp            293 
_exptl_crystal_grow.temp_details    ? 
_exptl_crystal_grow.temp_esd        ? 
_exptl_crystal_grow.time            ? 
_exptl_crystal_grow.pdbx_details    'PEG 4000, Na Acetate' 
_exptl_crystal_grow.pdbx_pH_range   ? 
# 
_diffrn.ambient_environment    ? 
_diffrn.ambient_temp           100 
_diffrn.ambient_temp_details   ? 
_diffrn.ambient_temp_esd       ? 
_diffrn.crystal_id             1 
_diffrn.crystal_support        ? 
_diffrn.crystal_treatment      ? 
_diffrn.details                ? 
_diffrn.id                     1 
_diffrn.ambient_pressure       ? 
_diffrn.ambient_pressure_esd   ? 
_diffrn.ambient_pressure_gt    ? 
_diffrn.ambient_pressure_lt    ? 
_diffrn.ambient_temp_gt        ? 
_diffrn.ambient_temp_lt        ? 
# 
_diffrn_detector.details                      ? 
_diffrn_detector.detector                     PIXEL 
_diffrn_detector.diffrn_id                    1 
_diffrn_detector.type                         'DECTRIS PILATUS 6M-F' 
_diffrn_detector.area_resol_mean              ? 
_diffrn_detector.dtime                        ? 
_diffrn_detector.pdbx_frames_total            ? 
_diffrn_detector.pdbx_collection_time_total   ? 
_diffrn_detector.pdbx_collection_date         2016-01-01 
# 
_diffrn_radiation.collimation                      ? 
_diffrn_radiation.diffrn_id                        1 
_diffrn_radiation.filter_edge                      ? 
_diffrn_radiation.inhomogeneity                    ? 
_diffrn_radiation.monochromator                    ? 
_diffrn_radiation.polarisn_norm                    ? 
_diffrn_radiation.polarisn_ratio                   ? 
_diffrn_radiation.probe                            ? 
_diffrn_radiation.type                             ? 
_diffrn_radiation.xray_symbol                      ? 
_diffrn_radiation.wavelength_id                    1 
_diffrn_radiation.pdbx_monochromatic_or_laue_m_l   M 
_diffrn_radiation.pdbx_wavelength_list             ? 
_diffrn_radiation.pdbx_wavelength                  ? 
_diffrn_radiation.pdbx_diffrn_protocol             'SINGLE WAVELENGTH' 
_diffrn_radiation.pdbx_analyzer                    ? 
_diffrn_radiation.pdbx_scattering_type             x-ray 
# 
_diffrn_radiation_wavelength.id           1 
_diffrn_radiation_wavelength.wavelength   1.0388 
_diffrn_radiation_wavelength.wt           1.0 
# 
_diffrn_source.current                     ? 
_diffrn_source.details                     ? 
_diffrn_source.diffrn_id                   1 
_diffrn_source.power                       ? 
_diffrn_source.size                        ? 
_diffrn_source.source                      SYNCHROTRON 
_diffrn_source.target                      ? 
_diffrn_source.type                        'DIAMOND BEAMLINE I02' 
_diffrn_source.voltage                     ? 
_diffrn_source.take-off_angle              ? 
_diffrn_source.pdbx_wavelength_list        1.0388 
_diffrn_source.pdbx_wavelength             ? 
_diffrn_source.pdbx_synchrotron_beamline   I02 
_diffrn_source.pdbx_synchrotron_site       Diamond 
# 
_reflns.B_iso_Wilson_estimate            ? 
_reflns.entry_id                         5OGB 
_reflns.data_reduction_details           ? 
_reflns.data_reduction_method            ? 
_reflns.d_resolution_high                1.8 
_reflns.d_resolution_low                 35.77 
_reflns.details                          ? 
_reflns.limit_h_max                      ? 
_reflns.limit_h_min                      ? 
_reflns.limit_k_max                      ? 
_reflns.limit_k_min                      ? 
_reflns.limit_l_max                      ? 
_reflns.limit_l_min                      ? 
_reflns.number_all                       ? 
_reflns.number_obs                       9030 
_reflns.observed_criterion               ? 
_reflns.observed_criterion_F_max         ? 
_reflns.observed_criterion_F_min         ? 
_reflns.observed_criterion_I_max         ? 
_reflns.observed_criterion_I_min         ? 
_reflns.observed_criterion_sigma_F       ? 
_reflns.observed_criterion_sigma_I       ? 
_reflns.percent_possible_obs             91.1 
_reflns.R_free_details                   ? 
_reflns.Rmerge_F_all                     ? 
_reflns.Rmerge_F_obs                     ? 
_reflns.Friedel_coverage                 ? 
_reflns.number_gt                        ? 
_reflns.threshold_expression             ? 
_reflns.pdbx_redundancy                  2.6 
_reflns.pdbx_Rmerge_I_obs                ? 
_reflns.pdbx_Rmerge_I_all                ? 
_reflns.pdbx_Rsym_value                  ? 
_reflns.pdbx_netI_over_av_sigmaI         ? 
_reflns.pdbx_netI_over_sigmaI            6.2 
_reflns.pdbx_res_netI_over_av_sigmaI_2   ? 
_reflns.pdbx_res_netI_over_sigmaI_2      ? 
_reflns.pdbx_chi_squared                 ? 
_reflns.pdbx_scaling_rejects             ? 
_reflns.pdbx_d_res_high_opt              ? 
_reflns.pdbx_d_res_low_opt               ? 
_reflns.pdbx_d_res_opt_method            ? 
_reflns.phase_calculation_details        ? 
_reflns.pdbx_Rrim_I_all                  ? 
_reflns.pdbx_Rpim_I_all                  ? 
_reflns.pdbx_d_opt                       ? 
_reflns.pdbx_number_measured_all         ? 
_reflns.pdbx_diffrn_id                   1 
_reflns.pdbx_ordinal                     1 
_reflns.pdbx_CC_half                     ? 
_reflns.pdbx_R_split                     ? 
# 
_refine.aniso_B[1][1]                            3.98 
_refine.aniso_B[1][2]                            -0.00 
_refine.aniso_B[1][3]                            0.13 
_refine.aniso_B[2][2]                            -1.57 
_refine.aniso_B[2][3]                            -0.00 
_refine.aniso_B[3][3]                            -2.23 
_refine.B_iso_max                                ? 
_refine.B_iso_mean                               22.969 
_refine.B_iso_min                                ? 
_refine.correlation_coeff_Fo_to_Fc               0.965 
_refine.correlation_coeff_Fo_to_Fc_free          0.935 
_refine.details                                  'HYDROGENS HAVE BEEN ADDED IN THE RIDING POSITIONS' 
_refine.diff_density_max                         ? 
_refine.diff_density_max_esd                     ? 
_refine.diff_density_min                         ? 
_refine.diff_density_min_esd                     ? 
_refine.diff_density_rms                         ? 
_refine.diff_density_rms_esd                     ? 
_refine.entry_id                                 5OGB 
_refine.pdbx_refine_id                           'X-RAY DIFFRACTION' 
_refine.ls_abs_structure_details                 ? 
_refine.ls_abs_structure_Flack                   ? 
_refine.ls_abs_structure_Flack_esd               ? 
_refine.ls_abs_structure_Rogers                  ? 
_refine.ls_abs_structure_Rogers_esd              ? 
_refine.ls_d_res_high                            1.80 
_refine.ls_d_res_low                             35.77 
_refine.ls_extinction_coef                       ? 
_refine.ls_extinction_coef_esd                   ? 
_refine.ls_extinction_expression                 ? 
_refine.ls_extinction_method                     ? 
_refine.ls_goodness_of_fit_all                   ? 
_refine.ls_goodness_of_fit_all_esd               ? 
_refine.ls_goodness_of_fit_obs                   ? 
_refine.ls_goodness_of_fit_obs_esd               ? 
_refine.ls_hydrogen_treatment                    ? 
_refine.ls_matrix_type                           ? 
_refine.ls_number_constraints                    ? 
_refine.ls_number_parameters                     ? 
_refine.ls_number_reflns_all                     ? 
_refine.ls_number_reflns_obs                     8554 
_refine.ls_number_reflns_R_free                  468 
_refine.ls_number_reflns_R_work                  ? 
_refine.ls_number_restraints                     ? 
_refine.ls_percent_reflns_obs                    90.56 
_refine.ls_percent_reflns_R_free                 5.2 
_refine.ls_R_factor_all                          ? 
_refine.ls_R_factor_obs                          0.17675 
_refine.ls_R_factor_R_free                       0.23582 
_refine.ls_R_factor_R_free_error                 ? 
_refine.ls_R_factor_R_free_error_details         ? 
_refine.ls_R_factor_R_work                       0.17341 
_refine.ls_R_Fsqd_factor_obs                     ? 
_refine.ls_R_I_factor_obs                        ? 
_refine.ls_redundancy_reflns_all                 ? 
_refine.ls_redundancy_reflns_obs                 ? 
_refine.ls_restrained_S_all                      ? 
_refine.ls_restrained_S_obs                      ? 
_refine.ls_shift_over_esd_max                    ? 
_refine.ls_shift_over_esd_mean                   ? 
_refine.ls_structure_factor_coef                 ? 
_refine.ls_weighting_details                     ? 
_refine.ls_weighting_scheme                      ? 
_refine.ls_wR_factor_all                         ? 
_refine.ls_wR_factor_obs                         ? 
_refine.ls_wR_factor_R_free                      ? 
_refine.ls_wR_factor_R_work                      ? 
_refine.occupancy_max                            ? 
_refine.occupancy_min                            ? 
_refine.solvent_model_details                    ? 
_refine.solvent_model_param_bsol                 ? 
_refine.solvent_model_param_ksol                 ? 
_refine.ls_R_factor_gt                           ? 
_refine.ls_goodness_of_fit_gt                    ? 
_refine.ls_goodness_of_fit_ref                   ? 
_refine.ls_shift_over_su_max                     ? 
_refine.ls_shift_over_su_max_lt                  ? 
_refine.ls_shift_over_su_mean                    ? 
_refine.ls_shift_over_su_mean_lt                 ? 
_refine.pdbx_ls_sigma_I                          ? 
_refine.pdbx_ls_sigma_F                          ? 
_refine.pdbx_ls_sigma_Fsqd                       ? 
_refine.pdbx_data_cutoff_high_absF               ? 
_refine.pdbx_data_cutoff_high_rms_absF           ? 
_refine.pdbx_data_cutoff_low_absF                ? 
_refine.pdbx_isotropic_thermal_model             ? 
_refine.pdbx_ls_cross_valid_method               THROUGHOUT 
_refine.pdbx_method_to_determine_struct          'MOLECULAR REPLACEMENT' 
_refine.pdbx_starting_model                      2FR3 
_refine.pdbx_stereochemistry_target_values       ? 
_refine.pdbx_R_Free_selection_details            RANDOM 
_refine.pdbx_stereochem_target_val_spec_case     ? 
_refine.pdbx_overall_ESU_R                       0.181 
_refine.pdbx_overall_ESU_R_Free                  0.165 
_refine.pdbx_solvent_vdw_probe_radii             1.20 
_refine.pdbx_solvent_ion_probe_radii             0.80 
_refine.pdbx_solvent_shrinkage_radii             0.80 
_refine.pdbx_real_space_R                        ? 
_refine.pdbx_density_correlation                 ? 
_refine.pdbx_pd_number_of_powder_patterns        ? 
_refine.pdbx_pd_number_of_points                 ? 
_refine.pdbx_pd_meas_number_of_points            ? 
_refine.pdbx_pd_proc_ls_prof_R_factor            ? 
_refine.pdbx_pd_proc_ls_prof_wR_factor           ? 
_refine.pdbx_pd_Marquardt_correlation_coeff      ? 
_refine.pdbx_pd_Fsqrd_R_factor                   ? 
_refine.pdbx_pd_ls_matrix_band_width             ? 
_refine.pdbx_overall_phase_error                 ? 
_refine.pdbx_overall_SU_R_free_Cruickshank_DPI   ? 
_refine.pdbx_overall_SU_R_free_Blow_DPI          ? 
_refine.pdbx_overall_SU_R_Blow_DPI               ? 
_refine.pdbx_TLS_residual_ADP_flag               ? 
_refine.pdbx_diffrn_id                           1 
_refine.overall_SU_B                             5.635 
_refine.overall_SU_ML                            0.158 
_refine.overall_SU_R_Cruickshank_DPI             ? 
_refine.overall_SU_R_free                        ? 
_refine.overall_FOM_free_R_set                   ? 
_refine.overall_FOM_work_R_set                   ? 
_refine.pdbx_average_fsc_overall                 ? 
_refine.pdbx_average_fsc_work                    ? 
_refine.pdbx_average_fsc_free                    ? 
# 
_refine_hist.pdbx_refine_id                   'X-RAY DIFFRACTION' 
_refine_hist.cycle_id                         1 
_refine_hist.pdbx_number_atoms_protein        1078 
_refine_hist.pdbx_number_atoms_nucleic_acid   0 
_refine_hist.pdbx_number_atoms_ligand         26 
_refine_hist.number_atoms_solvent             62 
_refine_hist.number_atoms_total               1166 
_refine_hist.d_res_high                       1.80 
_refine_hist.d_res_low                        35.77 
# 
loop_
_refine_ls_restr.pdbx_refine_id 
_refine_ls_restr.criterion 
_refine_ls_restr.dev_ideal 
_refine_ls_restr.dev_ideal_target 
_refine_ls_restr.number 
_refine_ls_restr.rejects 
_refine_ls_restr.type 
_refine_ls_restr.weight 
_refine_ls_restr.pdbx_restraint_function 
'X-RAY DIFFRACTION' ? 0.014  0.019  1128 ? r_bond_refined_d             ? ? 
'X-RAY DIFFRACTION' ? 0.002  0.020  1079 ? r_bond_other_d               ? ? 
'X-RAY DIFFRACTION' ? 1.681  1.956  1525 ? r_angle_refined_deg          ? ? 
'X-RAY DIFFRACTION' ? 0.962  2.973  2504 ? r_angle_other_deg            ? ? 
'X-RAY DIFFRACTION' ? 6.393  5.000  135  ? r_dihedral_angle_1_deg       ? ? 
'X-RAY DIFFRACTION' ? 36.927 25.102 49   ? r_dihedral_angle_2_deg       ? ? 
'X-RAY DIFFRACTION' ? 15.025 15.000 215  ? r_dihedral_angle_3_deg       ? ? 
'X-RAY DIFFRACTION' ? 17.446 15.000 7    ? r_dihedral_angle_4_deg       ? ? 
'X-RAY DIFFRACTION' ? 0.097  0.200  173  ? r_chiral_restr               ? ? 
'X-RAY DIFFRACTION' ? 0.007  0.020  1220 ? r_gen_planes_refined         ? ? 
'X-RAY DIFFRACTION' ? 0.001  0.020  219  ? r_gen_planes_other           ? ? 
'X-RAY DIFFRACTION' ? ?      ?      ?    ? r_nbd_refined                ? ? 
'X-RAY DIFFRACTION' ? ?      ?      ?    ? r_nbd_other                  ? ? 
'X-RAY DIFFRACTION' ? ?      ?      ?    ? r_nbtor_refined              ? ? 
'X-RAY DIFFRACTION' ? ?      ?      ?    ? r_nbtor_other                ? ? 
'X-RAY DIFFRACTION' ? ?      ?      ?    ? r_xyhbond_nbd_refined        ? ? 
'X-RAY DIFFRACTION' ? ?      ?      ?    ? r_xyhbond_nbd_other          ? ? 
'X-RAY DIFFRACTION' ? ?      ?      ?    ? r_metal_ion_refined          ? ? 
'X-RAY DIFFRACTION' ? ?      ?      ?    ? r_metal_ion_other            ? ? 
'X-RAY DIFFRACTION' ? ?      ?      ?    ? r_symmetry_vdw_refined       ? ? 
'X-RAY DIFFRACTION' ? ?      ?      ?    ? r_symmetry_vdw_other         ? ? 
'X-RAY DIFFRACTION' ? ?      ?      ?    ? r_symmetry_hbond_refined     ? ? 
'X-RAY DIFFRACTION' ? ?      ?      ?    ? r_symmetry_hbond_other       ? ? 
'X-RAY DIFFRACTION' ? ?      ?      ?    ? r_symmetry_metal_ion_refined ? ? 
'X-RAY DIFFRACTION' ? ?      ?      ?    ? r_symmetry_metal_ion_other   ? ? 
'X-RAY DIFFRACTION' ? 1.751  2.087  540  ? r_mcbond_it                  ? ? 
'X-RAY DIFFRACTION' ? 1.745  2.085  539  ? r_mcbond_other               ? ? 
'X-RAY DIFFRACTION' ? 2.790  3.109  672  ? r_mcangle_it                 ? ? 
'X-RAY DIFFRACTION' ? 2.792  3.111  673  ? r_mcangle_other              ? ? 
'X-RAY DIFFRACTION' ? 2.357  2.408  588  ? r_scbond_it                  ? ? 
'X-RAY DIFFRACTION' ? 2.359  2.410  587  ? r_scbond_other               ? ? 
'X-RAY DIFFRACTION' ? ?      ?      ?    ? r_scangle_it                 ? ? 
'X-RAY DIFFRACTION' ? 3.846  3.477  853  ? r_scangle_other              ? ? 
'X-RAY DIFFRACTION' ? 7.569  23.982 1176 ? r_long_range_B_refined       ? ? 
'X-RAY DIFFRACTION' ? 7.541  23.796 1168 ? r_long_range_B_other         ? ? 
'X-RAY DIFFRACTION' ? ?      ?      ?    ? r_rigid_bond_restr           ? ? 
'X-RAY DIFFRACTION' ? ?      ?      ?    ? r_sphericity_free            ? ? 
'X-RAY DIFFRACTION' ? ?      ?      ?    ? r_sphericity_bonded          ? ? 
# 
_refine_ls_shell.pdbx_refine_id                   'X-RAY DIFFRACTION' 
_refine_ls_shell.d_res_high                       1.800 
_refine_ls_shell.d_res_low                        1.847 
_refine_ls_shell.number_reflns_all                ? 
_refine_ls_shell.number_reflns_obs                ? 
_refine_ls_shell.number_reflns_R_free             31 
_refine_ls_shell.number_reflns_R_work             462 
_refine_ls_shell.percent_reflns_obs               67.81 
_refine_ls_shell.percent_reflns_R_free            ? 
_refine_ls_shell.R_factor_all                     ? 
_refine_ls_shell.R_factor_obs                     ? 
_refine_ls_shell.R_factor_R_free                  0.288 
_refine_ls_shell.R_factor_R_free_error            ? 
_refine_ls_shell.R_factor_R_work                  0.277 
_refine_ls_shell.redundancy_reflns_all            ? 
_refine_ls_shell.redundancy_reflns_obs            ? 
_refine_ls_shell.wR_factor_all                    ? 
_refine_ls_shell.wR_factor_obs                    ? 
_refine_ls_shell.wR_factor_R_free                 ? 
_refine_ls_shell.wR_factor_R_work                 ? 
_refine_ls_shell.pdbx_total_number_of_bins_used   20 
_refine_ls_shell.pdbx_phase_error                 ? 
_refine_ls_shell.pdbx_fsc_work                    ? 
_refine_ls_shell.pdbx_fsc_free                    ? 
# 
_struct.entry_id                     5OGB 
_struct.title                        
'Human Cellular Retinoic Acid Binding Protein II (CRABPII) with bound synthetic retinoid DC360.' 
_struct.pdbx_model_details           ? 
_struct.pdbx_formula_weight          ? 
_struct.pdbx_formula_weight_method   ? 
_struct.pdbx_model_type_details      ? 
_struct.pdbx_CASP_flag               N 
# 
_struct_keywords.entry_id        5OGB 
_struct_keywords.text            'Retinoid, Fluorescent, DC360, CRABPII, SIGNALING PROTEIN' 
_struct_keywords.pdbx_keywords   'SIGNALING PROTEIN' 
# 
loop_
_struct_asym.id 
_struct_asym.pdbx_blank_PDB_chainid_flag 
_struct_asym.pdbx_modified 
_struct_asym.entity_id 
_struct_asym.details 
A N N 1 ? 
B N N 2 ? 
C N N 3 ? 
# 
_struct_ref.id                         1 
_struct_ref.db_name                    UNP 
_struct_ref.db_code                    RABP2_HUMAN 
_struct_ref.pdbx_db_accession          P29373 
_struct_ref.pdbx_db_isoform            ? 
_struct_ref.entity_id                  1 
_struct_ref.pdbx_seq_one_letter_code   
;MPNFSGNWKIIRSENFEELLKVLGVNVMLRKIAVAAASKPAVEIKQEGDTFYIKTSTTVRTTEINFKVGEEFEEQTVDGR
PCKSLVKWESENKMVCEQKLLKGEGPKTSWTRELTNDGELILTMTADDVVCTRVYVRE
;
_struct_ref.pdbx_align_begin           1 
# 
_struct_ref_seq.align_id                      1 
_struct_ref_seq.ref_id                        1 
_struct_ref_seq.pdbx_PDB_id_code              5OGB 
_struct_ref_seq.pdbx_strand_id                A 
_struct_ref_seq.seq_align_beg                 1 
_struct_ref_seq.pdbx_seq_align_beg_ins_code   ? 
_struct_ref_seq.seq_align_end                 138 
_struct_ref_seq.pdbx_seq_align_end_ins_code   ? 
_struct_ref_seq.pdbx_db_accession             P29373 
_struct_ref_seq.db_align_beg                  1 
_struct_ref_seq.pdbx_db_align_beg_ins_code    ? 
_struct_ref_seq.db_align_end                  138 
_struct_ref_seq.pdbx_db_align_end_ins_code    ? 
_struct_ref_seq.pdbx_auth_seq_align_beg       1 
_struct_ref_seq.pdbx_auth_seq_align_end       138 
# 
_pdbx_struct_assembly.id                   1 
_pdbx_struct_assembly.details              author_and_software_defined_assembly 
_pdbx_struct_assembly.method_details       PISA 
_pdbx_struct_assembly.oligomeric_details   monomeric 
_pdbx_struct_assembly.oligomeric_count     1 
# 
loop_
_pdbx_struct_assembly_prop.biol_id 
_pdbx_struct_assembly_prop.type 
_pdbx_struct_assembly_prop.value 
_pdbx_struct_assembly_prop.details 
1 'ABSA (A^2)' 0    ? 
1 MORE         0    ? 
1 'SSA (A^2)'  7440 ? 
# 
_pdbx_struct_assembly_gen.assembly_id       1 
_pdbx_struct_assembly_gen.oper_expression   1 
_pdbx_struct_assembly_gen.asym_id_list      A,B,C 
# 
_pdbx_struct_assembly_auth_evidence.id                     1 
_pdbx_struct_assembly_auth_evidence.assembly_id            1 
_pdbx_struct_assembly_auth_evidence.experimental_support   none 
_pdbx_struct_assembly_auth_evidence.details                ? 
# 
_pdbx_struct_oper_list.id                   1 
_pdbx_struct_oper_list.type                 'identity operation' 
_pdbx_struct_oper_list.name                 1_555 
_pdbx_struct_oper_list.symmetry_operation   x,y,z 
_pdbx_struct_oper_list.matrix[1][1]         1.0000000000 
_pdbx_struct_oper_list.matrix[1][2]         0.0000000000 
_pdbx_struct_oper_list.matrix[1][3]         0.0000000000 
_pdbx_struct_oper_list.vector[1]            0.0000000000 
_pdbx_struct_oper_list.matrix[2][1]         0.0000000000 
_pdbx_struct_oper_list.matrix[2][2]         1.0000000000 
_pdbx_struct_oper_list.matrix[2][3]         0.0000000000 
_pdbx_struct_oper_list.vector[2]            0.0000000000 
_pdbx_struct_oper_list.matrix[3][1]         0.0000000000 
_pdbx_struct_oper_list.matrix[3][2]         0.0000000000 
_pdbx_struct_oper_list.matrix[3][3]         1.0000000000 
_pdbx_struct_oper_list.vector[3]            0.0000000000 
# 
loop_
_struct_conf.conf_type_id 
_struct_conf.id 
_struct_conf.pdbx_PDB_helix_id 
_struct_conf.beg_label_comp_id 
_struct_conf.beg_label_asym_id 
_struct_conf.beg_label_seq_id 
_struct_conf.pdbx_beg_PDB_ins_code 
_struct_conf.end_label_comp_id 
_struct_conf.end_label_asym_id 
_struct_conf.end_label_seq_id 
_struct_conf.pdbx_end_PDB_ins_code 
_struct_conf.beg_auth_comp_id 
_struct_conf.beg_auth_asym_id 
_struct_conf.beg_auth_seq_id 
_struct_conf.end_auth_comp_id 
_struct_conf.end_auth_asym_id 
_struct_conf.end_auth_seq_id 
_struct_conf.pdbx_PDB_helix_class 
_struct_conf.details 
_struct_conf.pdbx_PDB_helix_length 
HELX_P HELX_P1 AA1 ASN A 15 ? LEU A 23 ? ASN A 15 LEU A 23 1 ? 9  
HELX_P HELX_P2 AA2 ASN A 26 ? SER A 38 ? ASN A 26 SER A 38 1 ? 13 
# 
_struct_conf_type.id          HELX_P 
_struct_conf_type.criteria    ? 
_struct_conf_type.reference   ? 
# 
_struct_sheet.id               AA1 
_struct_sheet.type             ? 
_struct_sheet.number_strands   10 
_struct_sheet.details          ? 
# 
loop_
_struct_sheet_order.sheet_id 
_struct_sheet_order.range_id_1 
_struct_sheet_order.range_id_2 
_struct_sheet_order.offset 
_struct_sheet_order.sense 
AA1 1 2  ? anti-parallel 
AA1 2 3  ? anti-parallel 
AA1 3 4  ? anti-parallel 
AA1 4 5  ? anti-parallel 
AA1 5 6  ? anti-parallel 
AA1 6 7  ? anti-parallel 
AA1 7 8  ? anti-parallel 
AA1 8 9  ? anti-parallel 
AA1 9 10 ? anti-parallel 
# 
loop_
_struct_sheet_range.sheet_id 
_struct_sheet_range.id 
_struct_sheet_range.beg_label_comp_id 
_struct_sheet_range.beg_label_asym_id 
_struct_sheet_range.beg_label_seq_id 
_struct_sheet_range.pdbx_beg_PDB_ins_code 
_struct_sheet_range.end_label_comp_id 
_struct_sheet_range.end_label_asym_id 
_struct_sheet_range.end_label_seq_id 
_struct_sheet_range.pdbx_end_PDB_ins_code 
_struct_sheet_range.beg_auth_comp_id 
_struct_sheet_range.beg_auth_asym_id 
_struct_sheet_range.beg_auth_seq_id 
_struct_sheet_range.end_auth_comp_id 
_struct_sheet_range.end_auth_asym_id 
_struct_sheet_range.end_auth_seq_id 
AA1 1  ARG A 60  ? LYS A 67  ? ARG A 60  LYS A 67  
AA1 2  THR A 50  ? THR A 57  ? THR A 50  THR A 57  
AA1 3  ALA A 41  ? GLU A 47  ? ALA A 41  GLU A 47  
AA1 4  GLY A 6   ? GLU A 14  ? GLY A 6   GLU A 14  
AA1 5  VAL A 129 ? ARG A 137 ? VAL A 129 ARG A 137 
AA1 6  LEU A 120 ? ALA A 126 ? LEU A 120 ALA A 126 
AA1 7  THR A 108 ? LEU A 114 ? THR A 108 LEU A 114 
AA1 8  LYS A 93  ? LEU A 100 ? LYS A 93  LEU A 100 
AA1 9  PRO A 81  ? TRP A 88  ? PRO A 81  TRP A 88  
AA1 10 PHE A 72  ? GLN A 75  ? PHE A 72  GLN A 75  
# 
loop_
_pdbx_struct_sheet_hbond.sheet_id 
_pdbx_struct_sheet_hbond.range_id_1 
_pdbx_struct_sheet_hbond.range_id_2 
_pdbx_struct_sheet_hbond.range_1_label_atom_id 
_pdbx_struct_sheet_hbond.range_1_label_comp_id 
_pdbx_struct_sheet_hbond.range_1_label_asym_id 
_pdbx_struct_sheet_hbond.range_1_label_seq_id 
_pdbx_struct_sheet_hbond.range_1_PDB_ins_code 
_pdbx_struct_sheet_hbond.range_1_auth_atom_id 
_pdbx_struct_sheet_hbond.range_1_auth_comp_id 
_pdbx_struct_sheet_hbond.range_1_auth_asym_id 
_pdbx_struct_sheet_hbond.range_1_auth_seq_id 
_pdbx_struct_sheet_hbond.range_2_label_atom_id 
_pdbx_struct_sheet_hbond.range_2_label_comp_id 
_pdbx_struct_sheet_hbond.range_2_label_asym_id 
_pdbx_struct_sheet_hbond.range_2_label_seq_id 
_pdbx_struct_sheet_hbond.range_2_PDB_ins_code 
_pdbx_struct_sheet_hbond.range_2_auth_atom_id 
_pdbx_struct_sheet_hbond.range_2_auth_comp_id 
_pdbx_struct_sheet_hbond.range_2_auth_asym_id 
_pdbx_struct_sheet_hbond.range_2_auth_seq_id 
AA1 1 2  O PHE A 66  ? O PHE A 66  N PHE A 51  ? N PHE A 51  
AA1 2 3  O SER A 56  ? O SER A 56  N ALA A 41  ? N ALA A 41  
AA1 3 4  O ILE A 44  ? O ILE A 44  N GLY A 6   ? N GLY A 6   
AA1 4 5  N ILE A 11  ? N ILE A 11  O VAL A 134 ? O VAL A 134 
AA1 5 6  O CYS A 131 ? O CYS A 131 N MET A 124 ? N MET A 124 
AA1 6 7  O ILE A 121 ? O ILE A 121 N GLU A 113 ? N GLU A 113 
AA1 7 8  O TRP A 110 ? O TRP A 110 N CYS A 96  ? N CYS A 96  
AA1 8 9  O LYS A 99  ? O LYS A 99  N LYS A 83  ? N LYS A 83  
AA1 9 10 O SER A 84  ? O SER A 84  N PHE A 72  ? N PHE A 72  
# 
_struct_site.id                   AC1 
_struct_site.pdbx_evidence_code   Software 
_struct_site.pdbx_auth_asym_id    A 
_struct_site.pdbx_auth_comp_id    9U5 
_struct_site.pdbx_auth_seq_id     201 
_struct_site.pdbx_auth_ins_code   ? 
_struct_site.pdbx_num_residues    14 
_struct_site.details              'binding site for residue 9U5 A 201' 
# 
loop_
_struct_site_gen.id 
_struct_site_gen.site_id 
_struct_site_gen.pdbx_num_res 
_struct_site_gen.label_comp_id 
_struct_site_gen.label_asym_id 
_struct_site_gen.label_seq_id 
_struct_site_gen.pdbx_auth_ins_code 
_struct_site_gen.auth_comp_id 
_struct_site_gen.auth_asym_id 
_struct_site_gen.auth_seq_id 
_struct_site_gen.label_atom_id 
_struct_site_gen.label_alt_id 
_struct_site_gen.symmetry 
_struct_site_gen.details 
1  AC1 14 PHE A 16  ? PHE A 16  . ? 1_555 ? 
2  AC1 14 LEU A 29  ? LEU A 29  . ? 1_555 ? 
3  AC1 14 ALA A 33  ? ALA A 33  . ? 1_555 ? 
4  AC1 14 ALA A 37  ? ALA A 37  . ? 1_555 ? 
5  AC1 14 PRO A 40  ? PRO A 40  . ? 1_555 ? 
6  AC1 14 THR A 55  ? THR A 55  . ? 1_555 ? 
7  AC1 14 ARG A 60  ? ARG A 60  . ? 1_555 ? 
8  AC1 14 VAL A 77  ? VAL A 77  . ? 1_555 ? 
9  AC1 14 ASP A 78  ? ASP A 78  . ? 1_555 ? 
10 AC1 14 LEU A 122 ? LEU A 122 . ? 1_555 ? 
11 AC1 14 ARG A 133 ? ARG A 133 . ? 1_555 ? 
12 AC1 14 TYR A 135 ? TYR A 135 . ? 1_555 ? 
13 AC1 14 HOH C .   ? HOH A 307 . ? 1_555 ? 
14 AC1 14 HOH C .   ? HOH A 319 . ? 1_555 ? 
# 
loop_
_pdbx_validate_close_contact.id 
_pdbx_validate_close_contact.PDB_model_num 
_pdbx_validate_close_contact.auth_atom_id_1 
_pdbx_validate_close_contact.auth_asym_id_1 
_pdbx_validate_close_contact.auth_comp_id_1 
_pdbx_validate_close_contact.auth_seq_id_1 
_pdbx_validate_close_contact.PDB_ins_code_1 
_pdbx_validate_close_contact.label_alt_id_1 
_pdbx_validate_close_contact.auth_atom_id_2 
_pdbx_validate_close_contact.auth_asym_id_2 
_pdbx_validate_close_contact.auth_comp_id_2 
_pdbx_validate_close_contact.auth_seq_id_2 
_pdbx_validate_close_contact.PDB_ins_code_2 
_pdbx_validate_close_contact.label_alt_id_2 
_pdbx_validate_close_contact.dist 
1 1 O A HOH 327 ? ? O A HOH 358 ? ? 1.98 
2 1 O A HOH 327 ? ? O A HOH 334 ? ? 2.10 
# 
loop_
_pdbx_validate_rmsd_angle.id 
_pdbx_validate_rmsd_angle.PDB_model_num 
_pdbx_validate_rmsd_angle.auth_atom_id_1 
_pdbx_validate_rmsd_angle.auth_asym_id_1 
_pdbx_validate_rmsd_angle.auth_comp_id_1 
_pdbx_validate_rmsd_angle.auth_seq_id_1 
_pdbx_validate_rmsd_angle.PDB_ins_code_1 
_pdbx_validate_rmsd_angle.label_alt_id_1 
_pdbx_validate_rmsd_angle.auth_atom_id_2 
_pdbx_validate_rmsd_angle.auth_asym_id_2 
_pdbx_validate_rmsd_angle.auth_comp_id_2 
_pdbx_validate_rmsd_angle.auth_seq_id_2 
_pdbx_validate_rmsd_angle.PDB_ins_code_2 
_pdbx_validate_rmsd_angle.label_alt_id_2 
_pdbx_validate_rmsd_angle.auth_atom_id_3 
_pdbx_validate_rmsd_angle.auth_asym_id_3 
_pdbx_validate_rmsd_angle.auth_comp_id_3 
_pdbx_validate_rmsd_angle.auth_seq_id_3 
_pdbx_validate_rmsd_angle.PDB_ins_code_3 
_pdbx_validate_rmsd_angle.label_alt_id_3 
_pdbx_validate_rmsd_angle.angle_value 
_pdbx_validate_rmsd_angle.angle_target_value 
_pdbx_validate_rmsd_angle.angle_deviation 
_pdbx_validate_rmsd_angle.angle_standard_deviation 
_pdbx_validate_rmsd_angle.linker_flag 
1 1 NE A ARG 137 ? ? CZ A ARG 137 ? ? NH1 A ARG 137 ? ? 123.99 120.30 3.69  0.50 N 
2 1 NE A ARG 137 ? ? CZ A ARG 137 ? ? NH2 A ARG 137 ? ? 117.18 120.30 -3.12 0.50 N 
# 
loop_
_pdbx_validate_torsion.id 
_pdbx_validate_torsion.PDB_model_num 
_pdbx_validate_torsion.auth_comp_id 
_pdbx_validate_torsion.auth_asym_id 
_pdbx_validate_torsion.auth_seq_id 
_pdbx_validate_torsion.PDB_ins_code 
_pdbx_validate_torsion.label_alt_id 
_pdbx_validate_torsion.phi 
_pdbx_validate_torsion.psi 
1 1 GLU A 74  ? ? -140.69 -159.55 
2 1 ASP A 127 ? ? 50.83   -110.43 
# 
loop_
_pdbx_unobs_or_zero_occ_residues.id 
_pdbx_unobs_or_zero_occ_residues.PDB_model_num 
_pdbx_unobs_or_zero_occ_residues.polymer_flag 
_pdbx_unobs_or_zero_occ_residues.occupancy_flag 
_pdbx_unobs_or_zero_occ_residues.auth_asym_id 
_pdbx_unobs_or_zero_occ_residues.auth_comp_id 
_pdbx_unobs_or_zero_occ_residues.auth_seq_id 
_pdbx_unobs_or_zero_occ_residues.PDB_ins_code 
_pdbx_unobs_or_zero_occ_residues.label_asym_id 
_pdbx_unobs_or_zero_occ_residues.label_comp_id 
_pdbx_unobs_or_zero_occ_residues.label_seq_id 
1 1 Y 1 A MET 1   ? A MET 1   
2 1 Y 1 A LYS 102 ? A LYS 102 
3 1 Y 1 A GLY 103 ? A GLY 103 
# 
loop_
_chem_comp_atom.comp_id 
_chem_comp_atom.atom_id 
_chem_comp_atom.type_symbol 
_chem_comp_atom.pdbx_aromatic_flag 
_chem_comp_atom.pdbx_stereo_config 
_chem_comp_atom.pdbx_ordinal 
9U5 C4   C Y N 1   
9U5 C14  C N N 2   
9U5 C5   C Y N 3   
9U5 C6   C Y N 4   
9U5 C11  C N N 5   
9U5 C7   C N N 6   
9U5 C8   C N N 7   
9U5 C9   C N N 8   
9U5 C10  C N N 9   
9U5 C12  C N N 10  
9U5 C13  C N N 11  
9U5 N1   N N N 12  
9U5 C3   C Y N 13  
9U5 C1   C Y N 14  
9U5 C2   C Y N 15  
9U5 C15  C N N 16  
9U5 C16  C N N 17  
9U5 C17  C Y N 18  
9U5 C18  C Y N 19  
9U5 C19  C Y N 20  
9U5 C20  C Y N 21  
9U5 C21  C Y N 22  
9U5 C22  C Y N 23  
9U5 C23  C N N 24  
9U5 O1   O N N 25  
9U5 O2   O N N 26  
9U5 H1   H N N 27  
9U5 H2   H N N 28  
9U5 H3   H N N 29  
9U5 H4   H N N 30  
9U5 H5   H N N 31  
9U5 H6   H N N 32  
9U5 H7   H N N 33  
9U5 H8   H N N 34  
9U5 H9   H N N 35  
9U5 H10  H N N 36  
9U5 H11  H N N 37  
9U5 H12  H N N 38  
9U5 H13  H N N 39  
9U5 H14  H N N 40  
9U5 H15  H N N 41  
9U5 H16  H N N 42  
9U5 H17  H N N 43  
9U5 H18  H N N 44  
9U5 H19  H N N 45  
9U5 H20  H N N 46  
9U5 H21  H N N 47  
9U5 H22  H N N 48  
9U5 H23  H N N 49  
ALA N    N N N 50  
ALA CA   C N S 51  
ALA C    C N N 52  
ALA O    O N N 53  
ALA CB   C N N 54  
ALA OXT  O N N 55  
ALA H    H N N 56  
ALA H2   H N N 57  
ALA HA   H N N 58  
ALA HB1  H N N 59  
ALA HB2  H N N 60  
ALA HB3  H N N 61  
ALA HXT  H N N 62  
ARG N    N N N 63  
ARG CA   C N S 64  
ARG C    C N N 65  
ARG O    O N N 66  
ARG CB   C N N 67  
ARG CG   C N N 68  
ARG CD   C N N 69  
ARG NE   N N N 70  
ARG CZ   C N N 71  
ARG NH1  N N N 72  
ARG NH2  N N N 73  
ARG OXT  O N N 74  
ARG H    H N N 75  
ARG H2   H N N 76  
ARG HA   H N N 77  
ARG HB2  H N N 78  
ARG HB3  H N N 79  
ARG HG2  H N N 80  
ARG HG3  H N N 81  
ARG HD2  H N N 82  
ARG HD3  H N N 83  
ARG HE   H N N 84  
ARG HH11 H N N 85  
ARG HH12 H N N 86  
ARG HH21 H N N 87  
ARG HH22 H N N 88  
ARG HXT  H N N 89  
ASN N    N N N 90  
ASN CA   C N S 91  
ASN C    C N N 92  
ASN O    O N N 93  
ASN CB   C N N 94  
ASN CG   C N N 95  
ASN OD1  O N N 96  
ASN ND2  N N N 97  
ASN OXT  O N N 98  
ASN H    H N N 99  
ASN H2   H N N 100 
ASN HA   H N N 101 
ASN HB2  H N N 102 
ASN HB3  H N N 103 
ASN HD21 H N N 104 
ASN HD22 H N N 105 
ASN HXT  H N N 106 
ASP N    N N N 107 
ASP CA   C N S 108 
ASP C    C N N 109 
ASP O    O N N 110 
ASP CB   C N N 111 
ASP CG   C N N 112 
ASP OD1  O N N 113 
ASP OD2  O N N 114 
ASP OXT  O N N 115 
ASP H    H N N 116 
ASP H2   H N N 117 
ASP HA   H N N 118 
ASP HB2  H N N 119 
ASP HB3  H N N 120 
ASP HD2  H N N 121 
ASP HXT  H N N 122 
CYS N    N N N 123 
CYS CA   C N R 124 
CYS C    C N N 125 
CYS O    O N N 126 
CYS CB   C N N 127 
CYS SG   S N N 128 
CYS OXT  O N N 129 
CYS H    H N N 130 
CYS H2   H N N 131 
CYS HA   H N N 132 
CYS HB2  H N N 133 
CYS HB3  H N N 134 
CYS HG   H N N 135 
CYS HXT  H N N 136 
GLN N    N N N 137 
GLN CA   C N S 138 
GLN C    C N N 139 
GLN O    O N N 140 
GLN CB   C N N 141 
GLN CG   C N N 142 
GLN CD   C N N 143 
GLN OE1  O N N 144 
GLN NE2  N N N 145 
GLN OXT  O N N 146 
GLN H    H N N 147 
GLN H2   H N N 148 
GLN HA   H N N 149 
GLN HB2  H N N 150 
GLN HB3  H N N 151 
GLN HG2  H N N 152 
GLN HG3  H N N 153 
GLN HE21 H N N 154 
GLN HE22 H N N 155 
GLN HXT  H N N 156 
GLU N    N N N 157 
GLU CA   C N S 158 
GLU C    C N N 159 
GLU O    O N N 160 
GLU CB   C N N 161 
GLU CG   C N N 162 
GLU CD   C N N 163 
GLU OE1  O N N 164 
GLU OE2  O N N 165 
GLU OXT  O N N 166 
GLU H    H N N 167 
GLU H2   H N N 168 
GLU HA   H N N 169 
GLU HB2  H N N 170 
GLU HB3  H N N 171 
GLU HG2  H N N 172 
GLU HG3  H N N 173 
GLU HE2  H N N 174 
GLU HXT  H N N 175 
GLY N    N N N 176 
GLY CA   C N N 177 
GLY C    C N N 178 
GLY O    O N N 179 
GLY OXT  O N N 180 
GLY H    H N N 181 
GLY H2   H N N 182 
GLY HA2  H N N 183 
GLY HA3  H N N 184 
GLY HXT  H N N 185 
HOH O    O N N 186 
HOH H1   H N N 187 
HOH H2   H N N 188 
ILE N    N N N 189 
ILE CA   C N S 190 
ILE C    C N N 191 
ILE O    O N N 192 
ILE CB   C N S 193 
ILE CG1  C N N 194 
ILE CG2  C N N 195 
ILE CD1  C N N 196 
ILE OXT  O N N 197 
ILE H    H N N 198 
ILE H2   H N N 199 
ILE HA   H N N 200 
ILE HB   H N N 201 
ILE HG12 H N N 202 
ILE HG13 H N N 203 
ILE HG21 H N N 204 
ILE HG22 H N N 205 
ILE HG23 H N N 206 
ILE HD11 H N N 207 
ILE HD12 H N N 208 
ILE HD13 H N N 209 
ILE HXT  H N N 210 
LEU N    N N N 211 
LEU CA   C N S 212 
LEU C    C N N 213 
LEU O    O N N 214 
LEU CB   C N N 215 
LEU CG   C N N 216 
LEU CD1  C N N 217 
LEU CD2  C N N 218 
LEU OXT  O N N 219 
LEU H    H N N 220 
LEU H2   H N N 221 
LEU HA   H N N 222 
LEU HB2  H N N 223 
LEU HB3  H N N 224 
LEU HG   H N N 225 
LEU HD11 H N N 226 
LEU HD12 H N N 227 
LEU HD13 H N N 228 
LEU HD21 H N N 229 
LEU HD22 H N N 230 
LEU HD23 H N N 231 
LEU HXT  H N N 232 
LYS N    N N N 233 
LYS CA   C N S 234 
LYS C    C N N 235 
LYS O    O N N 236 
LYS CB   C N N 237 
LYS CG   C N N 238 
LYS CD   C N N 239 
LYS CE   C N N 240 
LYS NZ   N N N 241 
LYS OXT  O N N 242 
LYS H    H N N 243 
LYS H2   H N N 244 
LYS HA   H N N 245 
LYS HB2  H N N 246 
LYS HB3  H N N 247 
LYS HG2  H N N 248 
LYS HG3  H N N 249 
LYS HD2  H N N 250 
LYS HD3  H N N 251 
LYS HE2  H N N 252 
LYS HE3  H N N 253 
LYS HZ1  H N N 254 
LYS HZ2  H N N 255 
LYS HZ3  H N N 256 
LYS HXT  H N N 257 
MET N    N N N 258 
MET CA   C N S 259 
MET C    C N N 260 
MET O    O N N 261 
MET CB   C N N 262 
MET CG   C N N 263 
MET SD   S N N 264 
MET CE   C N N 265 
MET OXT  O N N 266 
MET H    H N N 267 
MET H2   H N N 268 
MET HA   H N N 269 
MET HB2  H N N 270 
MET HB3  H N N 271 
MET HG2  H N N 272 
MET HG3  H N N 273 
MET HE1  H N N 274 
MET HE2  H N N 275 
MET HE3  H N N 276 
MET HXT  H N N 277 
PHE N    N N N 278 
PHE CA   C N S 279 
PHE C    C N N 280 
PHE O    O N N 281 
PHE CB   C N N 282 
PHE CG   C Y N 283 
PHE CD1  C Y N 284 
PHE CD2  C Y N 285 
PHE CE1  C Y N 286 
PHE CE2  C Y N 287 
PHE CZ   C Y N 288 
PHE OXT  O N N 289 
PHE H    H N N 290 
PHE H2   H N N 291 
PHE HA   H N N 292 
PHE HB2  H N N 293 
PHE HB3  H N N 294 
PHE HD1  H N N 295 
PHE HD2  H N N 296 
PHE HE1  H N N 297 
PHE HE2  H N N 298 
PHE HZ   H N N 299 
PHE HXT  H N N 300 
PRO N    N N N 301 
PRO CA   C N S 302 
PRO C    C N N 303 
PRO O    O N N 304 
PRO CB   C N N 305 
PRO CG   C N N 306 
PRO CD   C N N 307 
PRO OXT  O N N 308 
PRO H    H N N 309 
PRO HA   H N N 310 
PRO HB2  H N N 311 
PRO HB3  H N N 312 
PRO HG2  H N N 313 
PRO HG3  H N N 314 
PRO HD2  H N N 315 
PRO HD3  H N N 316 
PRO HXT  H N N 317 
SER N    N N N 318 
SER CA   C N S 319 
SER C    C N N 320 
SER O    O N N 321 
SER CB   C N N 322 
SER OG   O N N 323 
SER OXT  O N N 324 
SER H    H N N 325 
SER H2   H N N 326 
SER HA   H N N 327 
SER HB2  H N N 328 
SER HB3  H N N 329 
SER HG   H N N 330 
SER HXT  H N N 331 
THR N    N N N 332 
THR CA   C N S 333 
THR C    C N N 334 
THR O    O N N 335 
THR CB   C N R 336 
THR OG1  O N N 337 
THR CG2  C N N 338 
THR OXT  O N N 339 
THR H    H N N 340 
THR H2   H N N 341 
THR HA   H N N 342 
THR HB   H N N 343 
THR HG1  H N N 344 
THR HG21 H N N 345 
THR HG22 H N N 346 
THR HG23 H N N 347 
THR HXT  H N N 348 
TRP N    N N N 349 
TRP CA   C N S 350 
TRP C    C N N 351 
TRP O    O N N 352 
TRP CB   C N N 353 
TRP CG   C Y N 354 
TRP CD1  C Y N 355 
TRP CD2  C Y N 356 
TRP NE1  N Y N 357 
TRP CE2  C Y N 358 
TRP CE3  C Y N 359 
TRP CZ2  C Y N 360 
TRP CZ3  C Y N 361 
TRP CH2  C Y N 362 
TRP OXT  O N N 363 
TRP H    H N N 364 
TRP H2   H N N 365 
TRP HA   H N N 366 
TRP HB2  H N N 367 
TRP HB3  H N N 368 
TRP HD1  H N N 369 
TRP HE1  H N N 370 
TRP HE3  H N N 371 
TRP HZ2  H N N 372 
TRP HZ3  H N N 373 
TRP HH2  H N N 374 
TRP HXT  H N N 375 
TYR N    N N N 376 
TYR CA   C N S 377 
TYR C    C N N 378 
TYR O    O N N 379 
TYR CB   C N N 380 
TYR CG   C Y N 381 
TYR CD1  C Y N 382 
TYR CD2  C Y N 383 
TYR CE1  C Y N 384 
TYR CE2  C Y N 385 
TYR CZ   C Y N 386 
TYR OH   O N N 387 
TYR OXT  O N N 388 
TYR H    H N N 389 
TYR H2   H N N 390 
TYR HA   H N N 391 
TYR HB2  H N N 392 
TYR HB3  H N N 393 
TYR HD1  H N N 394 
TYR HD2  H N N 395 
TYR HE1  H N N 396 
TYR HE2  H N N 397 
TYR HH   H N N 398 
TYR HXT  H N N 399 
VAL N    N N N 400 
VAL CA   C N S 401 
VAL C    C N N 402 
VAL O    O N N 403 
VAL CB   C N N 404 
VAL CG1  C N N 405 
VAL CG2  C N N 406 
VAL OXT  O N N 407 
VAL H    H N N 408 
VAL H2   H N N 409 
VAL HA   H N N 410 
VAL HB   H N N 411 
VAL HG11 H N N 412 
VAL HG12 H N N 413 
VAL HG13 H N N 414 
VAL HG21 H N N 415 
VAL HG22 H N N 416 
VAL HG23 H N N 417 
VAL HXT  H N N 418 
# 
loop_
_chem_comp_bond.comp_id 
_chem_comp_bond.atom_id_1 
_chem_comp_bond.atom_id_2 
_chem_comp_bond.value_order 
_chem_comp_bond.pdbx_aromatic_flag 
_chem_comp_bond.pdbx_stereo_config 
_chem_comp_bond.pdbx_ordinal 
9U5 O1  C23  doub N N 1   
9U5 O2  C23  sing N N 2   
9U5 C23 C20  sing N N 3   
9U5 C20 C19  doub Y N 4   
9U5 C20 C21  sing Y N 5   
9U5 C19 C18  sing Y N 6   
9U5 C21 C22  doub Y N 7   
9U5 C18 C17  doub Y N 8   
9U5 C22 C17  sing Y N 9   
9U5 C17 C16  sing N N 10  
9U5 C16 C15  trip N N 11  
9U5 C15 C5   sing N N 12  
9U5 C5  C4   doub Y N 13  
9U5 C5  C6   sing Y N 14  
9U5 C4  C3   sing Y N 15  
9U5 C6  C1   doub Y N 16  
9U5 C3  C2   doub Y N 17  
9U5 C1  C2   sing Y N 18  
9U5 C1  C7   sing N N 19  
9U5 C2  N1   sing N N 20  
9U5 C11 C7   sing N N 21  
9U5 C7  C10  sing N N 22  
9U5 C7  C8   sing N N 23  
9U5 N1  C12  sing N N 24  
9U5 N1  C9   sing N N 25  
9U5 C12 C14  sing N N 26  
9U5 C12 C13  sing N N 27  
9U5 C9  C8   doub N N 28  
9U5 C4  H1   sing N N 29  
9U5 C14 H2   sing N N 30  
9U5 C14 H3   sing N N 31  
9U5 C14 H4   sing N N 32  
9U5 C6  H5   sing N N 33  
9U5 C11 H6   sing N N 34  
9U5 C11 H7   sing N N 35  
9U5 C11 H8   sing N N 36  
9U5 C8  H9   sing N N 37  
9U5 C9  H10  sing N N 38  
9U5 C10 H11  sing N N 39  
9U5 C10 H12  sing N N 40  
9U5 C10 H13  sing N N 41  
9U5 C12 H14  sing N N 42  
9U5 C13 H15  sing N N 43  
9U5 C13 H16  sing N N 44  
9U5 C13 H17  sing N N 45  
9U5 C3  H18  sing N N 46  
9U5 C18 H19  sing N N 47  
9U5 C19 H20  sing N N 48  
9U5 C21 H21  sing N N 49  
9U5 C22 H22  sing N N 50  
9U5 O2  H23  sing N N 51  
ALA N   CA   sing N N 52  
ALA N   H    sing N N 53  
ALA N   H2   sing N N 54  
ALA CA  C    sing N N 55  
ALA CA  CB   sing N N 56  
ALA CA  HA   sing N N 57  
ALA C   O    doub N N 58  
ALA C   OXT  sing N N 59  
ALA CB  HB1  sing N N 60  
ALA CB  HB2  sing N N 61  
ALA CB  HB3  sing N N 62  
ALA OXT HXT  sing N N 63  
ARG N   CA   sing N N 64  
ARG N   H    sing N N 65  
ARG N   H2   sing N N 66  
ARG CA  C    sing N N 67  
ARG CA  CB   sing N N 68  
ARG CA  HA   sing N N 69  
ARG C   O    doub N N 70  
ARG C   OXT  sing N N 71  
ARG CB  CG   sing N N 72  
ARG CB  HB2  sing N N 73  
ARG CB  HB3  sing N N 74  
ARG CG  CD   sing N N 75  
ARG CG  HG2  sing N N 76  
ARG CG  HG3  sing N N 77  
ARG CD  NE   sing N N 78  
ARG CD  HD2  sing N N 79  
ARG CD  HD3  sing N N 80  
ARG NE  CZ   sing N N 81  
ARG NE  HE   sing N N 82  
ARG CZ  NH1  sing N N 83  
ARG CZ  NH2  doub N N 84  
ARG NH1 HH11 sing N N 85  
ARG NH1 HH12 sing N N 86  
ARG NH2 HH21 sing N N 87  
ARG NH2 HH22 sing N N 88  
ARG OXT HXT  sing N N 89  
ASN N   CA   sing N N 90  
ASN N   H    sing N N 91  
ASN N   H2   sing N N 92  
ASN CA  C    sing N N 93  
ASN CA  CB   sing N N 94  
ASN CA  HA   sing N N 95  
ASN C   O    doub N N 96  
ASN C   OXT  sing N N 97  
ASN CB  CG   sing N N 98  
ASN CB  HB2  sing N N 99  
ASN CB  HB3  sing N N 100 
ASN CG  OD1  doub N N 101 
ASN CG  ND2  sing N N 102 
ASN ND2 HD21 sing N N 103 
ASN ND2 HD22 sing N N 104 
ASN OXT HXT  sing N N 105 
ASP N   CA   sing N N 106 
ASP N   H    sing N N 107 
ASP N   H2   sing N N 108 
ASP CA  C    sing N N 109 
ASP CA  CB   sing N N 110 
ASP CA  HA   sing N N 111 
ASP C   O    doub N N 112 
ASP C   OXT  sing N N 113 
ASP CB  CG   sing N N 114 
ASP CB  HB2  sing N N 115 
ASP CB  HB3  sing N N 116 
ASP CG  OD1  doub N N 117 
ASP CG  OD2  sing N N 118 
ASP OD2 HD2  sing N N 119 
ASP OXT HXT  sing N N 120 
CYS N   CA   sing N N 121 
CYS N   H    sing N N 122 
CYS N   H2   sing N N 123 
CYS CA  C    sing N N 124 
CYS CA  CB   sing N N 125 
CYS CA  HA   sing N N 126 
CYS C   O    doub N N 127 
CYS C   OXT  sing N N 128 
CYS CB  SG   sing N N 129 
CYS CB  HB2  sing N N 130 
CYS CB  HB3  sing N N 131 
CYS SG  HG   sing N N 132 
CYS OXT HXT  sing N N 133 
GLN N   CA   sing N N 134 
GLN N   H    sing N N 135 
GLN N   H2   sing N N 136 
GLN CA  C    sing N N 137 
GLN CA  CB   sing N N 138 
GLN CA  HA   sing N N 139 
GLN C   O    doub N N 140 
GLN C   OXT  sing N N 141 
GLN CB  CG   sing N N 142 
GLN CB  HB2  sing N N 143 
GLN CB  HB3  sing N N 144 
GLN CG  CD   sing N N 145 
GLN CG  HG2  sing N N 146 
GLN CG  HG3  sing N N 147 
GLN CD  OE1  doub N N 148 
GLN CD  NE2  sing N N 149 
GLN NE2 HE21 sing N N 150 
GLN NE2 HE22 sing N N 151 
GLN OXT HXT  sing N N 152 
GLU N   CA   sing N N 153 
GLU N   H    sing N N 154 
GLU N   H2   sing N N 155 
GLU CA  C    sing N N 156 
GLU CA  CB   sing N N 157 
GLU CA  HA   sing N N 158 
GLU C   O    doub N N 159 
GLU C   OXT  sing N N 160 
GLU CB  CG   sing N N 161 
GLU CB  HB2  sing N N 162 
GLU CB  HB3  sing N N 163 
GLU CG  CD   sing N N 164 
GLU CG  HG2  sing N N 165 
GLU CG  HG3  sing N N 166 
GLU CD  OE1  doub N N 167 
GLU CD  OE2  sing N N 168 
GLU OE2 HE2  sing N N 169 
GLU OXT HXT  sing N N 170 
GLY N   CA   sing N N 171 
GLY N   H    sing N N 172 
GLY N   H2   sing N N 173 
GLY CA  C    sing N N 174 
GLY CA  HA2  sing N N 175 
GLY CA  HA3  sing N N 176 
GLY C   O    doub N N 177 
GLY C   OXT  sing N N 178 
GLY OXT HXT  sing N N 179 
HOH O   H1   sing N N 180 
HOH O   H2   sing N N 181 
ILE N   CA   sing N N 182 
ILE N   H    sing N N 183 
ILE N   H2   sing N N 184 
ILE CA  C    sing N N 185 
ILE CA  CB   sing N N 186 
ILE CA  HA   sing N N 187 
ILE C   O    doub N N 188 
ILE C   OXT  sing N N 189 
ILE CB  CG1  sing N N 190 
ILE CB  CG2  sing N N 191 
ILE CB  HB   sing N N 192 
ILE CG1 CD1  sing N N 193 
ILE CG1 HG12 sing N N 194 
ILE CG1 HG13 sing N N 195 
ILE CG2 HG21 sing N N 196 
ILE CG2 HG22 sing N N 197 
ILE CG2 HG23 sing N N 198 
ILE CD1 HD11 sing N N 199 
ILE CD1 HD12 sing N N 200 
ILE CD1 HD13 sing N N 201 
ILE OXT HXT  sing N N 202 
LEU N   CA   sing N N 203 
LEU N   H    sing N N 204 
LEU N   H2   sing N N 205 
LEU CA  C    sing N N 206 
LEU CA  CB   sing N N 207 
LEU CA  HA   sing N N 208 
LEU C   O    doub N N 209 
LEU C   OXT  sing N N 210 
LEU CB  CG   sing N N 211 
LEU CB  HB2  sing N N 212 
LEU CB  HB3  sing N N 213 
LEU CG  CD1  sing N N 214 
LEU CG  CD2  sing N N 215 
LEU CG  HG   sing N N 216 
LEU CD1 HD11 sing N N 217 
LEU CD1 HD12 sing N N 218 
LEU CD1 HD13 sing N N 219 
LEU CD2 HD21 sing N N 220 
LEU CD2 HD22 sing N N 221 
LEU CD2 HD23 sing N N 222 
LEU OXT HXT  sing N N 223 
LYS N   CA   sing N N 224 
LYS N   H    sing N N 225 
LYS N   H2   sing N N 226 
LYS CA  C    sing N N 227 
LYS CA  CB   sing N N 228 
LYS CA  HA   sing N N 229 
LYS C   O    doub N N 230 
LYS C   OXT  sing N N 231 
LYS CB  CG   sing N N 232 
LYS CB  HB2  sing N N 233 
LYS CB  HB3  sing N N 234 
LYS CG  CD   sing N N 235 
LYS CG  HG2  sing N N 236 
LYS CG  HG3  sing N N 237 
LYS CD  CE   sing N N 238 
LYS CD  HD2  sing N N 239 
LYS CD  HD3  sing N N 240 
LYS CE  NZ   sing N N 241 
LYS CE  HE2  sing N N 242 
LYS CE  HE3  sing N N 243 
LYS NZ  HZ1  sing N N 244 
LYS NZ  HZ2  sing N N 245 
LYS NZ  HZ3  sing N N 246 
LYS OXT HXT  sing N N 247 
MET N   CA   sing N N 248 
MET N   H    sing N N 249 
MET N   H2   sing N N 250 
MET CA  C    sing N N 251 
MET CA  CB   sing N N 252 
MET CA  HA   sing N N 253 
MET C   O    doub N N 254 
MET C   OXT  sing N N 255 
MET CB  CG   sing N N 256 
MET CB  HB2  sing N N 257 
MET CB  HB3  sing N N 258 
MET CG  SD   sing N N 259 
MET CG  HG2  sing N N 260 
MET CG  HG3  sing N N 261 
MET SD  CE   sing N N 262 
MET CE  HE1  sing N N 263 
MET CE  HE2  sing N N 264 
MET CE  HE3  sing N N 265 
MET OXT HXT  sing N N 266 
PHE N   CA   sing N N 267 
PHE N   H    sing N N 268 
PHE N   H2   sing N N 269 
PHE CA  C    sing N N 270 
PHE CA  CB   sing N N 271 
PHE CA  HA   sing N N 272 
PHE C   O    doub N N 273 
PHE C   OXT  sing N N 274 
PHE CB  CG   sing N N 275 
PHE CB  HB2  sing N N 276 
PHE CB  HB3  sing N N 277 
PHE CG  CD1  doub Y N 278 
PHE CG  CD2  sing Y N 279 
PHE CD1 CE1  sing Y N 280 
PHE CD1 HD1  sing N N 281 
PHE CD2 CE2  doub Y N 282 
PHE CD2 HD2  sing N N 283 
PHE CE1 CZ   doub Y N 284 
PHE CE1 HE1  sing N N 285 
PHE CE2 CZ   sing Y N 286 
PHE CE2 HE2  sing N N 287 
PHE CZ  HZ   sing N N 288 
PHE OXT HXT  sing N N 289 
PRO N   CA   sing N N 290 
PRO N   CD   sing N N 291 
PRO N   H    sing N N 292 
PRO CA  C    sing N N 293 
PRO CA  CB   sing N N 294 
PRO CA  HA   sing N N 295 
PRO C   O    doub N N 296 
PRO C   OXT  sing N N 297 
PRO CB  CG   sing N N 298 
PRO CB  HB2  sing N N 299 
PRO CB  HB3  sing N N 300 
PRO CG  CD   sing N N 301 
PRO CG  HG2  sing N N 302 
PRO CG  HG3  sing N N 303 
PRO CD  HD2  sing N N 304 
PRO CD  HD3  sing N N 305 
PRO OXT HXT  sing N N 306 
SER N   CA   sing N N 307 
SER N   H    sing N N 308 
SER N   H2   sing N N 309 
SER CA  C    sing N N 310 
SER CA  CB   sing N N 311 
SER CA  HA   sing N N 312 
SER C   O    doub N N 313 
SER C   OXT  sing N N 314 
SER CB  OG   sing N N 315 
SER CB  HB2  sing N N 316 
SER CB  HB3  sing N N 317 
SER OG  HG   sing N N 318 
SER OXT HXT  sing N N 319 
THR N   CA   sing N N 320 
THR N   H    sing N N 321 
THR N   H2   sing N N 322 
THR CA  C    sing N N 323 
THR CA  CB   sing N N 324 
THR CA  HA   sing N N 325 
THR C   O    doub N N 326 
THR C   OXT  sing N N 327 
THR CB  OG1  sing N N 328 
THR CB  CG2  sing N N 329 
THR CB  HB   sing N N 330 
THR OG1 HG1  sing N N 331 
THR CG2 HG21 sing N N 332 
THR CG2 HG22 sing N N 333 
THR CG2 HG23 sing N N 334 
THR OXT HXT  sing N N 335 
TRP N   CA   sing N N 336 
TRP N   H    sing N N 337 
TRP N   H2   sing N N 338 
TRP CA  C    sing N N 339 
TRP CA  CB   sing N N 340 
TRP CA  HA   sing N N 341 
TRP C   O    doub N N 342 
TRP C   OXT  sing N N 343 
TRP CB  CG   sing N N 344 
TRP CB  HB2  sing N N 345 
TRP CB  HB3  sing N N 346 
TRP CG  CD1  doub Y N 347 
TRP CG  CD2  sing Y N 348 
TRP CD1 NE1  sing Y N 349 
TRP CD1 HD1  sing N N 350 
TRP CD2 CE2  doub Y N 351 
TRP CD2 CE3  sing Y N 352 
TRP NE1 CE2  sing Y N 353 
TRP NE1 HE1  sing N N 354 
TRP CE2 CZ2  sing Y N 355 
TRP CE3 CZ3  doub Y N 356 
TRP CE3 HE3  sing N N 357 
TRP CZ2 CH2  doub Y N 358 
TRP CZ2 HZ2  sing N N 359 
TRP CZ3 CH2  sing Y N 360 
TRP CZ3 HZ3  sing N N 361 
TRP CH2 HH2  sing N N 362 
TRP OXT HXT  sing N N 363 
TYR N   CA   sing N N 364 
TYR N   H    sing N N 365 
TYR N   H2   sing N N 366 
TYR CA  C    sing N N 367 
TYR CA  CB   sing N N 368 
TYR CA  HA   sing N N 369 
TYR C   O    doub N N 370 
TYR C   OXT  sing N N 371 
TYR CB  CG   sing N N 372 
TYR CB  HB2  sing N N 373 
TYR CB  HB3  sing N N 374 
TYR CG  CD1  doub Y N 375 
TYR CG  CD2  sing Y N 376 
TYR CD1 CE1  sing Y N 377 
TYR CD1 HD1  sing N N 378 
TYR CD2 CE2  doub Y N 379 
TYR CD2 HD2  sing N N 380 
TYR CE1 CZ   doub Y N 381 
TYR CE1 HE1  sing N N 382 
TYR CE2 CZ   sing Y N 383 
TYR CE2 HE2  sing N N 384 
TYR CZ  OH   sing N N 385 
TYR OH  HH   sing N N 386 
TYR OXT HXT  sing N N 387 
VAL N   CA   sing N N 388 
VAL N   H    sing N N 389 
VAL N   H2   sing N N 390 
VAL CA  C    sing N N 391 
VAL CA  CB   sing N N 392 
VAL CA  HA   sing N N 393 
VAL C   O    doub N N 394 
VAL C   OXT  sing N N 395 
VAL CB  CG1  sing N N 396 
VAL CB  CG2  sing N N 397 
VAL CB  HB   sing N N 398 
VAL CG1 HG11 sing N N 399 
VAL CG1 HG12 sing N N 400 
VAL CG1 HG13 sing N N 401 
VAL CG2 HG21 sing N N 402 
VAL CG2 HG22 sing N N 403 
VAL CG2 HG23 sing N N 404 
VAL OXT HXT  sing N N 405 
# 
_pdbx_audit_support.funding_organization   'Medical Research Council (United Kingdom)' 
_pdbx_audit_support.country                'United Kingdom' 
_pdbx_audit_support.grant_number           ? 
_pdbx_audit_support.ordinal                1 
# 
_pdbx_initial_refinement_model.id               1 
_pdbx_initial_refinement_model.entity_id_list   ? 
_pdbx_initial_refinement_model.type             'experimental model' 
_pdbx_initial_refinement_model.source_name      PDB 
_pdbx_initial_refinement_model.accession_code   2FR3 
_pdbx_initial_refinement_model.details          ? 
# 
_atom_sites.entry_id                    5OGB 
_atom_sites.fract_transf_matrix[1][1]   0.01300533 
_atom_sites.fract_transf_matrix[1][2]   -0.02795678 
_atom_sites.fract_transf_matrix[1][3]   0.00354339 
_atom_sites.fract_transf_matrix[2][1]   0.01784505 
_atom_sites.fract_transf_matrix[2][2]   0.00939605 
_atom_sites.fract_transf_matrix[2][3]   0.00863645 
_atom_sites.fract_transf_matrix[3][1]   -0.00839244 
_atom_sites.fract_transf_matrix[3][2]   -0.00757826 
_atom_sites.fract_transf_matrix[3][3]   0.02558565 
_atom_sites.fract_transf_vector[1]      -0.188234 
_atom_sites.fract_transf_vector[2]      0.080675 
_atom_sites.fract_transf_vector[3]      -0.200123 
# 
loop_
_atom_type.symbol 
C 
N 
O 
S 
# 
loop_
_atom_site.group_PDB 
_atom_site.id 
_atom_site.type_symbol 
_atom_site.label_atom_id 
_atom_site.label_alt_id 
_atom_site.label_comp_id 
_atom_site.label_asym_id 
_atom_site.label_entity_id 
_atom_site.label_seq_id 
_atom_site.pdbx_PDB_ins_code 
_atom_site.Cartn_x 
_atom_site.Cartn_y 
_atom_site.Cartn_z 
_atom_site.occupancy 
_atom_site.B_iso_or_equiv 
_atom_site.pdbx_formal_charge 
_atom_site.auth_seq_id 
_atom_site.auth_comp_id 
_atom_site.auth_asym_id 
_atom_site.auth_atom_id 
_atom_site.pdbx_PDB_model_num 
ATOM   1    N N   . PRO A 1 2   ? 7.245   10.176  -12.600 1.00 26.56  ? 2   PRO A N   1 
ATOM   2    C CA  . PRO A 1 2   ? 8.095   9.003   -12.786 1.00 25.72  ? 2   PRO A CA  1 
ATOM   3    C C   . PRO A 1 2   ? 7.247   7.820   -13.209 1.00 25.58  ? 2   PRO A C   1 
ATOM   4    O O   . PRO A 1 2   ? 6.019   7.857   -13.019 1.00 26.84  ? 2   PRO A O   1 
ATOM   5    C CB  . PRO A 1 2   ? 8.635   8.755   -11.387 1.00 26.99  ? 2   PRO A CB  1 
ATOM   6    C CG  . PRO A 1 2   ? 7.536   9.158   -10.504 1.00 26.79  ? 2   PRO A CG  1 
ATOM   7    C CD  . PRO A 1 2   ? 6.908   10.351  -11.179 1.00 26.76  ? 2   PRO A CD  1 
ATOM   8    N N   . ASN A 1 3   ? 7.893   6.801   -13.763 1.00 22.17  ? 3   ASN A N   1 
ATOM   9    C CA  . ASN A 1 3   ? 7.236   5.596   -14.120 1.00 20.58  ? 3   ASN A CA  1 
ATOM   10   C C   . ASN A 1 3   ? 7.491   4.524   -13.053 1.00 18.84  ? 3   ASN A C   1 
ATOM   11   O O   . ASN A 1 3   ? 8.603   4.040   -12.890 1.00 17.54  ? 3   ASN A O   1 
ATOM   12   C CB  . ASN A 1 3   ? 7.724   5.128   -15.478 1.00 21.07  ? 3   ASN A CB  1 
ATOM   13   C CG  . ASN A 1 3   ? 6.724   4.247   -16.178 1.00 22.20  ? 3   ASN A CG  1 
ATOM   14   O OD1 . ASN A 1 3   ? 6.009   3.494   -15.544 1.00 20.59  ? 3   ASN A OD1 1 
ATOM   15   N ND2 . ASN A 1 3   ? 6.658   4.354   -17.497 1.00 22.73  ? 3   ASN A ND2 1 
ATOM   16   N N   . PHE A 1 4   ? 6.427   4.141   -12.351 1.00 17.58  ? 4   PHE A N   1 
ATOM   17   C CA  . PHE A 1 4   ? 6.439   3.025   -11.381 1.00 17.36  ? 4   PHE A CA  1 
ATOM   18   C C   . PHE A 1 4   ? 6.277   1.619   -11.994 1.00 15.50  ? 4   PHE A C   1 
ATOM   19   O O   . PHE A 1 4   ? 6.265   0.633   -11.272 1.00 16.85  ? 4   PHE A O   1 
ATOM   20   C CB  . PHE A 1 4   ? 5.289   3.211   -10.378 1.00 17.86  ? 4   PHE A CB  1 
ATOM   21   C CG  . PHE A 1 4   ? 5.443   4.400   -9.451  1.00 17.92  ? 4   PHE A CG  1 
ATOM   22   C CD1 . PHE A 1 4   ? 5.055   5.658   -9.838  1.00 20.10  ? 4   PHE A CD1 1 
ATOM   23   C CD2 . PHE A 1 4   ? 5.892   4.229   -8.172  1.00 19.31  ? 4   PHE A CD2 1 
ATOM   24   C CE1 . PHE A 1 4   ? 5.140   6.743   -8.977  1.00 21.26  ? 4   PHE A CE1 1 
ATOM   25   C CE2 . PHE A 1 4   ? 5.995   5.302   -7.309  1.00 21.02  ? 4   PHE A CE2 1 
ATOM   26   C CZ  . PHE A 1 4   ? 5.625   6.568   -7.716  1.00 20.48  ? 4   PHE A CZ  1 
ATOM   27   N N   . SER A 1 5   ? 6.086   1.513   -13.295 1.00 14.23  ? 5   SER A N   1 
ATOM   28   C CA  . SER A 1 5   ? 5.783   0.242   -13.922 1.00 14.15  ? 5   SER A CA  1 
ATOM   29   C C   . SER A 1 5   ? 6.877   -0.783  -13.689 1.00 14.47  ? 5   SER A C   1 
ATOM   30   O O   . SER A 1 5   ? 8.057   -0.451  -13.684 1.00 16.33  ? 5   SER A O   1 
ATOM   31   C CB  . SER A 1 5   ? 5.543   0.417   -15.446 1.00 13.47  ? 5   SER A CB  1 
ATOM   32   O OG  . SER A 1 5   ? 4.502   1.348   -15.684 1.00 13.22  ? 5   SER A OG  1 
ATOM   33   N N   . GLY A 1 6   ? 6.469   -2.028  -13.520 1.00 14.92  ? 6   GLY A N   1 
ATOM   34   C CA  . GLY A 1 6   ? 7.368   -3.147  -13.300 1.00 15.31  ? 6   GLY A CA  1 
ATOM   35   C C   . GLY A 1 6   ? 6.910   -4.112  -12.233 1.00 15.19  ? 6   GLY A C   1 
ATOM   36   O O   . GLY A 1 6   ? 5.846   -3.961  -11.675 1.00 13.02  ? 6   GLY A O   1 
ATOM   37   N N   . ASN A 1 7   ? 7.729   -5.140  -12.025 1.00 15.58  ? 7   ASN A N   1 
ATOM   38   C CA  . ASN A 1 7   ? 7.592   -6.081  -10.921 1.00 16.55  ? 7   ASN A CA  1 
ATOM   39   C C   . ASN A 1 7   ? 8.522   -5.640  -9.797  1.00 15.74  ? 7   ASN A C   1 
ATOM   40   O O   . ASN A 1 7   ? 9.683   -5.270  -10.060 1.00 15.33  ? 7   ASN A O   1 
ATOM   41   C CB  . ASN A 1 7   ? 7.870   -7.531  -11.384 1.00 19.05  ? 7   ASN A CB  1 
ATOM   42   C CG  . ASN A 1 7   ? 6.802   -8.019  -12.339 1.00 21.69  ? 7   ASN A CG  1 
ATOM   43   O OD1 . ASN A 1 7   ? 5.716   -8.405  -11.916 1.00 27.74  ? 7   ASN A OD1 1 
ATOM   44   N ND2 . ASN A 1 7   ? 7.050   -7.889  -13.611 1.00 24.39  ? 7   ASN A ND2 1 
ATOM   45   N N   . TRP A 1 8   ? 7.993   -5.621  -8.573  1.00 13.94  ? 8   TRP A N   1 
ATOM   46   C CA  . TRP A 1 8   ? 8.718   -5.144  -7.410  1.00 14.01  ? 8   TRP A CA  1 
ATOM   47   C C   . TRP A 1 8   ? 8.819   -6.203  -6.307  1.00 14.90  ? 8   TRP A C   1 
ATOM   48   O O   . TRP A 1 8   ? 7.911   -6.964  -6.039  1.00 15.31  ? 8   TRP A O   1 
ATOM   49   C CB  . TRP A 1 8   ? 8.040   -3.896  -6.847  1.00 12.90  ? 8   TRP A CB  1 
ATOM   50   C CG  . TRP A 1 8   ? 7.972   -2.801  -7.822  1.00 12.64  ? 8   TRP A CG  1 
ATOM   51   C CD1 . TRP A 1 8   ? 7.005   -2.580  -8.756  1.00 12.24  ? 8   TRP A CD1 1 
ATOM   52   C CD2 . TRP A 1 8   ? 8.927   -1.743  -7.961  1.00 12.43  ? 8   TRP A CD2 1 
ATOM   53   N NE1 . TRP A 1 8   ? 7.311   -1.458  -9.491  1.00 12.79  ? 8   TRP A NE1 1 
ATOM   54   C CE2 . TRP A 1 8   ? 8.471   -0.904  -9.007  1.00 12.30  ? 8   TRP A CE2 1 
ATOM   55   C CE3 . TRP A 1 8   ? 10.124  -1.421  -7.290  1.00 12.82  ? 8   TRP A CE3 1 
ATOM   56   C CZ2 . TRP A 1 8   ? 9.179   0.257   -9.416  1.00 12.64  ? 8   TRP A CZ2 1 
ATOM   57   C CZ3 . TRP A 1 8   ? 10.855  -0.298  -7.714  1.00 12.50  ? 8   TRP A CZ3 1 
ATOM   58   C CH2 . TRP A 1 8   ? 10.368  0.541   -8.747  1.00 12.30  ? 8   TRP A CH2 1 
ATOM   59   N N   . LYS A 1 9   ? 9.952   -6.167  -5.657  1.00 16.29  ? 9   LYS A N   1 
ATOM   60   C CA  . LYS A 1 9   ? 10.446  -7.187  -4.769  1.00 17.35  ? 9   LYS A CA  1 
ATOM   61   C C   . LYS A 1 9   ? 10.728  -6.456  -3.498  1.00 15.23  ? 9   LYS A C   1 
ATOM   62   O O   . LYS A 1 9   ? 11.432  -5.476  -3.538  1.00 16.25  ? 9   LYS A O   1 
ATOM   63   C CB  . LYS A 1 9   ? 11.755  -7.700  -5.380  1.00 20.82  ? 9   LYS A CB  1 
ATOM   64   C CG  . LYS A 1 9   ? 12.248  -8.985  -4.786  1.00 24.86  ? 9   LYS A CG  1 
ATOM   65   C CD  . LYS A 1 9   ? 13.667  -9.298  -5.257  1.00 28.15  ? 9   LYS A CD  1 
ATOM   66   C CE  . LYS A 1 9   ? 13.721  -9.703  -6.724  1.00 31.33  ? 9   LYS A CE  1 
ATOM   67   N NZ  . LYS A 1 9   ? 14.323  -11.068 -6.943  1.00 34.93  ? 9   LYS A NZ  1 
ATOM   68   N N   . ILE A 1 10  ? 10.215  -6.927  -2.369  1.00 14.42  ? 10  ILE A N   1 
ATOM   69   C CA  . ILE A 1 10  ? 10.458  -6.267  -1.090  1.00 15.00  ? 10  ILE A CA  1 
ATOM   70   C C   . ILE A 1 10  ? 11.897  -6.460  -0.563  1.00 14.56  ? 10  ILE A C   1 
ATOM   71   O O   . ILE A 1 10  ? 12.435  -7.574  -0.629  1.00 14.85  ? 10  ILE A O   1 
ATOM   72   C CB  . ILE A 1 10  ? 9.362   -6.642  -0.027  1.00 15.68  ? 10  ILE A CB  1 
ATOM   73   C CG1 . ILE A 1 10  ? 9.389   -5.606  1.085   1.00 16.64  ? 10  ILE A CG1 1 
ATOM   74   C CG2 . ILE A 1 10  ? 9.559   -8.024  0.544   1.00 15.35  ? 10  ILE A CG2 1 
ATOM   75   C CD1 . ILE A 1 10  ? 8.189   -5.611  1.938   1.00 17.53  ? 10  ILE A CD1 1 
ATOM   76   N N   . ILE A 1 11  ? 12.509  -5.391  -0.049  1.00 13.39  ? 11  ILE A N   1 
ATOM   77   C CA  . ILE A 1 11  ? 13.794  -5.508  0.693   1.00 14.34  ? 11  ILE A CA  1 
ATOM   78   C C   . ILE A 1 11  ? 13.769  -5.052  2.144   1.00 14.53  ? 11  ILE A C   1 
ATOM   79   O O   . ILE A 1 11  ? 14.566  -5.551  2.941   1.00 16.27  ? 11  ILE A O   1 
ATOM   80   C CB  . ILE A 1 11  ? 14.996  -4.865  -0.040  1.00 14.81  ? 11  ILE A CB  1 
ATOM   81   C CG1 . ILE A 1 11  ? 14.791  -3.359  -0.253  1.00 14.93  ? 11  ILE A CG1 1 
ATOM   82   C CG2 . ILE A 1 11  ? 15.145  -5.498  -1.417  1.00 15.52  ? 11  ILE A CG2 1 
ATOM   83   C CD1 . ILE A 1 11  ? 16.067  -2.629  -0.544  1.00 15.73  ? 11  ILE A CD1 1 
ATOM   84   N N   . ARG A 1 12  ? 12.896  -4.125  2.501   1.00 14.97  ? 12  ARG A N   1 
ATOM   85   C CA  . ARG A 1 12  ? 12.716  -3.714  3.911   1.00 16.07  ? 12  ARG A CA  1 
ATOM   86   C C   . ARG A 1 12  ? 11.242  -3.523  4.260   1.00 15.03  ? 12  ARG A C   1 
ATOM   87   O O   . ARG A 1 12  ? 10.484  -3.031  3.456   1.00 13.92  ? 12  ARG A O   1 
ATOM   88   C CB  . ARG A 1 12  ? 13.420  -2.383  4.203   1.00 17.00  ? 12  ARG A CB  1 
ATOM   89   C CG  . ARG A 1 12  ? 14.901  -2.461  4.045   1.00 18.42  ? 12  ARG A CG  1 
ATOM   90   C CD  . ARG A 1 12  ? 15.556  -3.269  5.139   1.00 19.29  ? 12  ARG A CD  1 
ATOM   91   N NE  . ARG A 1 12  ? 17.004  -3.118  5.078   1.00 20.44  ? 12  ARG A NE  1 
ATOM   92   C CZ  . ARG A 1 12  ? 17.827  -3.836  4.310   1.00 22.18  ? 12  ARG A CZ  1 
ATOM   93   N NH1 . ARG A 1 12  ? 17.391  -4.756  3.481   1.00 21.28  ? 12  ARG A NH1 1 
ATOM   94   N NH2 . ARG A 1 12  ? 19.134  -3.618  4.367   1.00 23.56  ? 12  ARG A NH2 1 
ATOM   95   N N   . SER A 1 13  ? 10.885  -3.904  5.479   1.00 13.97  ? 13  SER A N   1 
ATOM   96   C CA  . SER A 1 13  ? 9.585   -3.590  6.051   1.00 14.85  ? 13  SER A CA  1 
ATOM   97   C C   . SER A 1 13  ? 9.757   -3.113  7.483   1.00 14.56  ? 13  SER A C   1 
ATOM   98   O O   . SER A 1 13  ? 10.361  -3.810  8.274   1.00 14.33  ? 13  SER A O   1 
ATOM   99   C CB  . SER A 1 13  ? 8.650   -4.810  5.973   1.00 15.02  ? 13  SER A CB  1 
ATOM   100  O OG  . SER A 1 13  ? 7.346   -4.486  6.473   1.00 15.48  ? 13  SER A OG  1 
ATOM   101  N N   . GLU A 1 14  ? 9.252   -1.923  7.801   1.00 14.43  ? 14  GLU A N   1 
ATOM   102  C CA  . GLU A 1 14  ? 9.238   -1.424  9.159   1.00 16.51  ? 14  GLU A CA  1 
ATOM   103  C C   . GLU A 1 14  ? 7.833   -1.119  9.578   1.00 14.69  ? 14  GLU A C   1 
ATOM   104  O O   . GLU A 1 14  ? 7.036   -0.539  8.823   1.00 13.75  ? 14  GLU A O   1 
ATOM   105  C CB  . GLU A 1 14  ? 10.113  -0.165  9.360   1.00 19.21  ? 14  GLU A CB  1 
ATOM   106  C CG  . GLU A 1 14  ? 11.545  -0.246  8.840   1.00 22.98  ? 14  GLU A CG  1 
ATOM   107  C CD  . GLU A 1 14  ? 12.272  -1.492  9.295   1.00 24.81  ? 14  GLU A CD  1 
ATOM   108  O OE1 . GLU A 1 14  ? 12.209  -1.789  10.483  1.00 30.29  ? 14  GLU A OE1 1 
ATOM   109  O OE2 . GLU A 1 14  ? 12.887  -2.184  8.465   1.00 32.13  ? 14  GLU A OE2 1 
ATOM   110  N N   . ASN A 1 15  ? 7.539   -1.499  10.809  1.00 14.00  ? 15  ASN A N   1 
ATOM   111  C CA  . ASN A 1 15  ? 6.265   -1.211  11.466  1.00 14.06  ? 15  ASN A CA  1 
ATOM   112  C C   . ASN A 1 15  ? 5.001   -1.869  10.863  1.00 14.19  ? 15  ASN A C   1 
ATOM   113  O O   . ASN A 1 15  ? 3.892   -1.407  11.154  1.00 13.20  ? 15  ASN A O   1 
ATOM   114  C CB  . ASN A 1 15  ? 6.071   0.322   11.591  1.00 14.82  ? 15  ASN A CB  1 
ATOM   115  C CG  . ASN A 1 15  ? 6.190   0.817   13.000  1.00 14.92  ? 15  ASN A CG  1 
ATOM   116  O OD1 . ASN A 1 15  ? 6.638   0.093   13.877  1.00 14.75  ? 15  ASN A OD1 1 
ATOM   117  N ND2 . ASN A 1 15  ? 5.778   2.073   13.224  1.00 14.59  ? 15  ASN A ND2 1 
ATOM   118  N N   . PHE A 1 16  ? 5.142   -2.932  10.055  1.00 14.31  ? 16  PHE A N   1 
ATOM   119  C CA  . PHE A 1 16  ? 3.939   -3.581  9.484   1.00 15.54  ? 16  PHE A CA  1 
ATOM   120  C C   . PHE A 1 16  ? 3.108   -4.272  10.561  1.00 16.17  ? 16  PHE A C   1 
ATOM   121  O O   . PHE A 1 16  ? 1.902   -4.069  10.650  1.00 15.34  ? 16  PHE A O   1 
ATOM   122  C CB  . PHE A 1 16  ? 4.246   -4.587  8.360   1.00 15.42  ? 16  PHE A CB  1 
ATOM   123  C CG  . PHE A 1 16  ? 3.007   -5.134  7.696   1.00 14.83  ? 16  PHE A CG  1 
ATOM   124  C CD1 . PHE A 1 16  ? 2.093   -4.285  7.106   1.00 16.68  ? 16  PHE A CD1 1 
ATOM   125  C CD2 . PHE A 1 16  ? 2.741   -6.500  7.684   1.00 15.27  ? 16  PHE A CD2 1 
ATOM   126  C CE1 . PHE A 1 16  ? 0.933   -4.785  6.504   1.00 16.99  ? 16  PHE A CE1 1 
ATOM   127  C CE2 . PHE A 1 16  ? 1.596   -7.014  7.076   1.00 14.83  ? 16  PHE A CE2 1 
ATOM   128  C CZ  . PHE A 1 16  ? 0.686   -6.159  6.500   1.00 15.79  ? 16  PHE A CZ  1 
ATOM   129  N N   . GLU A 1 17  ? 3.769   -5.082  11.371  1.00 17.58  ? 17  GLU A N   1 
ATOM   130  C CA  . GLU A 1 17  ? 3.090   -5.754  12.471  1.00 18.20  ? 17  GLU A CA  1 
ATOM   131  C C   . GLU A 1 17  ? 2.519   -4.782  13.476  1.00 18.40  ? 17  GLU A C   1 
ATOM   132  O O   . GLU A 1 17  ? 1.432   -5.013  13.969  1.00 16.56  ? 17  GLU A O   1 
ATOM   133  C CB  . GLU A 1 17  ? 3.972   -6.761  13.144  1.00 20.42  ? 17  GLU A CB  1 
ATOM   134  C CG  . GLU A 1 17  ? 3.244   -7.450  14.311  1.00 24.15  ? 17  GLU A CG  1 
ATOM   135  C CD  . GLU A 1 17  ? 3.758   -8.834  14.650  1.00 27.64  ? 17  GLU A CD  1 
ATOM   136  O OE1 . GLU A 1 17  ? 4.962   -9.102  14.405  1.00 29.70  ? 17  GLU A OE1 1 
ATOM   137  O OE2 . GLU A 1 17  ? 2.945   -9.635  15.220  1.00 33.98  ? 17  GLU A OE2 1 
ATOM   138  N N   . GLU A 1 18  ? 3.228   -3.684  13.753  1.00 19.24  ? 18  GLU A N   1 
ATOM   139  C CA  . GLU A 1 18  ? 2.724   -2.686  14.692  1.00 20.39  ? 18  GLU A CA  1 
ATOM   140  C C   . GLU A 1 18  ? 1.519   -1.948  14.197  1.00 17.81  ? 18  GLU A C   1 
ATOM   141  O O   . GLU A 1 18  ? 0.574   -1.759  14.961  1.00 18.01  ? 18  GLU A O   1 
ATOM   142  C CB  . GLU A 1 18  ? 3.821   -1.707  15.097  1.00 25.76  ? 18  GLU A CB  1 
ATOM   143  C CG  . GLU A 1 18  ? 4.806   -2.392  16.051  1.00 31.77  ? 18  GLU A CG  1 
ATOM   144  C CD  . GLU A 1 18  ? 4.204   -2.726  17.420  1.00 35.50  ? 18  GLU A CD  1 
ATOM   145  O OE1 . GLU A 1 18  ? 3.258   -2.001  17.877  1.00 34.68  ? 18  GLU A OE1 1 
ATOM   146  O OE2 . GLU A 1 18  ? 4.684   -3.733  18.000  1.00 36.57  ? 18  GLU A OE2 1 
ATOM   147  N N   . LEU A 1 19  ? 1.528   -1.595  12.911  1.00 15.43  ? 19  LEU A N   1 
ATOM   148  C CA  . LEU A 1 19  ? 0.344   -1.094  12.235  1.00 16.19  ? 19  LEU A CA  1 
ATOM   149  C C   . LEU A 1 19  ? -0.879  -2.014  12.384  1.00 15.31  ? 19  LEU A C   1 
ATOM   150  O O   . LEU A 1 19  ? -1.936  -1.579  12.839  1.00 16.20  ? 19  LEU A O   1 
ATOM   151  C CB  . LEU A 1 19  ? 0.661   -0.816  10.752  1.00 16.09  ? 19  LEU A CB  1 
ATOM   152  C CG  . LEU A 1 19  ? -0.435  -0.214  9.896   1.00 17.51  ? 19  LEU A CG  1 
ATOM   153  C CD1 . LEU A 1 19  ? -0.830  1.134   10.425  1.00 19.52  ? 19  LEU A CD1 1 
ATOM   154  C CD2 . LEU A 1 19  ? -0.076  -0.113  8.423   1.00 17.30  ? 19  LEU A CD2 1 
ATOM   155  N N   . LEU A 1 20  ? -0.729  -3.289  12.075  1.00 14.27  ? 20  LEU A N   1 
ATOM   156  C CA  . LEU A 1 20  ? -1.823  -4.201  12.264  1.00 15.36  ? 20  LEU A CA  1 
ATOM   157  C C   . LEU A 1 20  ? -2.217  -4.285  13.754  1.00 16.31  ? 20  LEU A C   1 
ATOM   158  O O   . LEU A 1 20  ? -3.405  -4.395  14.070  1.00 16.66  ? 20  LEU A O   1 
ATOM   159  C CB  . LEU A 1 20  ? -1.486  -5.604  11.709  1.00 16.40  ? 20  LEU A CB  1 
ATOM   160  C CG  . LEU A 1 20  ? -1.245  -5.789  10.192  1.00 16.62  ? 20  LEU A CG  1 
ATOM   161  C CD1 . LEU A 1 20  ? -0.962  -7.223  9.873   1.00 16.81  ? 20  LEU A CD1 1 
ATOM   162  C CD2 . LEU A 1 20  ? -2.393  -5.293  9.340   1.00 17.58  ? 20  LEU A CD2 1 
ATOM   163  N N   . LYS A 1 21  ? -1.230  -4.251  14.650  1.00 16.33  ? 21  LYS A N   1 
ATOM   164  C CA  . LYS A 1 21  ? -1.479  -4.432  16.063  1.00 17.78  ? 21  LYS A CA  1 
ATOM   165  C C   . LYS A 1 21  ? -2.340  -3.306  16.655  1.00 18.55  ? 21  LYS A C   1 
ATOM   166  O O   . LYS A 1 21  ? -3.328  -3.578  17.341  1.00 17.88  ? 21  LYS A O   1 
ATOM   167  C CB  . LYS A 1 21  ? -0.167  -4.579  16.818  1.00 18.53  ? 21  LYS A CB  1 
ATOM   168  C CG  . LYS A 1 21  ? -0.359  -5.010  18.247  1.00 20.37  ? 21  LYS A CG  1 
ATOM   169  C CD  . LYS A 1 21  ? 0.950   -5.448  18.845  1.00 21.17  ? 21  LYS A CD  1 
ATOM   170  C CE  . LYS A 1 21  ? 0.694   -5.932  20.231  1.00 22.64  ? 21  LYS A CE  1 
ATOM   171  N NZ  . LYS A 1 21  ? 1.955   -6.163  20.964  1.00 26.16  ? 21  LYS A NZ  1 
ATOM   172  N N   . VAL A 1 22  ? -2.008  -2.064  16.325  1.00 19.41  ? 22  VAL A N   1 
ATOM   173  C CA  . VAL A 1 22  ? -2.753  -0.906  16.837  1.00 20.47  ? 22  VAL A CA  1 
ATOM   174  C C   . VAL A 1 22  ? -4.142  -0.799  16.210  1.00 21.89  ? 22  VAL A C   1 
ATOM   175  O O   . VAL A 1 22  ? -5.043  -0.178  16.786  1.00 24.78  ? 22  VAL A O   1 
ATOM   176  C CB  . VAL A 1 22  ? -1.943  0.406   16.711  1.00 21.97  ? 22  VAL A CB  1 
ATOM   177  C CG1 . VAL A 1 22  ? -0.570  0.269   17.381  1.00 20.98  ? 22  VAL A CG1 1 
ATOM   178  C CG2 . VAL A 1 22  ? -1.802  0.883   15.256  1.00 23.26  ? 22  VAL A CG2 1 
ATOM   179  N N   . LEU A 1 23  ? -4.322  -1.400  15.023  1.00 21.49  ? 23  LEU A N   1 
ATOM   180  C CA  . LEU A 1 23  ? -5.626  -1.476  14.370  1.00 22.03  ? 23  LEU A CA  1 
ATOM   181  C C   . LEU A 1 23  ? -6.485  -2.604  14.934  1.00 22.50  ? 23  LEU A C   1 
ATOM   182  O O   . LEU A 1 23  ? -7.636  -2.771  14.522  1.00 24.03  ? 23  LEU A O   1 
ATOM   183  C CB  . LEU A 1 23  ? -5.487  -1.616  12.821  1.00 22.52  ? 23  LEU A CB  1 
ATOM   184  C CG  . LEU A 1 23  ? -4.989  -0.370  12.068  1.00 22.70  ? 23  LEU A CG  1 
ATOM   185  C CD1 . LEU A 1 23  ? -4.570  -0.664  10.626  1.00 22.56  ? 23  LEU A CD1 1 
ATOM   186  C CD2 . LEU A 1 23  ? -6.012  0.789   12.102  1.00 24.25  ? 23  LEU A CD2 1 
ATOM   187  N N   . GLY A 1 24  ? -5.941  -3.392  15.846  1.00 21.90  ? 24  GLY A N   1 
ATOM   188  C CA  . GLY A 1 24  ? -6.720  -4.413  16.541  1.00 23.01  ? 24  GLY A CA  1 
ATOM   189  C C   . GLY A 1 24  ? -6.829  -5.761  15.873  1.00 24.13  ? 24  GLY A C   1 
ATOM   190  O O   . GLY A 1 24  ? -7.693  -6.574  16.227  1.00 24.59  ? 24  GLY A O   1 
ATOM   191  N N   . VAL A 1 25  ? -5.950  -6.048  14.929  1.00 20.95  ? 25  VAL A N   1 
ATOM   192  C CA  . VAL A 1 25  ? -6.072  -7.279  14.222  1.00 21.90  ? 25  VAL A CA  1 
ATOM   193  C C   . VAL A 1 25  ? -5.709  -8.377  15.203  1.00 24.16  ? 25  VAL A C   1 
ATOM   194  O O   . VAL A 1 25  ? -4.748  -8.292  15.958  1.00 23.87  ? 25  VAL A O   1 
ATOM   195  C CB  . VAL A 1 25  ? -5.188  -7.291  12.963  1.00 20.55  ? 25  VAL A CB  1 
ATOM   196  C CG1 . VAL A 1 25  ? -5.174  -8.658  12.322  1.00 19.56  ? 25  VAL A CG1 1 
ATOM   197  C CG2 . VAL A 1 25  ? -5.660  -6.184  12.017  1.00 20.18  ? 25  VAL A CG2 1 
ATOM   198  N N   . ASN A 1 26  ? -6.562  -9.381  15.206  1.00 28.67  ? 26  ASN A N   1 
ATOM   199  C CA  . ASN A 1 26  ? -6.402  -10.543 16.006  1.00 30.33  ? 26  ASN A CA  1 
ATOM   200  C C   . ASN A 1 26  ? -5.004  -11.129 15.807  1.00 31.06  ? 26  ASN A C   1 
ATOM   201  O O   . ASN A 1 26  ? -4.604  -11.416 14.679  1.00 27.13  ? 26  ASN A O   1 
ATOM   202  C CB  . ASN A 1 26  ? -7.493  -11.517 15.575  1.00 32.94  ? 26  ASN A CB  1 
ATOM   203  C CG  . ASN A 1 26  ? -7.318  -12.867 16.170  1.00 36.35  ? 26  ASN A CG  1 
ATOM   204  O OD1 . ASN A 1 26  ? -6.473  -13.650 15.713  1.00 34.19  ? 26  ASN A OD1 1 
ATOM   205  N ND2 . ASN A 1 26  ? -8.132  -13.173 17.191  1.00 38.63  ? 26  ASN A ND2 1 
ATOM   206  N N   . VAL A 1 27  ? -4.290  -11.320 16.912  1.00 30.59  ? 27  VAL A N   1 
ATOM   207  C CA  . VAL A 1 27  ? -2.949  -11.898 16.916  1.00 30.18  ? 27  VAL A CA  1 
ATOM   208  C C   . VAL A 1 27  ? -2.747  -13.185 16.066  1.00 31.20  ? 27  VAL A C   1 
ATOM   209  O O   . VAL A 1 27  ? -1.687  -13.346 15.467  1.00 27.52  ? 27  VAL A O   1 
ATOM   210  C CB  . VAL A 1 27  ? -2.481  -12.131 18.381  1.00 33.28  ? 27  VAL A CB  1 
ATOM   211  C CG1 . VAL A 1 27  ? -3.354  -13.178 19.075  1.00 35.34  ? 27  VAL A CG1 1 
ATOM   212  C CG2 . VAL A 1 27  ? -1.003  -12.526 18.446  1.00 33.33  ? 27  VAL A CG2 1 
ATOM   213  N N   . MET A 1 28  ? -3.742  -14.090 16.001  1.00 31.23  ? 28  MET A N   1 
ATOM   214  C CA  . MET A 1 28  ? -3.644  -15.310 15.148  1.00 30.87  ? 28  MET A CA  1 
ATOM   215  C C   . MET A 1 28  ? -3.659  -14.954 13.661  1.00 24.83  ? 28  MET A C   1 
ATOM   216  O O   . MET A 1 28  ? -2.823  -15.431 12.890  1.00 21.79  ? 28  MET A O   1 
ATOM   217  C CB  . MET A 1 28  ? -4.667  -16.411 15.546  1.00 37.00  ? 28  MET A CB  1 
ATOM   218  C CG  . MET A 1 28  ? -6.104  -16.408 15.001  1.00 46.88  ? 28  MET A CG  1 
ATOM   219  S SD  . MET A 1 28  ? -7.394  -16.721 16.271  1.00 54.15  ? 28  MET A SD  1 
ATOM   220  C CE  . MET A 1 28  ? -6.958  -18.364 16.851  1.00 47.48  ? 28  MET A CE  1 
ATOM   221  N N   . LEU A 1 29  ? -4.516  -14.018 13.291  1.00 21.42  ? 29  LEU A N   1 
ATOM   222  C CA  . LEU A 1 29  ? -4.550  -13.537 11.919  1.00 22.72  ? 29  LEU A CA  1 
ATOM   223  C C   . LEU A 1 29  ? -3.332  -12.649 11.640  1.00 20.84  ? 29  LEU A C   1 
ATOM   224  O O   . LEU A 1 29  ? -2.808  -12.677 10.563  1.00 18.61  ? 29  LEU A O   1 
ATOM   225  C CB  . LEU A 1 29  ? -5.852  -12.769 11.650  1.00 23.60  ? 29  LEU A CB  1 
ATOM   226  C CG  . LEU A 1 29  ? -7.123  -13.601 11.752  1.00 24.90  ? 29  LEU A CG  1 
ATOM   227  C CD1 . LEU A 1 29  ? -8.311  -12.781 11.294  1.00 25.10  ? 29  LEU A CD1 1 
ATOM   228  C CD2 . LEU A 1 29  ? -6.982  -14.854 10.892  1.00 26.57  ? 29  LEU A CD2 1 
ATOM   229  N N   . ARG A 1 30  ? -2.883  -11.894 12.634  1.00 20.21  ? 30  ARG A N   1 
ATOM   230  C CA  . ARG A 1 30  ? -1.751  -10.981 12.454  1.00 19.46  ? 30  ARG A CA  1 
ATOM   231  C C   . ARG A 1 30  ? -0.494  -11.730 12.064  1.00 17.80  ? 30  ARG A C   1 
ATOM   232  O O   . ARG A 1 30  ? 0.172   -11.326 11.170  1.00 17.39  ? 30  ARG A O   1 
ATOM   233  C CB  . ARG A 1 30  ? -1.516  -10.170 13.732  1.00 19.68  ? 30  ARG A CB  1 
ATOM   234  C CG  . ARG A 1 30  ? -0.823  -8.860  13.496  1.00 20.59  ? 30  ARG A CG  1 
ATOM   235  C CD  . ARG A 1 30  ? -0.773  -8.035  14.753  1.00 21.12  ? 30  ARG A CD  1 
ATOM   236  N NE  . ARG A 1 30  ? 0.020   -8.644  15.826  1.00 23.37  ? 30  ARG A NE  1 
ATOM   237  C CZ  . ARG A 1 30  ? -0.363  -8.817  17.101  1.00 23.32  ? 30  ARG A CZ  1 
ATOM   238  N NH1 . ARG A 1 30  ? -1.592  -8.507  17.522  1.00 23.52  ? 30  ARG A NH1 1 
ATOM   239  N NH2 . ARG A 1 30  ? 0.516   -9.324  17.971  1.00 22.08  ? 30  ARG A NH2 1 
ATOM   240  N N   . LYS A 1 31  ? -0.222  -12.860 12.676  1.00 19.19  ? 31  LYS A N   1 
ATOM   241  C CA  A LYS A 1 31  ? 0.999   -13.622 12.362  0.50 19.80  ? 31  LYS A CA  1 
ATOM   242  C CA  B LYS A 1 31  ? 0.973   -13.668 12.367  0.50 20.02  ? 31  LYS A CA  1 
ATOM   243  C C   . LYS A 1 31  ? 0.973   -14.192 10.931  1.00 20.17  ? 31  LYS A C   1 
ATOM   244  O O   . LYS A 1 31  ? 2.037   -14.258 10.258  1.00 19.60  ? 31  LYS A O   1 
ATOM   245  C CB  A LYS A 1 31  ? 1.219   -14.760 13.363  0.50 21.34  ? 31  LYS A CB  1 
ATOM   246  C CB  B LYS A 1 31  ? 1.037   -14.878 13.292  0.50 21.82  ? 31  LYS A CB  1 
ATOM   247  C CG  A LYS A 1 31  ? 1.406   -14.328 14.811  0.50 22.51  ? 31  LYS A CG  1 
ATOM   248  C CG  B LYS A 1 31  ? 1.329   -14.540 14.732  0.50 23.40  ? 31  LYS A CG  1 
ATOM   249  C CD  A LYS A 1 31  ? 2.404   -13.196 14.998  0.50 22.94  ? 31  LYS A CD  1 
ATOM   250  C CD  B LYS A 1 31  ? 0.845   -15.654 15.632  0.50 24.16  ? 31  LYS A CD  1 
ATOM   251  C CE  A LYS A 1 31  ? 2.416   -12.760 16.457  0.50 23.54  ? 31  LYS A CE  1 
ATOM   252  C CE  B LYS A 1 31  ? 1.733   -15.734 16.853  0.50 25.07  ? 31  LYS A CE  1 
ATOM   253  N NZ  A LYS A 1 31  ? 3.599   -11.929 16.774  0.50 23.93  ? 31  LYS A NZ  1 
ATOM   254  N NZ  B LYS A 1 31  ? 1.590   -17.081 17.440  0.50 25.29  ? 31  LYS A NZ  1 
ATOM   255  N N   . ILE A 1 32  ? -0.220  -14.609 10.475  1.00 20.27  ? 32  ILE A N   1 
ATOM   256  C CA  . ILE A 1 32  ? -0.414  -15.080 9.077   1.00 18.28  ? 32  ILE A CA  1 
ATOM   257  C C   . ILE A 1 32  ? -0.223  -13.866 8.156   1.00 15.46  ? 32  ILE A C   1 
ATOM   258  O O   . ILE A 1 32  ? 0.520   -13.947 7.229   1.00 15.16  ? 32  ILE A O   1 
ATOM   259  C CB  . ILE A 1 32  ? -1.775  -15.752 8.827   1.00 19.37  ? 32  ILE A CB  1 
ATOM   260  C CG1 . ILE A 1 32  ? -1.943  -17.041 9.655   1.00 20.49  ? 32  ILE A CG1 1 
ATOM   261  C CG2 . ILE A 1 32  ? -1.911  -16.127 7.351   1.00 18.64  ? 32  ILE A CG2 1 
ATOM   262  C CD1 . ILE A 1 32  ? -3.383  -17.428 9.868   1.00 20.15  ? 32  ILE A CD1 1 
ATOM   263  N N   . ALA A 1 33  ? -0.813  -12.718 8.467   1.00 14.92  ? 33  ALA A N   1 
ATOM   264  C CA  . ALA A 1 33  ? -0.678  -11.515 7.624   1.00 15.08  ? 33  ALA A CA  1 
ATOM   265  C C   . ALA A 1 33  ? 0.777   -11.024 7.491   1.00 17.45  ? 33  ALA A C   1 
ATOM   266  O O   . ALA A 1 33  ? 1.228   -10.641 6.384   1.00 16.11  ? 33  ALA A O   1 
ATOM   267  C CB  . ALA A 1 33  ? -1.548  -10.393 8.168   1.00 14.65  ? 33  ALA A CB  1 
ATOM   268  N N   . VAL A 1 34  ? 1.521   -11.063 8.604   1.00 17.92  ? 34  VAL A N   1 
ATOM   269  C CA  . VAL A 1 34  ? 2.903   -10.621 8.620   1.00 19.73  ? 34  VAL A CA  1 
ATOM   270  C C   . VAL A 1 34  ? 3.772   -11.530 7.775   1.00 19.49  ? 34  VAL A C   1 
ATOM   271  O O   . VAL A 1 34  ? 4.584   -11.045 6.978   1.00 19.49  ? 34  VAL A O   1 
ATOM   272  C CB  . VAL A 1 34  ? 3.438   -10.441 10.046  1.00 20.23  ? 34  VAL A CB  1 
ATOM   273  C CG1 . VAL A 1 34  ? 4.934   -10.187 10.054  1.00 21.96  ? 34  VAL A CG1 1 
ATOM   274  C CG2 . VAL A 1 34  ? 2.721   -9.273  10.674  1.00 20.80  ? 34  VAL A CG2 1 
ATOM   275  N N   . ALA A 1 35  ? 3.586   -12.827 7.930   1.00 20.70  ? 35  ALA A N   1 
ATOM   276  C CA  . ALA A 1 35  ? 4.384   -13.787 7.194   1.00 21.23  ? 35  ALA A CA  1 
ATOM   277  C C   . ALA A 1 35  ? 4.105   -13.726 5.681   1.00 21.89  ? 35  ALA A C   1 
ATOM   278  O O   . ALA A 1 35  ? 5.037   -13.800 4.881   1.00 23.15  ? 35  ALA A O   1 
ATOM   279  C CB  . ALA A 1 35  ? 4.115   -15.168 7.737   1.00 22.50  ? 35  ALA A CB  1 
ATOM   280  N N   . ALA A 1 36  ? 2.833   -13.552 5.306   1.00 21.22  ? 36  ALA A N   1 
ATOM   281  C CA  . ALA A 1 36  ? 2.428   -13.417 3.906   1.00 21.43  ? 36  ALA A CA  1 
ATOM   282  C C   . ALA A 1 36  ? 2.981   -12.123 3.287   1.00 20.32  ? 36  ALA A C   1 
ATOM   283  O O   . ALA A 1 36  ? 3.514   -12.120 2.157   1.00 20.07  ? 36  ALA A O   1 
ATOM   284  C CB  . ALA A 1 36  ? 0.913   -13.460 3.800   1.00 21.60  ? 36  ALA A CB  1 
ATOM   285  N N   . ALA A 1 37  ? 2.931   -11.051 4.071   1.00 18.57  ? 37  ALA A N   1 
ATOM   286  C CA  . ALA A 1 37  ? 3.470   -9.760  3.678   1.00 17.60  ? 37  ALA A CA  1 
ATOM   287  C C   . ALA A 1 37  ? 4.982   -9.709  3.602   1.00 17.88  ? 37  ALA A C   1 
ATOM   288  O O   . ALA A 1 37  ? 5.506   -8.776  3.039   1.00 17.92  ? 37  ALA A O   1 
ATOM   289  C CB  . ALA A 1 37  ? 2.965   -8.672  4.605   1.00 17.77  ? 37  ALA A CB  1 
ATOM   290  N N   . SER A 1 38  ? 5.700   -10.690 4.133   1.00 19.81  ? 38  SER A N   1 
ATOM   291  C CA  . SER A 1 38  ? 7.151   -10.692 4.034   1.00 21.44  ? 38  SER A CA  1 
ATOM   292  C C   . SER A 1 38  ? 7.675   -11.000 2.618   1.00 22.32  ? 38  SER A C   1 
ATOM   293  O O   . SER A 1 38  ? 8.830   -10.652 2.321   1.00 22.66  ? 38  SER A O   1 
ATOM   294  C CB  . SER A 1 38  ? 7.753   -11.681 5.028   1.00 22.40  ? 38  SER A CB  1 
ATOM   295  O OG  . SER A 1 38  ? 7.540   -13.003 4.585   1.00 24.43  ? 38  SER A OG  1 
ATOM   296  N N   . LYS A 1 39  ? 6.847   -11.650 1.784   1.00 21.63  ? 39  LYS A N   1 
ATOM   297  C CA  . LYS A 1 39  ? 7.206   -12.047 0.412   1.00 23.39  ? 39  LYS A CA  1 
ATOM   298  C C   . LYS A 1 39  ? 6.078   -11.824 -0.632  1.00 20.14  ? 39  LYS A C   1 
ATOM   299  O O   . LYS A 1 39  ? 5.701   -12.734 -1.345  1.00 19.35  ? 39  LYS A O   1 
ATOM   300  C CB  . LYS A 1 39  ? 7.700   -13.505 0.402   1.00 25.92  ? 39  LYS A CB  1 
ATOM   301  C CG  . LYS A 1 39  ? 6.721   -14.454 1.048   1.00 30.47  ? 39  LYS A CG  1 
ATOM   302  C CD  . LYS A 1 39  ? 7.104   -15.896 0.841   1.00 32.89  ? 39  LYS A CD  1 
ATOM   303  C CE  . LYS A 1 39  ? 6.009   -16.769 1.438   1.00 36.40  ? 39  LYS A CE  1 
ATOM   304  N NZ  . LYS A 1 39  ? 6.390   -18.214 1.411   1.00 38.26  ? 39  LYS A NZ  1 
ATOM   305  N N   . PRO A 1 40  ? 5.564   -10.586 -0.756  1.00 18.30  ? 40  PRO A N   1 
ATOM   306  C CA  . PRO A 1 40  ? 4.535   -10.341 -1.737  1.00 17.17  ? 40  PRO A CA  1 
ATOM   307  C C   . PRO A 1 40  ? 5.082   -10.273 -3.177  1.00 17.20  ? 40  PRO A C   1 
ATOM   308  O O   . PRO A 1 40  ? 6.284   -10.044 -3.393  1.00 16.08  ? 40  PRO A O   1 
ATOM   309  C CB  . PRO A 1 40  ? 4.020   -8.962  -1.336  1.00 17.10  ? 40  PRO A CB  1 
ATOM   310  C CG  . PRO A 1 40  ? 5.203   -8.256  -0.823  1.00 18.24  ? 40  PRO A CG  1 
ATOM   311  C CD  . PRO A 1 40  ? 6.130   -9.315  -0.261  1.00 18.45  ? 40  PRO A CD  1 
ATOM   312  N N   . ALA A 1 41  ? 4.195   -10.465 -4.140  1.00 17.16  ? 41  ALA A N   1 
ATOM   313  C CA  . ALA A 1 41  ? 4.517   -10.283 -5.544  1.00 17.42  ? 41  ALA A CA  1 
ATOM   314  C C   . ALA A 1 41  ? 3.796   -9.032  -5.905  1.00 16.61  ? 41  ALA A C   1 
ATOM   315  O O   . ALA A 1 41  ? 2.601   -8.971  -5.732  1.00 17.26  ? 41  ALA A O   1 
ATOM   316  C CB  . ALA A 1 41  ? 3.993   -11.437 -6.367  1.00 18.74  ? 41  ALA A CB  1 
ATOM   317  N N   . VAL A 1 42  ? 4.522   -8.035  -6.394  1.00 15.63  ? 42  VAL A N   1 
ATOM   318  C CA  . VAL A 1 42  ? 3.968   -6.712  -6.716  1.00 14.96  ? 42  VAL A CA  1 
ATOM   319  C C   . VAL A 1 42  ? 4.182   -6.468  -8.217  1.00 15.50  ? 42  VAL A C   1 
ATOM   320  O O   . VAL A 1 42  ? 5.299   -6.700  -8.729  1.00 16.24  ? 42  VAL A O   1 
ATOM   321  C CB  . VAL A 1 42  ? 4.583   -5.604  -5.859  1.00 14.81  ? 42  VAL A CB  1 
ATOM   322  C CG1 . VAL A 1 42  ? 4.031   -4.236  -6.239  1.00 15.24  ? 42  VAL A CG1 1 
ATOM   323  C CG2 . VAL A 1 42  ? 4.297   -5.841  -4.380  1.00 15.53  ? 42  VAL A CG2 1 
ATOM   324  N N   . GLU A 1 43  ? 3.108   -6.075  -8.897  1.00 14.73  ? 43  GLU A N   1 
ATOM   325  C CA  . GLU A 1 43  ? 3.129   -5.722  -10.311 1.00 17.37  ? 43  GLU A CA  1 
ATOM   326  C C   . GLU A 1 43  ? 2.448   -4.387  -10.463 1.00 15.46  ? 43  GLU A C   1 
ATOM   327  O O   . GLU A 1 43  ? 1.329   -4.216  -9.994  1.00 15.30  ? 43  GLU A O   1 
ATOM   328  C CB  . GLU A 1 43  ? 2.385   -6.728  -11.177 1.00 20.76  ? 43  GLU A CB  1 
ATOM   329  C CG  . GLU A 1 43  ? 2.434   -6.387  -12.674 1.00 26.74  ? 43  GLU A CG  1 
ATOM   330  C CD  . GLU A 1 43  ? 1.498   -7.236  -13.532 1.00 33.71  ? 43  GLU A CD  1 
ATOM   331  O OE1 . GLU A 1 43  ? 0.511   -7.820  -12.992 1.00 43.97  ? 43  GLU A OE1 1 
ATOM   332  O OE2 . GLU A 1 43  ? 1.744   -7.314  -14.762 1.00 39.64  ? 43  GLU A OE2 1 
ATOM   333  N N   . ILE A 1 44  ? 3.113   -3.461  -11.130 1.00 14.77  ? 44  ILE A N   1 
ATOM   334  C CA  . ILE A 1 44  ? 2.526   -2.128  -11.444 1.00 15.09  ? 44  ILE A CA  1 
ATOM   335  C C   . ILE A 1 44  ? 2.546   -1.885  -12.958 1.00 15.54  ? 44  ILE A C   1 
ATOM   336  O O   . ILE A 1 44  ? 3.526   -2.212  -13.622 1.00 14.95  ? 44  ILE A O   1 
ATOM   337  C CB  . ILE A 1 44  ? 3.238   -0.996  -10.671 1.00 14.84  ? 44  ILE A CB  1 
ATOM   338  C CG1 . ILE A 1 44  ? 3.118   -1.264  -9.161  1.00 14.78  ? 44  ILE A CG1 1 
ATOM   339  C CG2 . ILE A 1 44  ? 2.753   0.404   -11.092 1.00 14.18  ? 44  ILE A CG2 1 
ATOM   340  C CD1 . ILE A 1 44  ? 3.771   -0.217  -8.308  1.00 14.88  ? 44  ILE A CD1 1 
ATOM   341  N N   . LYS A 1 45  ? 1.449   -1.376  -13.493 1.00 15.97  ? 45  LYS A N   1 
ATOM   342  C CA  . LYS A 1 45  ? 1.407   -0.898  -14.869 1.00 17.73  ? 45  LYS A CA  1 
ATOM   343  C C   . LYS A 1 45  ? 0.881   0.509   -14.816 1.00 17.94  ? 45  LYS A C   1 
ATOM   344  O O   . LYS A 1 45  ? -0.255  0.728   -14.380 1.00 18.74  ? 45  LYS A O   1 
ATOM   345  C CB  . LYS A 1 45  ? 0.469   -1.719  -15.738 1.00 20.87  ? 45  LYS A CB  1 
ATOM   346  C CG  . LYS A 1 45  ? 0.836   -3.175  -15.896 1.00 22.56  ? 45  LYS A CG  1 
ATOM   347  C CD  . LYS A 1 45  ? -0.348  -3.880  -16.569 1.00 26.21  ? 45  LYS A CD  1 
ATOM   348  C CE  . LYS A 1 45  ? -0.160  -5.378  -16.690 1.00 29.62  ? 45  LYS A CE  1 
ATOM   349  N NZ  . LYS A 1 45  ? 1.110   -5.684  -17.414 1.00 32.83  ? 45  LYS A NZ  1 
ATOM   350  N N   . GLN A 1 46  ? 1.695   1.462   -15.249 1.00 17.05  ? 46  GLN A N   1 
ATOM   351  C CA  . GLN A 1 46  ? 1.335   2.860   -15.180 1.00 17.58  ? 46  GLN A CA  1 
ATOM   352  C C   . GLN A 1 46  ? 1.395   3.392   -16.565 1.00 19.08  ? 46  GLN A C   1 
ATOM   353  O O   . GLN A 1 46  ? 2.384   3.203   -17.242 1.00 18.02  ? 46  GLN A O   1 
ATOM   354  C CB  . GLN A 1 46  ? 2.294   3.624   -14.299 1.00 18.12  ? 46  GLN A CB  1 
ATOM   355  C CG  . GLN A 1 46  ? 2.012   5.124   -14.208 1.00 18.41  ? 46  GLN A CG  1 
ATOM   356  C CD  . GLN A 1 46  ? 3.090   5.869   -13.472 1.00 18.43  ? 46  GLN A CD  1 
ATOM   357  O OE1 . GLN A 1 46  ? 3.868   5.285   -12.758 1.00 19.14  ? 46  GLN A OE1 1 
ATOM   358  N NE2 . GLN A 1 46  ? 3.094   7.178   -13.603 1.00 19.05  ? 46  GLN A NE2 1 
ATOM   359  N N   . GLU A 1 47  ? 0.320   4.065   -16.962 1.00 22.04  ? 47  GLU A N   1 
ATOM   360  C CA  . GLU A 1 47  ? 0.216   4.783   -18.236 1.00 24.79  ? 47  GLU A CA  1 
ATOM   361  C C   . GLU A 1 47  ? -0.319  6.177   -17.937 1.00 22.72  ? 47  GLU A C   1 
ATOM   362  O O   . GLU A 1 47  ? -1.500  6.378   -17.827 1.00 22.72  ? 47  GLU A O   1 
ATOM   363  C CB  . GLU A 1 47  ? -0.716  3.997   -19.152 1.00 28.27  ? 47  GLU A CB  1 
ATOM   364  C CG  . GLU A 1 47  ? -0.242  2.556   -19.358 1.00 31.76  ? 47  GLU A CG  1 
ATOM   365  C CD  . GLU A 1 47  ? -1.330  1.590   -19.755 1.00 36.34  ? 47  GLU A CD  1 
ATOM   366  O OE1 . GLU A 1 47  ? -2.036  1.852   -20.762 1.00 39.87  ? 47  GLU A OE1 1 
ATOM   367  O OE2 . GLU A 1 47  ? -1.454  0.558   -19.056 1.00 39.41  ? 47  GLU A OE2 1 
ATOM   368  N N   . GLY A 1 48  ? 0.576   7.128   -17.745 1.00 23.65  ? 48  GLY A N   1 
ATOM   369  C CA  . GLY A 1 48  ? 0.192   8.468   -17.339 1.00 24.30  ? 48  GLY A CA  1 
ATOM   370  C C   . GLY A 1 48  ? -0.325  8.504   -15.915 1.00 24.50  ? 48  GLY A C   1 
ATOM   371  O O   . GLY A 1 48  ? 0.367   8.160   -14.983 1.00 25.60  ? 48  GLY A O   1 
ATOM   372  N N   . ASP A 1 49  ? -1.549  8.956   -15.748 1.00 25.89  ? 49  ASP A N   1 
ATOM   373  C CA  . ASP A 1 49  ? -2.179  9.019   -14.438 1.00 25.84  ? 49  ASP A CA  1 
ATOM   374  C C   . ASP A 1 49  ? -3.014  7.743   -14.173 1.00 25.57  ? 49  ASP A C   1 
ATOM   375  O O   . ASP A 1 49  ? -3.646  7.611   -13.094 1.00 22.67  ? 49  ASP A O   1 
ATOM   376  C CB  . ASP A 1 49  ? -3.040  10.302  -14.345 1.00 28.24  ? 49  ASP A CB  1 
ATOM   377  C CG  . ASP A 1 49  ? -2.262  11.533  -13.804 1.00 31.72  ? 49  ASP A CG  1 
ATOM   378  O OD1 . ASP A 1 49  ? -1.099  11.407  -13.357 1.00 32.69  ? 49  ASP A OD1 1 
ATOM   379  O OD2 . ASP A 1 49  ? -2.838  12.659  -13.803 1.00 37.19  ? 49  ASP A OD2 1 
ATOM   380  N N   . THR A 1 50  ? -3.034  6.813   -15.144 1.00 23.41  ? 50  THR A N   1 
ATOM   381  C CA  . THR A 1 50  ? -3.729  5.523   -14.981 1.00 24.57  ? 50  THR A CA  1 
ATOM   382  C C   . THR A 1 50  ? -2.773  4.466   -14.412 1.00 21.83  ? 50  THR A C   1 
ATOM   383  O O   . THR A 1 50  ? -1.686  4.229   -14.983 1.00 20.65  ? 50  THR A O   1 
ATOM   384  C CB  . THR A 1 50  ? -4.349  5.011   -16.311 1.00 25.34  ? 50  THR A CB  1 
ATOM   385  O OG1 . THR A 1 50  ? -4.990  6.106   -16.984 1.00 26.91  ? 50  THR A OG1 1 
ATOM   386  C CG2 . THR A 1 50  ? -5.378  3.877   -16.046 1.00 26.55  ? 50  THR A CG2 1 
ATOM   387  N N   . PHE A 1 51  ? -3.209  3.839   -13.312 1.00 20.90  ? 51  PHE A N   1 
ATOM   388  C CA  . PHE A 1 51  ? -2.437  2.843   -12.572 1.00 20.35  ? 51  PHE A CA  1 
ATOM   389  C C   . PHE A 1 51  ? -3.170  1.544   -12.417 1.00 20.14  ? 51  PHE A C   1 
ATOM   390  O O   . PHE A 1 51  ? -4.356  1.524   -12.069 1.00 22.21  ? 51  PHE A O   1 
ATOM   391  C CB  . PHE A 1 51  ? -2.088  3.331   -11.155 1.00 19.95  ? 51  PHE A CB  1 
ATOM   392  C CG  . PHE A 1 51  ? -1.015  4.358   -11.124 1.00 20.01  ? 51  PHE A CG  1 
ATOM   393  C CD1 . PHE A 1 51  ? -1.310  5.697   -11.331 1.00 20.32  ? 51  PHE A CD1 1 
ATOM   394  C CD2 . PHE A 1 51  ? 0.303   3.989   -10.910 1.00 21.44  ? 51  PHE A CD2 1 
ATOM   395  C CE1 . PHE A 1 51  ? -0.309  6.656   -11.313 1.00 21.79  ? 51  PHE A CE1 1 
ATOM   396  C CE2 . PHE A 1 51  ? 1.305   4.936   -10.908 1.00 21.57  ? 51  PHE A CE2 1 
ATOM   397  C CZ  . PHE A 1 51  ? 1.005   6.267   -11.111 1.00 21.45  ? 51  PHE A CZ  1 
ATOM   398  N N   . TYR A 1 52  ? -2.443  0.462   -12.646 1.00 17.91  ? 52  TYR A N   1 
ATOM   399  C CA  . TYR A 1 52  ? -2.830  -0.866  -12.225 1.00 18.24  ? 52  TYR A CA  1 
ATOM   400  C C   . TYR A 1 52  ? -1.780  -1.315  -11.202 1.00 17.02  ? 52  TYR A C   1 
ATOM   401  O O   . TYR A 1 52  ? -0.581  -1.354  -11.543 1.00 15.10  ? 52  TYR A O   1 
ATOM   402  C CB  . TYR A 1 52  ? -2.828  -1.784  -13.444 1.00 20.06  ? 52  TYR A CB  1 
ATOM   403  C CG  . TYR A 1 52  ? -2.964  -3.240  -13.111 1.00 20.80  ? 52  TYR A CG  1 
ATOM   404  C CD1 . TYR A 1 52  ? -4.216  -3.794  -12.890 1.00 23.74  ? 52  TYR A CD1 1 
ATOM   405  C CD2 . TYR A 1 52  ? -1.851  -4.056  -13.027 1.00 23.10  ? 52  TYR A CD2 1 
ATOM   406  C CE1 . TYR A 1 52  ? -4.359  -5.124  -12.566 1.00 24.39  ? 52  TYR A CE1 1 
ATOM   407  C CE2 . TYR A 1 52  ? -1.972  -5.395  -12.707 1.00 24.72  ? 52  TYR A CE2 1 
ATOM   408  C CZ  . TYR A 1 52  ? -3.248  -5.917  -12.496 1.00 26.21  ? 52  TYR A CZ  1 
ATOM   409  O OH  . TYR A 1 52  ? -3.406  -7.237  -12.176 1.00 29.68  ? 52  TYR A OH  1 
ATOM   410  N N   . ILE A 1 53  ? -2.218  -1.644  -9.979  1.00 15.36  ? 53  ILE A N   1 
ATOM   411  C CA  . ILE A 1 53  ? -1.341  -2.068  -8.921  1.00 15.83  ? 53  ILE A CA  1 
ATOM   412  C C   . ILE A 1 53  ? -1.873  -3.378  -8.348  1.00 16.14  ? 53  ILE A C   1 
ATOM   413  O O   . ILE A 1 53  ? -2.987  -3.401  -7.794  1.00 15.16  ? 53  ILE A O   1 
ATOM   414  C CB  . ILE A 1 53  ? -1.160  -1.021  -7.788  1.00 16.96  ? 53  ILE A CB  1 
ATOM   415  C CG1 . ILE A 1 53  ? -0.589  0.304   -8.332  1.00 16.94  ? 53  ILE A CG1 1 
ATOM   416  C CG2 . ILE A 1 53  ? -0.182  -1.570  -6.741  1.00 17.26  ? 53  ILE A CG2 1 
ATOM   417  C CD1 . ILE A 1 53  ? -0.471  1.416   -7.306  1.00 17.90  ? 53  ILE A CD1 1 
ATOM   418  N N   . LYS A 1 54  ? -1.107  -4.466  -8.517  1.00 15.37  ? 54  LYS A N   1 
ATOM   419  C CA  . LYS A 1 54  ? -1.495  -5.767  -8.015  1.00 16.90  ? 54  LYS A CA  1 
ATOM   420  C C   . LYS A 1 54  ? -0.472  -6.192  -6.973  1.00 16.44  ? 54  LYS A C   1 
ATOM   421  O O   . LYS A 1 54  ? 0.707   -6.404  -7.311  1.00 17.25  ? 54  LYS A O   1 
ATOM   422  C CB  . LYS A 1 54  ? -1.579  -6.812  -9.141  1.00 18.73  ? 54  LYS A CB  1 
ATOM   423  C CG  . LYS A 1 54  ? -2.014  -8.202  -8.638  1.00 21.17  ? 54  LYS A CG  1 
ATOM   424  C CD  . LYS A 1 54  ? -2.205  -9.281  -9.728  1.00 21.88  ? 54  LYS A CD  1 
ATOM   425  C CE  . LYS A 1 54  ? -3.062  -10.391 -9.149  1.00 23.51  ? 54  LYS A CE  1 
ATOM   426  N NZ  . LYS A 1 54  ? -3.357  -11.521 -10.081 1.00 26.43  ? 54  LYS A NZ  1 
ATOM   427  N N   . THR A 1 55  ? -0.898  -6.328  -5.723  1.00 15.95  ? 55  THR A N   1 
ATOM   428  C CA  . THR A 1 55  ? -0.061  -6.903  -4.675  1.00 16.83  ? 55  THR A CA  1 
ATOM   429  C C   . THR A 1 55  ? -0.629  -8.249  -4.277  1.00 17.38  ? 55  THR A C   1 
ATOM   430  O O   . THR A 1 55  ? -1.751  -8.276  -3.764  1.00 14.38  ? 55  THR A O   1 
ATOM   431  C CB  . THR A 1 55  ? -0.011  -5.996  -3.433  1.00 18.44  ? 55  THR A CB  1 
ATOM   432  O OG1 . THR A 1 55  ? 0.579   -4.745  -3.809  1.00 19.32  ? 55  THR A OG1 1 
ATOM   433  C CG2 . THR A 1 55  ? 0.833   -6.648  -2.324  1.00 17.40  ? 55  THR A CG2 1 
ATOM   434  N N   . SER A 1 56  ? 0.130   -9.332  -4.536  1.00 17.34  ? 56  SER A N   1 
ATOM   435  C CA  . SER A 1 56  ? -0.329  -10.705 -4.323  1.00 20.02  ? 56  SER A CA  1 
ATOM   436  C C   . SER A 1 56  ? 0.381   -11.418 -3.188  1.00 19.55  ? 56  SER A C   1 
ATOM   437  O O   . SER A 1 56  ? 1.605   -11.369 -3.123  1.00 18.24  ? 56  SER A O   1 
ATOM   438  C CB  . SER A 1 56  ? -0.122  -11.571 -5.577  1.00 21.53  ? 56  SER A CB  1 
ATOM   439  O OG  . SER A 1 56  ? -0.689  -10.966 -6.720  1.00 26.67  ? 56  SER A OG  1 
ATOM   440  N N   . THR A 1 57  ? -0.411  -12.061 -2.319  1.00 20.93  ? 57  THR A N   1 
ATOM   441  C CA  . THR A 1 57  ? 0.040   -13.079 -1.353  1.00 22.88  ? 57  THR A CA  1 
ATOM   442  C C   . THR A 1 57  ? -1.088  -14.115 -1.336  1.00 23.45  ? 57  THR A C   1 
ATOM   443  O O   . THR A 1 57  ? -2.226  -13.809 -1.709  1.00 26.66  ? 57  THR A O   1 
ATOM   444  C CB  . THR A 1 57  ? 0.238   -12.519 0.089   1.00 22.84  ? 57  THR A CB  1 
ATOM   445  O OG1 . THR A 1 57  ? -1.044  -12.240 0.682   1.00 22.11  ? 57  THR A OG1 1 
ATOM   446  C CG2 . THR A 1 57  ? 1.040   -11.233 0.117   1.00 21.86  ? 57  THR A CG2 1 
ATOM   447  N N   . THR A 1 58  ? -0.812  -15.327 -0.909  1.00 25.28  ? 58  THR A N   1 
ATOM   448  C CA  . THR A 1 58  ? -1.836  -16.387 -0.961  1.00 26.78  ? 58  THR A CA  1 
ATOM   449  C C   . THR A 1 58  ? -3.108  -16.043 -0.217  1.00 26.21  ? 58  THR A C   1 
ATOM   450  O O   . THR A 1 58  ? -4.208  -16.482 -0.657  1.00 28.99  ? 58  THR A O   1 
ATOM   451  C CB  . THR A 1 58  ? -1.389  -17.706 -0.331  1.00 27.69  ? 58  THR A CB  1 
ATOM   452  O OG1 . THR A 1 58  ? -1.129  -17.491 1.062   1.00 31.55  ? 58  THR A OG1 1 
ATOM   453  C CG2 . THR A 1 58  ? -0.164  -18.267 -1.034  1.00 28.32  ? 58  THR A CG2 1 
ATOM   454  N N   . VAL A 1 59  ? -2.946  -15.315 0.905   1.00 21.33  ? 59  VAL A N   1 
ATOM   455  C CA  . VAL A 1 59  ? -4.022  -15.040 1.823   1.00 19.37  ? 59  VAL A CA  1 
ATOM   456  C C   . VAL A 1 59  ? -4.632  -13.680 1.567   1.00 18.54  ? 59  VAL A C   1 
ATOM   457  O O   . VAL A 1 59  ? -5.661  -13.371 2.144   1.00 17.07  ? 59  VAL A O   1 
ATOM   458  C CB  . VAL A 1 59  ? -3.602  -15.251 3.331   1.00 20.45  ? 59  VAL A CB  1 
ATOM   459  C CG1 . VAL A 1 59  ? -3.182  -16.711 3.587   1.00 19.53  ? 59  VAL A CG1 1 
ATOM   460  C CG2 . VAL A 1 59  ? -2.460  -14.309 3.780   1.00 20.76  ? 59  VAL A CG2 1 
ATOM   461  N N   . ARG A 1 60  ? -4.047  -12.867 0.677   1.00 17.70  ? 60  ARG A N   1 
ATOM   462  C CA  . ARG A 1 60  ? -4.642  -11.555 0.336   1.00 17.85  ? 60  ARG A CA  1 
ATOM   463  C C   . ARG A 1 60  ? -4.015  -10.982 -0.906  1.00 17.73  ? 60  ARG A C   1 
ATOM   464  O O   . ARG A 1 60  ? -2.795  -10.773 -0.976  1.00 18.16  ? 60  ARG A O   1 
ATOM   465  C CB  . ARG A 1 60  ? -4.492  -10.548 1.477   1.00 19.54  ? 60  ARG A CB  1 
ATOM   466  C CG  . ARG A 1 60  ? -5.538  -9.451  1.423   1.00 21.70  ? 60  ARG A CG  1 
ATOM   467  C CD  . ARG A 1 60  ? -5.044  -8.209  2.069   1.00 24.33  ? 60  ARG A CD  1 
ATOM   468  N NE  . ARG A 1 60  ? -6.016  -7.113  2.073   1.00 26.65  ? 60  ARG A NE  1 
ATOM   469  C CZ  . ARG A 1 60  ? -5.898  -6.004  2.806   1.00 29.34  ? 60  ARG A CZ  1 
ATOM   470  N NH1 . ARG A 1 60  ? -4.846  -5.840  3.614   1.00 30.18  ? 60  ARG A NH1 1 
ATOM   471  N NH2 . ARG A 1 60  ? -6.850  -5.066  2.765   1.00 29.64  ? 60  ARG A NH2 1 
ATOM   472  N N   . THR A 1 61  ? -4.854  -10.761 -1.898  1.00 17.77  ? 61  THR A N   1 
ATOM   473  C CA  . THR A 1 61  ? -4.480  -10.145 -3.158  1.00 18.17  ? 61  THR A CA  1 
ATOM   474  C C   . THR A 1 61  ? -5.314  -8.851  -3.257  1.00 20.27  ? 61  THR A C   1 
ATOM   475  O O   . THR A 1 61  ? -6.524  -8.836  -2.970  1.00 19.71  ? 61  THR A O   1 
ATOM   476  C CB  . THR A 1 61  ? -4.676  -11.080 -4.348  1.00 18.78  ? 61  THR A CB  1 
ATOM   477  O OG1 . THR A 1 61  ? -3.719  -12.176 -4.250  1.00 20.88  ? 61  THR A OG1 1 
ATOM   478  C CG2 . THR A 1 61  ? -4.454  -10.317 -5.638  1.00 17.90  ? 61  THR A CG2 1 
ATOM   479  N N   . THR A 1 62  ? -4.631  -7.746  -3.526  1.00 19.22  ? 62  THR A N   1 
ATOM   480  C CA  . THR A 1 62  ? -5.292  -6.471  -3.735  1.00 21.33  ? 62  THR A CA  1 
ATOM   481  C C   . THR A 1 62  ? -4.933  -6.072  -5.154  1.00 21.95  ? 62  THR A C   1 
ATOM   482  O O   . THR A 1 62  ? -3.778  -6.216  -5.605  1.00 20.44  ? 62  THR A O   1 
ATOM   483  C CB  . THR A 1 62  ? -5.017  -5.402  -2.650  1.00 23.30  ? 62  THR A CB  1 
ATOM   484  O OG1 . THR A 1 62  ? -3.630  -5.038  -2.586  1.00 25.70  ? 62  THR A OG1 1 
ATOM   485  C CG2 . THR A 1 62  ? -5.464  -5.896  -1.237  1.00 23.58  ? 62  THR A CG2 1 
ATOM   486  N N   . GLU A 1 63  ? -5.959  -5.657  -5.879  1.00 22.58  ? 63  GLU A N   1 
ATOM   487  C CA  . GLU A 1 63  ? -5.838  -5.372  -7.298  1.00 24.51  ? 63  GLU A CA  1 
ATOM   488  C C   . GLU A 1 63  ? -6.703  -4.128  -7.558  1.00 24.64  ? 63  GLU A C   1 
ATOM   489  O O   . GLU A 1 63  ? -7.911  -4.183  -7.472  1.00 23.74  ? 63  GLU A O   1 
ATOM   490  C CB  . GLU A 1 63  ? -6.285  -6.605  -8.088  1.00 27.22  ? 63  GLU A CB  1 
ATOM   491  C CG  . GLU A 1 63  ? -5.784  -6.645  -9.505  1.00 30.36  ? 63  GLU A CG  1 
ATOM   492  C CD  . GLU A 1 63  ? -6.336  -7.805  -10.308 1.00 32.97  ? 63  GLU A CD  1 
ATOM   493  O OE1 . GLU A 1 63  ? -6.803  -8.809  -9.722  1.00 33.11  ? 63  GLU A OE1 1 
ATOM   494  O OE2 . GLU A 1 63  ? -6.311  -7.704  -11.551 1.00 34.14  ? 63  GLU A OE2 1 
ATOM   495  N N   . ILE A 1 64  ? -6.048  -2.991  -7.760  1.00 23.58  ? 64  ILE A N   1 
ATOM   496  C CA  . ILE A 1 64  ? -6.707  -1.686  -7.937  1.00 23.11  ? 64  ILE A CA  1 
ATOM   497  C C   . ILE A 1 64  ? -6.289  -1.118  -9.286  1.00 23.80  ? 64  ILE A C   1 
ATOM   498  O O   . ILE A 1 64  ? -5.136  -1.272  -9.722  1.00 20.17  ? 64  ILE A O   1 
ATOM   499  C CB  . ILE A 1 64  ? -6.393  -0.688  -6.805  1.00 22.44  ? 64  ILE A CB  1 
ATOM   500  C CG1 . ILE A 1 64  ? -4.890  -0.413  -6.636  1.00 21.65  ? 64  ILE A CG1 1 
ATOM   501  C CG2 . ILE A 1 64  ? -6.968  -1.183  -5.483  1.00 24.44  ? 64  ILE A CG2 1 
ATOM   502  C CD1 . ILE A 1 64  ? -4.617  0.704   -5.630  1.00 21.89  ? 64  ILE A CD1 1 
ATOM   503  N N   . ASN A 1 65  ? -7.262  -0.545  -9.972  1.00 24.41  ? 65  ASN A N   1 
ATOM   504  C CA  . ASN A 1 65  ? -7.085  -0.037  -11.307 1.00 26.13  ? 65  ASN A CA  1 
ATOM   505  C C   . ASN A 1 65  ? -7.748  1.324   -11.273 1.00 25.07  ? 65  ASN A C   1 
ATOM   506  O O   . ASN A 1 65  ? -8.974  1.430   -11.290 1.00 24.72  ? 65  ASN A O   1 
ATOM   507  C CB  . ASN A 1 65  ? -7.747  -0.993  -12.304 1.00 29.25  ? 65  ASN A CB  1 
ATOM   508  C CG  . ASN A 1 65  ? -7.074  -0.979  -13.639 1.00 33.78  ? 65  ASN A CG  1 
ATOM   509  O OD1 . ASN A 1 65  ? -6.289  -0.060  -13.955 1.00 43.30  ? 65  ASN A OD1 1 
ATOM   510  N ND2 . ASN A 1 65  ? -7.362  -1.995  -14.451 1.00 36.63  ? 65  ASN A ND2 1 
ATOM   511  N N   . PHE A 1 66  ? -6.952  2.353   -11.078 1.00 22.84  ? 66  PHE A N   1 
ATOM   512  C CA  . PHE A 1 66  ? -7.498  3.664   -10.772 1.00 21.57  ? 66  PHE A CA  1 
ATOM   513  C C   . PHE A 1 66  ? -6.805  4.689   -11.597 1.00 22.37  ? 66  PHE A C   1 
ATOM   514  O O   . PHE A 1 66  ? -5.703  4.441   -12.142 1.00 21.51  ? 66  PHE A O   1 
ATOM   515  C CB  . PHE A 1 66  ? -7.301  3.989   -9.299  1.00 21.12  ? 66  PHE A CB  1 
ATOM   516  C CG  . PHE A 1 66  ? -5.856  4.159   -8.882  1.00 20.69  ? 66  PHE A CG  1 
ATOM   517  C CD1 . PHE A 1 66  ? -5.102  3.065   -8.451  1.00 19.42  ? 66  PHE A CD1 1 
ATOM   518  C CD2 . PHE A 1 66  ? -5.241  5.438   -8.873  1.00 20.96  ? 66  PHE A CD2 1 
ATOM   519  C CE1 . PHE A 1 66  ? -3.803  3.238   -8.036  1.00 18.29  ? 66  PHE A CE1 1 
ATOM   520  C CE2 . PHE A 1 66  ? -3.928  5.597   -8.452  1.00 20.00  ? 66  PHE A CE2 1 
ATOM   521  C CZ  . PHE A 1 66  ? -3.207  4.494   -8.047  1.00 18.78  ? 66  PHE A CZ  1 
ATOM   522  N N   . LYS A 1 67  ? -7.452  5.844   -11.690 1.00 21.81  ? 67  LYS A N   1 
ATOM   523  C CA  . LYS A 1 67  ? -6.852  7.013   -12.291 1.00 23.64  ? 67  LYS A CA  1 
ATOM   524  C C   . LYS A 1 67  ? -6.620  8.021   -11.182 1.00 21.64  ? 67  LYS A C   1 
ATOM   525  O O   . LYS A 1 67  ? -7.518  8.275   -10.350 1.00 18.49  ? 67  LYS A O   1 
ATOM   526  C CB  . LYS A 1 67  ? -7.757  7.560   -13.408 1.00 26.04  ? 67  LYS A CB  1 
ATOM   527  C CG  . LYS A 1 67  ? -7.116  8.649   -14.270 1.00 30.17  ? 67  LYS A CG  1 
ATOM   528  C CD  . LYS A 1 67  ? -7.539  8.501   -15.735 1.00 32.59  ? 67  LYS A CD  1 
ATOM   529  C CE  . LYS A 1 67  ? -7.586  9.832   -16.451 1.00 35.28  ? 67  LYS A CE  1 
ATOM   530  N NZ  . LYS A 1 67  ? -8.101  9.574   -17.813 1.00 37.54  ? 67  LYS A NZ  1 
ATOM   531  N N   . VAL A 1 68  ? -5.413  8.583   -11.148 1.00 21.75  ? 68  VAL A N   1 
ATOM   532  C CA  . VAL A 1 68  ? -5.089  9.651   -10.192 1.00 24.18  ? 68  VAL A CA  1 
ATOM   533  C C   . VAL A 1 68  ? -6.160  10.735  -10.299 1.00 24.34  ? 68  VAL A C   1 
ATOM   534  O O   . VAL A 1 68  ? -6.469  11.143  -11.397 1.00 27.83  ? 68  VAL A O   1 
ATOM   535  C CB  . VAL A 1 68  ? -3.718  10.294  -10.463 1.00 23.70  ? 68  VAL A CB  1 
ATOM   536  C CG1 . VAL A 1 68  ? -3.597  11.629  -9.702  1.00 24.75  ? 68  VAL A CG1 1 
ATOM   537  C CG2 . VAL A 1 68  ? -2.590  9.346   -10.104 1.00 22.53  ? 68  VAL A CG2 1 
ATOM   538  N N   . GLY A 1 69  ? -6.741  11.156  -9.174  1.00 23.87  ? 69  GLY A N   1 
ATOM   539  C CA  . GLY A 1 69  ? -7.809  12.162  -9.148  1.00 23.12  ? 69  GLY A CA  1 
ATOM   540  C C   . GLY A 1 69  ? -9.240  11.668  -9.373  1.00 24.59  ? 69  GLY A C   1 
ATOM   541  O O   . GLY A 1 69  ? -10.146 12.482  -9.563  1.00 23.31  ? 69  GLY A O   1 
ATOM   542  N N   . GLU A 1 70  ? -9.439  10.348  -9.423  1.00 22.75  ? 70  GLU A N   1 
ATOM   543  C CA  . GLU A 1 70  ? -10.758 9.789   -9.537  1.00 25.31  ? 70  GLU A CA  1 
ATOM   544  C C   . GLU A 1 70  ? -10.881 8.818   -8.356  1.00 27.10  ? 70  GLU A C   1 
ATOM   545  O O   . GLU A 1 70  ? -9.942  8.076   -8.052  1.00 24.92  ? 70  GLU A O   1 
ATOM   546  C CB  . GLU A 1 70  ? -10.994 9.147   -10.932 1.00 26.34  ? 70  GLU A CB  1 
ATOM   547  C CG  . GLU A 1 70  ? -10.741 10.167  -12.063 1.00 28.43  ? 70  GLU A CG  1 
ATOM   548  C CD  . GLU A 1 70  ? -10.953 9.668   -13.490 1.00 30.54  ? 70  GLU A CD  1 
ATOM   549  O OE1 . GLU A 1 70  ? -11.303 8.482   -13.722 1.00 30.98  ? 70  GLU A OE1 1 
ATOM   550  O OE2 . GLU A 1 70  ? -10.744 10.507  -14.404 1.00 31.96  ? 70  GLU A OE2 1 
ATOM   551  N N   . GLU A 1 71  ? -12.036 8.835   -7.692  1.00 29.00  ? 71  GLU A N   1 
ATOM   552  C CA  . GLU A 1 71  ? -12.228 8.016   -6.506  1.00 31.80  ? 71  GLU A CA  1 
ATOM   553  C C   . GLU A 1 71  ? -12.449 6.539   -6.904  1.00 26.38  ? 71  GLU A C   1 
ATOM   554  O O   . GLU A 1 71  ? -12.984 6.250   -7.973  1.00 23.56  ? 71  GLU A O   1 
ATOM   555  C CB  . GLU A 1 71  ? -13.368 8.582   -5.626  1.00 41.61  ? 71  GLU A CB  1 
ATOM   556  C CG  . GLU A 1 71  ? -12.964 8.866   -4.164  1.00 45.23  ? 71  GLU A CG  1 
ATOM   557  C CD  . GLU A 1 71  ? -13.988 9.698   -3.396  1.00 48.18  ? 71  GLU A CD  1 
ATOM   558  O OE1 . GLU A 1 71  ? -15.211 9.438   -3.520  1.00 47.42  ? 71  GLU A OE1 1 
ATOM   559  O OE2 . GLU A 1 71  ? -13.558 10.640  -2.687  1.00 49.89  ? 71  GLU A OE2 1 
ATOM   560  N N   . PHE A 1 72  ? -11.943 5.621   -6.080  1.00 23.78  ? 72  PHE A N   1 
ATOM   561  C CA  . PHE A 1 72  ? -12.169 4.185   -6.253  1.00 23.42  ? 72  PHE A CA  1 
ATOM   562  C C   . PHE A 1 72  ? -12.394 3.464   -4.897  1.00 24.15  ? 72  PHE A C   1 
ATOM   563  O O   . PHE A 1 72  ? -12.100 4.007   -3.832  1.00 25.10  ? 72  PHE A O   1 
ATOM   564  C CB  . PHE A 1 72  ? -11.037 3.526   -7.028  1.00 22.15  ? 72  PHE A CB  1 
ATOM   565  C CG  . PHE A 1 72  ? -9.685  3.606   -6.359  1.00 22.02  ? 72  PHE A CG  1 
ATOM   566  C CD1 . PHE A 1 72  ? -8.925  4.788   -6.423  1.00 22.05  ? 72  PHE A CD1 1 
ATOM   567  C CD2 . PHE A 1 72  ? -9.133  2.485   -5.719  1.00 21.83  ? 72  PHE A CD2 1 
ATOM   568  C CE1 . PHE A 1 72  ? -7.672  4.861   -5.822  1.00 22.34  ? 72  PHE A CE1 1 
ATOM   569  C CE2 . PHE A 1 72  ? -7.886  2.552   -5.117  1.00 22.33  ? 72  PHE A CE2 1 
ATOM   570  C CZ  . PHE A 1 72  ? -7.151  3.747   -5.157  1.00 22.58  ? 72  PHE A CZ  1 
ATOM   571  N N   . GLU A 1 73  ? -12.902 2.239   -4.963  1.00 24.91  ? 73  GLU A N   1 
ATOM   572  C CA  . GLU A 1 73  ? -13.157 1.445   -3.759  1.00 27.41  ? 73  GLU A CA  1 
ATOM   573  C C   . GLU A 1 73  ? -11.998 0.496   -3.540  1.00 24.11  ? 73  GLU A C   1 
ATOM   574  O O   . GLU A 1 73  ? -11.567 -0.163  -4.459  1.00 23.00  ? 73  GLU A O   1 
ATOM   575  C CB  . GLU A 1 73  ? -14.490 0.687   -3.887  1.00 30.07  ? 73  GLU A CB  1 
ATOM   576  C CG  . GLU A 1 73  ? -14.910 -0.016  -2.609  1.00 34.87  ? 73  GLU A CG  1 
ATOM   577  C CD  . GLU A 1 73  ? -16.342 -0.544  -2.647  1.00 38.35  ? 73  GLU A CD  1 
ATOM   578  O OE1 . GLU A 1 73  ? -17.271 0.214   -3.029  1.00 38.40  ? 73  GLU A OE1 1 
ATOM   579  O OE2 . GLU A 1 73  ? -16.540 -1.718  -2.255  1.00 44.70  ? 73  GLU A OE2 1 
ATOM   580  N N   . GLU A 1 74  ? -11.459 0.456   -2.326  1.00 24.65  ? 74  GLU A N   1 
ATOM   581  C CA  . GLU A 1 74  ? -10.565 -0.656  -1.931  1.00 21.83  ? 74  GLU A CA  1 
ATOM   582  C C   . GLU A 1 74  ? -10.843 -1.075  -0.456  1.00 21.69  ? 74  GLU A C   1 
ATOM   583  O O   . GLU A 1 74  ? -11.940 -0.836  0.071   1.00 20.77  ? 74  GLU A O   1 
ATOM   584  C CB  . GLU A 1 74  ? -9.109  -0.293  -2.211  1.00 20.78  ? 74  GLU A CB  1 
ATOM   585  C CG  . GLU A 1 74  ? -8.615  0.990   -1.586  1.00 22.07  ? 74  GLU A CG  1 
ATOM   586  C CD  . GLU A 1 74  ? -7.081  1.133   -1.630  1.00 22.89  ? 74  GLU A CD  1 
ATOM   587  O OE1 . GLU A 1 74  ? -6.392  0.121   -1.868  1.00 22.58  ? 74  GLU A OE1 1 
ATOM   588  O OE2 . GLU A 1 74  ? -6.556  2.250   -1.395  1.00 20.86  ? 74  GLU A OE2 1 
ATOM   589  N N   . GLN A 1 75  ? -9.888  -1.743  0.183   1.00 20.41  ? 75  GLN A N   1 
ATOM   590  C CA  . GLN A 1 75  ? -9.982  -2.010  1.613   1.00 20.07  ? 75  GLN A CA  1 
ATOM   591  C C   . GLN A 1 75  ? -8.837  -1.299  2.285   1.00 19.00  ? 75  GLN A C   1 
ATOM   592  O O   . GLN A 1 75  ? -7.765  -1.153  1.695   1.00 17.07  ? 75  GLN A O   1 
ATOM   593  C CB  . GLN A 1 75  ? -9.869  -3.508  1.881   1.00 22.15  ? 75  GLN A CB  1 
ATOM   594  C CG  . GLN A 1 75  ? -11.166 -4.285  1.650   1.00 23.57  ? 75  GLN A CG  1 
ATOM   595  C CD  . GLN A 1 75  ? -11.078 -5.737  2.117   1.00 24.96  ? 75  GLN A CD  1 
ATOM   596  O OE1 . GLN A 1 75  ? -10.045 -6.202  2.572   1.00 26.39  ? 75  GLN A OE1 1 
ATOM   597  N NE2 . GLN A 1 75  ? -12.177 -6.441  2.027   1.00 26.45  ? 75  GLN A NE2 1 
ATOM   598  N N   . THR A 1 76  ? -9.040  -0.874  3.521   1.00 17.22  ? 76  THR A N   1 
ATOM   599  C CA  . THR A 1 76  ? -7.906  -0.504  4.367   1.00 17.84  ? 76  THR A CA  1 
ATOM   600  C C   . THR A 1 76  ? -6.933  -1.711  4.599   1.00 17.48  ? 76  THR A C   1 
ATOM   601  O O   . THR A 1 76  ? -7.222  -2.859  4.267   1.00 17.77  ? 76  THR A O   1 
ATOM   602  C CB  . THR A 1 76  ? -8.365  0.060   5.747   1.00 17.44  ? 76  THR A CB  1 
ATOM   603  O OG1 . THR A 1 76  ? -9.146  -0.919  6.426   1.00 18.20  ? 76  THR A OG1 1 
ATOM   604  C CG2 . THR A 1 76  ? -9.197  1.320   5.570   1.00 18.46  ? 76  THR A CG2 1 
ATOM   605  N N   . VAL A 1 77  ? -5.772  -1.424  5.146   1.00 18.10  ? 77  VAL A N   1 
ATOM   606  C CA  . VAL A 1 77  ? -4.772  -2.467  5.415   1.00 19.56  ? 77  VAL A CA  1 
ATOM   607  C C   . VAL A 1 77  ? -5.341  -3.601  6.310   1.00 20.17  ? 77  VAL A C   1 
ATOM   608  O O   . VAL A 1 77  ? -4.958  -4.774  6.139   1.00 19.57  ? 77  VAL A O   1 
ATOM   609  C CB  . VAL A 1 77  ? -3.472  -1.834  5.990   1.00 19.38  ? 77  VAL A CB  1 
ATOM   610  C CG1 . VAL A 1 77  ? -3.727  -1.191  7.333   1.00 19.45  ? 77  VAL A CG1 1 
ATOM   611  C CG2 . VAL A 1 77  ? -2.343  -2.843  6.054   1.00 19.78  ? 77  VAL A CG2 1 
ATOM   612  N N   . ASP A 1 78  ? -6.237  -3.234  7.243   1.00 20.44  ? 78  ASP A N   1 
ATOM   613  C CA  . ASP A 1 78  ? -6.863  -4.175  8.177   1.00 22.43  ? 78  ASP A CA  1 
ATOM   614  C C   . ASP A 1 78  ? -8.189  -4.732  7.674   1.00 21.76  ? 78  ASP A C   1 
ATOM   615  O O   . ASP A 1 78  ? -8.888  -5.400  8.433   1.00 22.47  ? 78  ASP A O   1 
ATOM   616  C CB  . ASP A 1 78  ? -7.044  -3.569  9.583   1.00 21.99  ? 78  ASP A CB  1 
ATOM   617  C CG  . ASP A 1 78  ? -7.953  -2.363  9.596   1.00 23.99  ? 78  ASP A CG  1 
ATOM   618  O OD1 . ASP A 1 78  ? -7.722  -1.419  8.788   1.00 25.77  ? 78  ASP A OD1 1 
ATOM   619  O OD2 . ASP A 1 78  ? -8.885  -2.337  10.422  1.00 25.13  ? 78  ASP A OD2 1 
ATOM   620  N N   . GLY A 1 79  ? -8.547  -4.452  6.426   1.00 21.36  ? 79  GLY A N   1 
ATOM   621  C CA  . GLY A 1 79  ? -9.636  -5.183  5.754   1.00 22.87  ? 79  GLY A CA  1 
ATOM   622  C C   . GLY A 1 79  ? -11.021 -4.557  5.715   1.00 23.63  ? 79  GLY A C   1 
ATOM   623  O O   . GLY A 1 79  ? -11.982 -5.247  5.389   1.00 26.81  ? 79  GLY A O   1 
ATOM   624  N N   . ARG A 1 80  ? -11.116 -3.254  5.984   1.00 24.50  ? 80  ARG A N   1 
ATOM   625  C CA  . ARG A 1 80  ? -12.404 -2.525  6.057   1.00 24.98  ? 80  ARG A CA  1 
ATOM   626  C C   . ARG A 1 80  ? -12.640 -1.791  4.763   1.00 26.83  ? 80  ARG A C   1 
ATOM   627  O O   . ARG A 1 80  ? -11.702 -1.177  4.266   1.00 23.68  ? 80  ARG A O   1 
ATOM   628  C CB  . ARG A 1 80  ? -12.341 -1.503  7.177   1.00 28.11  ? 80  ARG A CB  1 
ATOM   629  C CG  . ARG A 1 80  ? -12.018 -2.156  8.518   1.00 30.38  ? 80  ARG A CG  1 
ATOM   630  C CD  . ARG A 1 80  ? -12.063 -1.153  9.638   1.00 33.58  ? 80  ARG A CD  1 
ATOM   631  N NE  . ARG A 1 80  ? -13.426 -0.669  9.835   1.00 38.61  ? 80  ARG A NE  1 
ATOM   632  C CZ  . ARG A 1 80  ? -13.790 0.211   10.775  1.00 43.04  ? 80  ARG A CZ  1 
ATOM   633  N NH1 . ARG A 1 80  ? -12.892 0.718   11.615  1.00 45.32  ? 80  ARG A NH1 1 
ATOM   634  N NH2 . ARG A 1 80  ? -15.067 0.583   10.887  1.00 42.47  ? 80  ARG A NH2 1 
ATOM   635  N N   . PRO A 1 81  ? -13.877 -1.826  4.206   1.00 25.99  ? 81  PRO A N   1 
ATOM   636  C CA  . PRO A 1 81  ? -14.055 -1.216  2.874   1.00 25.16  ? 81  PRO A CA  1 
ATOM   637  C C   . PRO A 1 81  ? -13.919 0.286   2.944   1.00 23.01  ? 81  PRO A C   1 
ATOM   638  O O   . PRO A 1 81  ? -14.373 0.897   3.895   1.00 23.44  ? 81  PRO A O   1 
ATOM   639  C CB  . PRO A 1 81  ? -15.491 -1.611  2.477   1.00 26.01  ? 81  PRO A CB  1 
ATOM   640  C CG  . PRO A 1 81  ? -15.881 -2.690  3.433   1.00 28.19  ? 81  PRO A CG  1 
ATOM   641  C CD  . PRO A 1 81  ? -15.123 -2.434  4.695   1.00 26.58  ? 81  PRO A CD  1 
ATOM   642  N N   . CYS A 1 82  ? -13.266 0.882   1.963   1.00 22.30  ? 82  CYS A N   1 
ATOM   643  C CA  . CYS A 1 82  ? -13.114 2.338   1.939   1.00 21.04  ? 82  CYS A CA  1 
ATOM   644  C C   . CYS A 1 82  ? -13.219 2.884   0.520   1.00 21.82  ? 82  CYS A C   1 
ATOM   645  O O   . CYS A 1 82  ? -13.090 2.125   -0.449  1.00 21.04  ? 82  CYS A O   1 
ATOM   646  C CB  . CYS A 1 82  ? -11.772 2.742   2.539   1.00 21.52  ? 82  CYS A CB  1 
ATOM   647  S SG  . CYS A 1 82  ? -10.298 2.157   1.673   1.00 22.19  ? 82  CYS A SG  1 
ATOM   648  N N   . LYS A 1 83  ? -13.438 4.191   0.439   1.00 23.79  ? 83  LYS A N   1 
ATOM   649  C CA  . LYS A 1 83  ? -13.259 4.956   -0.780  1.00 26.68  ? 83  LYS A CA  1 
ATOM   650  C C   . LYS A 1 83  ? -11.921 5.644   -0.745  1.00 24.18  ? 83  LYS A C   1 
ATOM   651  O O   . LYS A 1 83  ? -11.583 6.296   0.226   1.00 23.78  ? 83  LYS A O   1 
ATOM   652  C CB  . LYS A 1 83  ? -14.361 6.001   -0.932  1.00 30.78  ? 83  LYS A CB  1 
ATOM   653  C CG  . LYS A 1 83  ? -14.577 6.384   -2.387  1.00 35.58  ? 83  LYS A CG  1 
ATOM   654  C CD  . LYS A 1 83  ? -15.373 5.339   -3.162  1.00 39.87  ? 83  LYS A CD  1 
ATOM   655  C CE  . LYS A 1 83  ? -15.574 5.742   -4.618  1.00 42.76  ? 83  LYS A CE  1 
ATOM   656  N NZ  . LYS A 1 83  ? -16.503 4.831   -5.364  1.00 44.81  ? 83  LYS A NZ  1 
ATOM   657  N N   . SER A 1 84  ? -11.168 5.516   -1.837  1.00 23.65  ? 84  SER A N   1 
ATOM   658  C CA  . SER A 1 84  ? -9.800  6.030   -1.908  1.00 22.29  ? 84  SER A CA  1 
ATOM   659  C C   . SER A 1 84  ? -9.685  7.052   -3.013  1.00 21.52  ? 84  SER A C   1 
ATOM   660  O O   . SER A 1 84  ? -10.418 6.993   -3.989  1.00 20.23  ? 84  SER A O   1 
ATOM   661  C CB  . SER A 1 84  ? -8.850  4.875   -2.167  1.00 23.48  ? 84  SER A CB  1 
ATOM   662  O OG  . SER A 1 84  ? -8.804  4.039   -1.036  1.00 23.67  ? 84  SER A OG  1 
ATOM   663  N N   . LEU A 1 85  ? -8.796  8.018   -2.815  1.00 21.31  ? 85  LEU A N   1 
ATOM   664  C CA  . LEU A 1 85  ? -8.558  9.083   -3.764  1.00 21.72  ? 85  LEU A CA  1 
ATOM   665  C C   . LEU A 1 85  ? -7.080  9.385   -3.790  1.00 19.38  ? 85  LEU A C   1 
ATOM   666  O O   . LEU A 1 85  ? -6.512  9.843   -2.782  1.00 17.46  ? 85  LEU A O   1 
ATOM   667  C CB  . LEU A 1 85  ? -9.331  10.363  -3.353  1.00 22.35  ? 85  LEU A CB  1 
ATOM   668  C CG  . LEU A 1 85  ? -9.076  11.642  -4.192  1.00 23.60  ? 85  LEU A CG  1 
ATOM   669  C CD1 . LEU A 1 85  ? -9.318  11.396  -5.666  1.00 25.15  ? 85  LEU A CD1 1 
ATOM   670  C CD2 . LEU A 1 85  ? -9.965  12.775  -3.706  1.00 24.47  ? 85  LEU A CD2 1 
ATOM   671  N N   . VAL A 1 86  ? -6.462  9.176   -4.950  1.00 18.93  ? 86  VAL A N   1 
ATOM   672  C CA  . VAL A 1 86  ? -5.031  9.390   -5.090  1.00 18.52  ? 86  VAL A CA  1 
ATOM   673  C C   . VAL A 1 86  ? -4.787  10.735  -5.774  1.00 20.14  ? 86  VAL A C   1 
ATOM   674  O O   . VAL A 1 86  ? -5.471  11.096  -6.740  1.00 19.33  ? 86  VAL A O   1 
ATOM   675  C CB  . VAL A 1 86  ? -4.359  8.240   -5.864  1.00 18.84  ? 86  VAL A CB  1 
ATOM   676  C CG1 . VAL A 1 86  ? -2.861  8.496   -6.043  1.00 18.60  ? 86  VAL A CG1 1 
ATOM   677  C CG2 . VAL A 1 86  ? -4.577  6.896   -5.166  1.00 19.32  ? 86  VAL A CG2 1 
ATOM   678  N N   . LYS A 1 87  ? -3.801  11.460  -5.249  1.00 23.50  ? 87  LYS A N   1 
ATOM   679  C CA  . LYS A 1 87  ? -3.286  12.692  -5.833  1.00 26.29  ? 87  LYS A CA  1 
ATOM   680  C C   . LYS A 1 87  ? -1.759  12.720  -5.762  1.00 25.17  ? 87  LYS A C   1 
ATOM   681  O O   . LYS A 1 87  ? -1.151  12.028  -4.962  1.00 23.93  ? 87  LYS A O   1 
ATOM   682  C CB  . LYS A 1 87  ? -3.925  13.886  -5.122  1.00 29.58  ? 87  LYS A CB  1 
ATOM   683  C CG  . LYS A 1 87  ? -5.439  13.918  -5.374  1.00 33.43  ? 87  LYS A CG  1 
ATOM   684  C CD  . LYS A 1 87  ? -6.049  15.293  -5.268  1.00 37.14  ? 87  LYS A CD  1 
ATOM   685  C CE  . LYS A 1 87  ? -5.902  15.840  -3.849  1.00 42.28  ? 87  LYS A CE  1 
ATOM   686  N NZ  . LYS A 1 87  ? -6.371  17.265  -3.784  1.00 45.85  ? 87  LYS A NZ  1 
ATOM   687  N N   . TRP A 1 88  ? -1.139  13.476  -6.656  1.00 24.06  ? 88  TRP A N   1 
ATOM   688  C CA  . TRP A 1 88  ? 0.300   13.678  -6.607  1.00 24.09  ? 88  TRP A CA  1 
ATOM   689  C C   . TRP A 1 88  ? 0.581   14.729  -5.582  1.00 26.89  ? 88  TRP A C   1 
ATOM   690  O O   . TRP A 1 88  ? -0.008  15.806  -5.643  1.00 30.57  ? 88  TRP A O   1 
ATOM   691  C CB  . TRP A 1 88  ? 0.841   14.138  -7.957  1.00 22.22  ? 88  TRP A CB  1 
ATOM   692  C CG  . TRP A 1 88  ? 0.778   13.079  -9.006  1.00 21.96  ? 88  TRP A CG  1 
ATOM   693  C CD1 . TRP A 1 88  ? -0.097  13.017  -10.048 1.00 22.74  ? 88  TRP A CD1 1 
ATOM   694  C CD2 . TRP A 1 88  ? 1.631   11.935  -9.134  1.00 20.85  ? 88  TRP A CD2 1 
ATOM   695  N NE1 . TRP A 1 88  ? 0.157   11.916  -10.820 1.00 22.10  ? 88  TRP A NE1 1 
ATOM   696  C CE2 . TRP A 1 88  ? 1.208   11.226  -10.274 1.00 22.13  ? 88  TRP A CE2 1 
ATOM   697  C CE3 . TRP A 1 88  ? 2.695   11.431  -8.385  1.00 21.00  ? 88  TRP A CE3 1 
ATOM   698  C CZ2 . TRP A 1 88  ? 1.815   10.029  -10.689 1.00 22.47  ? 88  TRP A CZ2 1 
ATOM   699  C CZ3 . TRP A 1 88  ? 3.317   10.258  -8.804  1.00 22.04  ? 88  TRP A CZ3 1 
ATOM   700  C CH2 . TRP A 1 88  ? 2.868   9.569   -9.954  1.00 21.58  ? 88  TRP A CH2 1 
ATOM   701  N N   . GLU A 1 89  ? 1.467   14.439  -4.636  1.00 28.33  ? 89  GLU A N   1 
ATOM   702  C CA  . GLU A 1 89  ? 1.818   15.408  -3.585  1.00 32.47  ? 89  GLU A CA  1 
ATOM   703  C C   . GLU A 1 89  ? 2.934   16.290  -4.107  1.00 32.64  ? 89  GLU A C   1 
ATOM   704  O O   . GLU A 1 89  ? 2.901   17.509  -3.957  1.00 29.49  ? 89  GLU A O   1 
ATOM   705  C CB  . GLU A 1 89  ? 2.245   14.695  -2.289  1.00 36.21  ? 89  GLU A CB  1 
ATOM   706  C CG  . GLU A 1 89  ? 3.097   15.545  -1.338  1.00 42.36  ? 89  GLU A CG  1 
ATOM   707  C CD  . GLU A 1 89  ? 2.739   15.372  0.136   1.00 48.24  ? 89  GLU A CD  1 
ATOM   708  O OE1 . GLU A 1 89  ? 2.898   14.249  0.681   1.00 50.26  ? 89  GLU A OE1 1 
ATOM   709  O OE2 . GLU A 1 89  ? 2.314   16.394  0.747   1.00 52.39  ? 89  GLU A OE2 1 
ATOM   710  N N   . SER A 1 90  ? 3.936   15.624  -4.677  1.00 31.16  ? 90  SER A N   1 
ATOM   711  C CA  . SER A 1 90  ? 5.046   16.237  -5.364  1.00 29.36  ? 90  SER A CA  1 
ATOM   712  C C   . SER A 1 90  ? 5.230   15.511  -6.722  1.00 30.65  ? 90  SER A C   1 
ATOM   713  O O   . SER A 1 90  ? 4.350   14.756  -7.165  1.00 29.70  ? 90  SER A O   1 
ATOM   714  C CB  . SER A 1 90  ? 6.268   16.103  -4.487  1.00 28.59  ? 90  SER A CB  1 
ATOM   715  O OG  . SER A 1 90  ? 6.635   14.754  -4.343  1.00 28.83  ? 90  SER A OG  1 
ATOM   716  N N   . GLU A 1 91  ? 6.365   15.751  -7.366  1.00 30.56  ? 91  GLU A N   1 
ATOM   717  C CA  . GLU A 1 91  ? 6.686   15.209  -8.681  1.00 32.64  ? 91  GLU A CA  1 
ATOM   718  C C   . GLU A 1 91  ? 6.885   13.726  -8.663  1.00 31.11  ? 91  GLU A C   1 
ATOM   719  O O   . GLU A 1 91  ? 6.581   13.094  -9.675  1.00 31.78  ? 91  GLU A O   1 
ATOM   720  C CB  . GLU A 1 91  ? 7.993   15.803  -9.244  1.00 35.83  ? 91  GLU A CB  1 
ATOM   721  C CG  . GLU A 1 91  ? 7.987   17.312  -9.460  1.00 40.07  ? 91  GLU A CG  1 
ATOM   722  C CD  . GLU A 1 91  ? 7.264   17.741  -10.705 1.00 44.45  ? 91  GLU A CD  1 
ATOM   723  O OE1 . GLU A 1 91  ? 7.824   17.573  -11.822 1.00 43.66  ? 91  GLU A OE1 1 
ATOM   724  O OE2 . GLU A 1 91  ? 6.144   18.262  -10.544 1.00 45.28  ? 91  GLU A OE2 1 
ATOM   725  N N   . ASN A 1 92  ? 7.433   13.172  -7.566  1.00 30.53  ? 92  ASN A N   1 
ATOM   726  C CA  . ASN A 1 92  ? 7.684   11.718  -7.497  1.00 30.04  ? 92  ASN A CA  1 
ATOM   727  C C   . ASN A 1 92  ? 6.939   11.000  -6.377  1.00 26.06  ? 92  ASN A C   1 
ATOM   728  O O   . ASN A 1 92  ? 7.300   9.862   -6.092  1.00 24.10  ? 92  ASN A O   1 
ATOM   729  C CB  . ASN A 1 92  ? 9.163   11.403  -7.285  1.00 35.68  ? 92  ASN A CB  1 
ATOM   730  C CG  . ASN A 1 92  ? 10.036  11.841  -8.428  1.00 41.38  ? 92  ASN A CG  1 
ATOM   731  O OD1 . ASN A 1 92  ? 9.965   11.295  -9.559  1.00 39.98  ? 92  ASN A OD1 1 
ATOM   732  N ND2 . ASN A 1 92  ? 10.930  12.796  -8.128  1.00 40.96  ? 92  ASN A ND2 1 
ATOM   733  N N   . LYS A 1 93  ? 5.936   11.639  -5.757  1.00 24.68  ? 93  LYS A N   1 
ATOM   734  C CA  . LYS A 1 93  ? 5.189   11.038  -4.649  1.00 24.10  ? 93  LYS A CA  1 
ATOM   735  C C   . LYS A 1 93  ? 3.682   11.112  -4.806  1.00 22.12  ? 93  LYS A C   1 
ATOM   736  O O   . LYS A 1 93  ? 3.126   12.174  -4.930  1.00 20.09  ? 93  LYS A O   1 
ATOM   737  C CB  . LYS A 1 93  ? 5.599   11.655  -3.310  1.00 25.93  ? 93  LYS A CB  1 
ATOM   738  C CG  . LYS A 1 93  ? 4.919   11.010  -2.119  1.00 28.77  ? 93  LYS A CG  1 
ATOM   739  C CD  . LYS A 1 93  ? 5.611   11.409  -0.834  1.00 34.22  ? 93  LYS A CD  1 
ATOM   740  C CE  . LYS A 1 93  ? 4.973   10.718  0.355   1.00 38.04  ? 93  LYS A CE  1 
ATOM   741  N NZ  . LYS A 1 93  ? 5.857   10.692  1.556   1.00 42.14  ? 93  LYS A NZ  1 
ATOM   742  N N   . MET A 1 94  ? 3.020   9.959   -4.758  1.00 20.37  ? 94  MET A N   1 
ATOM   743  C CA  . MET A 1 94  ? 1.553   9.905   -4.780  1.00 20.44  ? 94  MET A CA  1 
ATOM   744  C C   . MET A 1 94  ? 1.034   9.568   -3.387  1.00 19.93  ? 94  MET A C   1 
ATOM   745  O O   . MET A 1 94  ? 1.636   8.774   -2.668  1.00 18.13  ? 94  MET A O   1 
ATOM   746  C CB  . MET A 1 94  ? 1.071   8.886   -5.805  1.00 20.18  ? 94  MET A CB  1 
ATOM   747  C CG  . MET A 1 94  ? 1.160   7.443   -5.377  1.00 21.51  ? 94  MET A CG  1 
ATOM   748  S SD  . MET A 1 94  ? 0.595   6.359   -6.718  1.00 24.41  ? 94  MET A SD  1 
ATOM   749  C CE  . MET A 1 94  ? 2.089   6.322   -7.657  1.00 23.97  ? 94  MET A CE  1 
ATOM   750  N N   . VAL A 1 95  ? -0.095  10.165  -3.029  1.00 20.48  ? 95  VAL A N   1 
ATOM   751  C CA  . VAL A 1 95  ? -0.643  10.083  -1.690  1.00 19.89  ? 95  VAL A CA  1 
ATOM   752  C C   . VAL A 1 95  ? -2.091  9.697   -1.881  1.00 20.36  ? 95  VAL A C   1 
ATOM   753  O O   . VAL A 1 95  ? -2.799  10.346  -2.642  1.00 19.15  ? 95  VAL A O   1 
ATOM   754  C CB  . VAL A 1 95  ? -0.532  11.455  -0.964  1.00 20.28  ? 95  VAL A CB  1 
ATOM   755  C CG1 . VAL A 1 95  ? -1.287  11.470  0.359   1.00 21.28  ? 95  VAL A CG1 1 
ATOM   756  C CG2 . VAL A 1 95  ? 0.922   11.767  -0.706  1.00 21.08  ? 95  VAL A CG2 1 
ATOM   757  N N   . CYS A 1 96  ? -2.540  8.662   -1.158  1.00 21.36  ? 96  CYS A N   1 
ATOM   758  C CA  . CYS A 1 96  ? -3.910  8.179   -1.175  1.00 20.36  ? 96  CYS A CA  1 
ATOM   759  C C   . CYS A 1 96  ? -4.563  8.420   0.171   1.00 21.03  ? 96  CYS A C   1 
ATOM   760  O O   . CYS A 1 96  ? -4.062  7.978   1.214   1.00 17.90  ? 96  CYS A O   1 
ATOM   761  C CB  . CYS A 1 96  ? -3.915  6.683   -1.441  1.00 21.78  ? 96  CYS A CB  1 
ATOM   762  S SG  . CYS A 1 96  ? -5.559  5.944   -1.507  1.00 23.29  ? 96  CYS A SG  1 
ATOM   763  N N   . GLU A 1 97  ? -5.669  9.146   0.132   1.00 23.36  ? 97  GLU A N   1 
ATOM   764  C CA  . GLU A 1 97  ? -6.524  9.384   1.288   1.00 26.03  ? 97  GLU A CA  1 
ATOM   765  C C   . GLU A 1 97  ? -7.689  8.429   1.207   1.00 24.43  ? 97  GLU A C   1 
ATOM   766  O O   . GLU A 1 97  ? -8.269  8.259   0.143   1.00 24.03  ? 97  GLU A O   1 
ATOM   767  C CB  . GLU A 1 97  ? -7.035  10.837  1.270   1.00 30.04  ? 97  GLU A CB  1 
ATOM   768  C CG  . GLU A 1 97  ? -5.969  11.884  1.516   1.00 33.35  ? 97  GLU A CG  1 
ATOM   769  C CD  . GLU A 1 97  ? -5.274  11.712  2.872   1.00 39.50  ? 97  GLU A CD  1 
ATOM   770  O OE1 . GLU A 1 97  ? -5.813  10.989  3.763   1.00 42.52  ? 97  GLU A OE1 1 
ATOM   771  O OE2 . GLU A 1 97  ? -4.182  12.303  3.061   1.00 43.75  ? 97  GLU A OE2 1 
ATOM   772  N N   . GLN A 1 98  ? -8.033  7.816   2.337   1.00 24.09  ? 98  GLN A N   1 
ATOM   773  C CA  . GLN A 1 98  ? -9.073  6.785   2.419   1.00 25.01  ? 98  GLN A CA  1 
ATOM   774  C C   . GLN A 1 98  ? -10.243 7.241   3.320   1.00 28.78  ? 98  GLN A C   1 
ATOM   775  O O   . GLN A 1 98  ? -10.004 7.841   4.353   1.00 29.63  ? 98  GLN A O   1 
ATOM   776  C CB  . GLN A 1 98  ? -8.460  5.526   3.000   1.00 23.24  ? 98  GLN A CB  1 
ATOM   777  C CG  . GLN A 1 98  ? -7.390  4.940   2.090   1.00 23.31  ? 98  GLN A CG  1 
ATOM   778  C CD  . GLN A 1 98  ? -6.821  3.647   2.600   1.00 23.00  ? 98  GLN A CD  1 
ATOM   779  O OE1 . GLN A 1 98  ? -6.681  3.455   3.822   1.00 21.88  ? 98  GLN A OE1 1 
ATOM   780  N NE2 . GLN A 1 98  ? -6.490  2.741   1.673   1.00 20.53  ? 98  GLN A NE2 1 
ATOM   781  N N   . LYS A 1 99  ? -11.483 6.963   2.937   1.00 32.22  ? 99  LYS A N   1 
ATOM   782  C CA  . LYS A 1 99  ? -12.633 7.216   3.842   1.00 37.36  ? 99  LYS A CA  1 
ATOM   783  C C   . LYS A 1 99  ? -13.493 5.971   3.932   1.00 37.49  ? 99  LYS A C   1 
ATOM   784  O O   . LYS A 1 99  ? -13.797 5.351   2.930   1.00 37.19  ? 99  LYS A O   1 
ATOM   785  C CB  . LYS A 1 99  ? -13.462 8.439   3.430   1.00 42.23  ? 99  LYS A CB  1 
ATOM   786  C CG  . LYS A 1 99  ? -13.194 9.007   2.042   1.00 46.72  ? 99  LYS A CG  1 
ATOM   787  C CD  . LYS A 1 99  ? -11.981 9.936   2.047   1.00 49.33  ? 99  LYS A CD  1 
ATOM   788  C CE  . LYS A 1 99  ? -11.649 10.518  0.687   1.00 52.69  ? 99  LYS A CE  1 
ATOM   789  N NZ  . LYS A 1 99  ? -10.962 11.835  0.858   1.00 54.62  ? 99  LYS A NZ  1 
ATOM   790  N N   . LEU A 1 100 ? -13.898 5.608   5.146   1.00 42.50  ? 100 LEU A N   1 
ATOM   791  C CA  . LEU A 1 100 ? -14.522 4.295   5.390   1.00 43.22  ? 100 LEU A CA  1 
ATOM   792  C C   . LEU A 1 100 ? -15.943 4.258   4.854   1.00 41.54  ? 100 LEU A C   1 
ATOM   793  O O   . LEU A 1 100 ? -16.657 5.257   4.985   1.00 36.44  ? 100 LEU A O   1 
ATOM   794  C CB  . LEU A 1 100 ? -14.537 4.002   6.880   1.00 44.75  ? 100 LEU A CB  1 
ATOM   795  C CG  . LEU A 1 100 ? -13.128 3.897   7.470   1.00 47.10  ? 100 LEU A CG  1 
ATOM   796  C CD1 . LEU A 1 100 ? -13.081 4.208   8.969   1.00 46.20  ? 100 LEU A CD1 1 
ATOM   797  C CD2 . LEU A 1 100 ? -12.573 2.514   7.161   1.00 48.63  ? 100 LEU A CD2 1 
ATOM   798  N N   . LEU A 1 101 ? -16.332 3.125   4.255   1.00 41.16  ? 101 LEU A N   1 
ATOM   799  C CA  . LEU A 1 101 ? -17.686 2.967   3.666   1.00 42.71  ? 101 LEU A CA  1 
ATOM   800  C C   . LEU A 1 101 ? -18.747 2.578   4.703   1.00 42.78  ? 101 LEU A C   1 
ATOM   801  O O   . LEU A 1 101 ? -18.744 1.460   5.228   1.00 45.84  ? 101 LEU A O   1 
ATOM   802  C CB  . LEU A 1 101 ? -17.684 1.942   2.525   1.00 41.28  ? 101 LEU A CB  1 
ATOM   803  C CG  . LEU A 1 101 ? -16.831 2.286   1.300   1.00 40.62  ? 101 LEU A CG  1 
ATOM   804  C CD1 . LEU A 1 101 ? -17.012 1.219   0.234   1.00 40.49  ? 101 LEU A CD1 1 
ATOM   805  C CD2 . LEU A 1 101 ? -17.096 3.680   0.733   1.00 39.36  ? 101 LEU A CD2 1 
ATOM   806  N N   . GLU A 1 104 ? -16.930 4.270   10.697  1.00 49.92  ? 104 GLU A N   1 
ATOM   807  C CA  . GLU A 1 104 ? -15.992 5.252   11.252  1.00 50.01  ? 104 GLU A CA  1 
ATOM   808  C C   . GLU A 1 104 ? -14.727 4.588   11.786  1.00 45.73  ? 104 GLU A C   1 
ATOM   809  O O   . GLU A 1 104 ? -14.675 3.366   11.941  1.00 52.61  ? 104 GLU A O   1 
ATOM   810  C CB  . GLU A 1 104 ? -16.688 6.090   12.339  1.00 50.10  ? 104 GLU A CB  1 
ATOM   811  C CG  . GLU A 1 104 ? -17.785 6.985   11.763  1.00 52.90  ? 104 GLU A CG  1 
ATOM   812  C CD  . GLU A 1 104 ? -17.263 7.918   10.672  1.00 55.91  ? 104 GLU A CD  1 
ATOM   813  O OE1 . GLU A 1 104 ? -17.995 8.185   9.677   1.00 56.75  ? 104 GLU A OE1 1 
ATOM   814  O OE2 . GLU A 1 104 ? -16.100 8.380   10.811  1.00 52.44  ? 104 GLU A OE2 1 
ATOM   815  N N   . GLY A 1 105 ? -13.691 5.373   12.048  1.00 38.73  ? 105 GLY A N   1 
ATOM   816  C CA  . GLY A 1 105 ? -12.430 4.767   12.426  1.00 33.45  ? 105 GLY A CA  1 
ATOM   817  C C   . GLY A 1 105 ? -11.154 5.591   12.379  1.00 29.98  ? 105 GLY A C   1 
ATOM   818  O O   . GLY A 1 105 ? -11.177 6.836   12.364  1.00 25.42  ? 105 GLY A O   1 
ATOM   819  N N   . PRO A 1 106 ? -10.012 4.887   12.371  1.00 27.53  ? 106 PRO A N   1 
ATOM   820  C CA  . PRO A 1 106 ? -8.729  5.580   12.318  1.00 27.32  ? 106 PRO A CA  1 
ATOM   821  C C   . PRO A 1 106 ? -8.540  6.246   10.964  1.00 28.27  ? 106 PRO A C   1 
ATOM   822  O O   . PRO A 1 106 ? -9.188  5.851   9.972   1.00 25.07  ? 106 PRO A O   1 
ATOM   823  C CB  . PRO A 1 106 ? -7.706  4.473   12.580  1.00 27.52  ? 106 PRO A CB  1 
ATOM   824  C CG  . PRO A 1 106 ? -8.424  3.163   12.567  1.00 27.44  ? 106 PRO A CG  1 
ATOM   825  C CD  . PRO A 1 106 ? -9.885  3.422   12.552  1.00 28.01  ? 106 PRO A CD  1 
ATOM   826  N N   . LYS A 1 107 ? -7.713  7.283   10.932  1.00 29.95  ? 107 LYS A N   1 
ATOM   827  C CA  . LYS A 1 107 ? -7.513  8.053   9.719   1.00 31.89  ? 107 LYS A CA  1 
ATOM   828  C C   . LYS A 1 107 ? -6.380  7.306   9.016   1.00 28.93  ? 107 LYS A C   1 
ATOM   829  O O   . LYS A 1 107 ? -5.297  7.247   9.548   1.00 33.37  ? 107 LYS A O   1 
ATOM   830  C CB  . LYS A 1 107 ? -7.120  9.513   9.992   1.00 37.07  ? 107 LYS A CB  1 
ATOM   831  C CG  . LYS A 1 107 ? -7.744  10.198  11.206  1.00 42.09  ? 107 LYS A CG  1 
ATOM   832  C CD  . LYS A 1 107 ? -9.039  10.924  10.884  1.00 45.85  ? 107 LYS A CD  1 
ATOM   833  C CE  . LYS A 1 107 ? -9.631  11.529  12.156  1.00 46.11  ? 107 LYS A CE  1 
ATOM   834  N NZ  . LYS A 1 107 ? -10.358 10.518  12.980  1.00 46.04  ? 107 LYS A NZ  1 
ATOM   835  N N   . THR A 1 108 ? -6.647  6.711   7.855   1.00 25.26  ? 108 THR A N   1 
ATOM   836  C CA  . THR A 1 108 ? -5.656  5.884   7.164   1.00 24.15  ? 108 THR A CA  1 
ATOM   837  C C   . THR A 1 108 ? -5.307  6.443   5.809   1.00 21.58  ? 108 THR A C   1 
ATOM   838  O O   . THR A 1 108 ? -6.120  7.099   5.163   1.00 21.29  ? 108 THR A O   1 
ATOM   839  C CB  . THR A 1 108 ? -6.113  4.412   6.933   1.00 24.46  ? 108 THR A CB  1 
ATOM   840  O OG1 . THR A 1 108 ? -7.369  4.369   6.237   1.00 22.62  ? 108 THR A OG1 1 
ATOM   841  C CG2 . THR A 1 108 ? -6.190  3.632   8.254   1.00 24.92  ? 108 THR A CG2 1 
ATOM   842  N N   . SER A 1 109 ? -4.088  6.144   5.368   1.00 20.02  ? 109 SER A N   1 
ATOM   843  C CA  . SER A 1 109 ? -3.581  6.659   4.102   1.00 18.42  ? 109 SER A CA  1 
ATOM   844  C C   . SER A 1 109 ? -2.455  5.800   3.623   1.00 16.23  ? 109 SER A C   1 
ATOM   845  O O   . SER A 1 109 ? -1.962  4.996   4.371   1.00 15.11  ? 109 SER A O   1 
ATOM   846  C CB  . SER A 1 109 ? -3.086  8.096   4.251   1.00 20.43  ? 109 SER A CB  1 
ATOM   847  O OG  . SER A 1 109 ? -2.057  8.213   5.209   1.00 21.12  ? 109 SER A OG  1 
ATOM   848  N N   . TRP A 1 110 ? -2.112  5.916   2.351   1.00 14.06  ? 110 TRP A N   1 
ATOM   849  C CA  . TRP A 1 110 ? -0.880  5.315   1.865   1.00 14.07  ? 110 TRP A CA  1 
ATOM   850  C C   . TRP A 1 110 ? -0.196  6.252   0.872   1.00 14.34  ? 110 TRP A C   1 
ATOM   851  O O   . TRP A 1 110 ? -0.844  7.125   0.292   1.00 14.66  ? 110 TRP A O   1 
ATOM   852  C CB  . TRP A 1 110 ? -1.128  3.907   1.293   1.00 13.49  ? 110 TRP A CB  1 
ATOM   853  C CG  . TRP A 1 110 ? -2.030  3.764   0.119   1.00 13.40  ? 110 TRP A CG  1 
ATOM   854  C CD1 . TRP A 1 110 ? -3.288  3.270   0.131   1.00 14.08  ? 110 TRP A CD1 1 
ATOM   855  C CD2 . TRP A 1 110 ? -1.725  4.033   -1.258  1.00 13.94  ? 110 TRP A CD2 1 
ATOM   856  N NE1 . TRP A 1 110 ? -3.812  3.215   -1.147  1.00 14.30  ? 110 TRP A NE1 1 
ATOM   857  C CE2 . TRP A 1 110 ? -2.867  3.675   -2.019  1.00 14.04  ? 110 TRP A CE2 1 
ATOM   858  C CE3 . TRP A 1 110 ? -0.608  4.567   -1.923  1.00 13.64  ? 110 TRP A CE3 1 
ATOM   859  C CZ2 . TRP A 1 110 ? -2.935  3.863   -3.425  1.00 14.83  ? 110 TRP A CZ2 1 
ATOM   860  C CZ3 . TRP A 1 110 ? -0.665  4.740   -3.306  1.00 13.91  ? 110 TRP A CZ3 1 
ATOM   861  C CH2 . TRP A 1 110 ? -1.818  4.381   -4.052  1.00 13.83  ? 110 TRP A CH2 1 
ATOM   862  N N   . THR A 1 111 ? 1.118   6.108   0.731   1.00 14.17  ? 111 THR A N   1 
ATOM   863  C CA  . THR A 1 111 ? 1.903   6.916   -0.198  1.00 13.36  ? 111 THR A CA  1 
ATOM   864  C C   . THR A 1 111 ? 2.842   5.982   -0.958  1.00 13.22  ? 111 THR A C   1 
ATOM   865  O O   . THR A 1 111 ? 3.222   4.912   -0.443  1.00 12.66  ? 111 THR A O   1 
ATOM   866  C CB  . THR A 1 111 ? 2.691   8.096   0.457   1.00 14.33  ? 111 THR A CB  1 
ATOM   867  O OG1 . THR A 1 111 ? 3.829   7.619   1.159   1.00 15.06  ? 111 THR A OG1 1 
ATOM   868  C CG2 . THR A 1 111 ? 1.865   8.921   1.449   1.00 14.62  ? 111 THR A CG2 1 
ATOM   869  N N   . ARG A 1 112 ? 3.171   6.357   -2.192  1.00 11.99  ? 112 ARG A N   1 
ATOM   870  C CA  . ARG A 1 112 ? 4.212   5.664   -2.919  1.00 12.94  ? 112 ARG A CA  1 
ATOM   871  C C   . ARG A 1 112 ? 5.101   6.689   -3.610  1.00 12.73  ? 112 ARG A C   1 
ATOM   872  O O   . ARG A 1 112 ? 4.645   7.696   -4.122  1.00 11.46  ? 112 ARG A O   1 
ATOM   873  C CB  . ARG A 1 112 ? 3.638   4.631   -3.927  1.00 13.21  ? 112 ARG A CB  1 
ATOM   874  C CG  . ARG A 1 112 ? 2.987   3.418   -3.328  1.00 13.92  ? 112 ARG A CG  1 
ATOM   875  C CD  . ARG A 1 112 ? 2.387   2.524   -4.421  1.00 15.52  ? 112 ARG A CD  1 
ATOM   876  N NE  . ARG A 1 112 ? 2.227   1.126   -3.960  1.00 15.62  ? 112 ARG A NE  1 
ATOM   877  C CZ  . ARG A 1 112 ? 1.118   0.610   -3.463  1.00 17.44  ? 112 ARG A CZ  1 
ATOM   878  N NH1 . ARG A 1 112 ? -0.022  1.330   -3.359  1.00 17.90  ? 112 ARG A NH1 1 
ATOM   879  N NH2 . ARG A 1 112 ? 1.123   -0.680  -3.093  1.00 19.28  ? 112 ARG A NH2 1 
ATOM   880  N N   . GLU A 1 113 ? 6.390   6.422   -3.588  1.00 14.00  ? 113 GLU A N   1 
ATOM   881  C CA  . GLU A 1 113 ? 7.362   7.281   -4.240  1.00 15.03  ? 113 GLU A CA  1 
ATOM   882  C C   . GLU A 1 113 ? 8.512   6.489   -4.764  1.00 14.68  ? 113 GLU A C   1 
ATOM   883  O O   . GLU A 1 113 ? 8.787   5.387   -4.281  1.00 13.08  ? 113 GLU A O   1 
ATOM   884  C CB  . GLU A 1 113 ? 7.862   8.365   -3.282  1.00 17.24  ? 113 GLU A CB  1 
ATOM   885  C CG  . GLU A 1 113 ? 8.797   7.887   -2.196  1.00 19.83  ? 113 GLU A CG  1 
ATOM   886  C CD  . GLU A 1 113 ? 8.825   8.877   -1.026  1.00 23.66  ? 113 GLU A CD  1 
ATOM   887  O OE1 . GLU A 1 113 ? 9.617   9.836   -1.104  1.00 26.59  ? 113 GLU A OE1 1 
ATOM   888  O OE2 . GLU A 1 113 ? 8.089   8.708   -0.025  1.00 25.44  ? 113 GLU A OE2 1 
ATOM   889  N N   . LEU A 1 114 ? 9.209   7.088   -5.731  1.00 15.99  ? 114 LEU A N   1 
ATOM   890  C CA  . LEU A 1 114 ? 10.402  6.520   -6.331  1.00 18.24  ? 114 LEU A CA  1 
ATOM   891  C C   . LEU A 1 114 ? 11.663  7.351   -5.970  1.00 18.41  ? 114 LEU A C   1 
ATOM   892  O O   . LEU A 1 114 ? 11.663  8.567   -6.121  1.00 19.29  ? 114 LEU A O   1 
ATOM   893  C CB  . LEU A 1 114 ? 10.256  6.565   -7.834  1.00 20.51  ? 114 LEU A CB  1 
ATOM   894  C CG  . LEU A 1 114 ? 9.776   5.377   -8.597  1.00 23.87  ? 114 LEU A CG  1 
ATOM   895  C CD1 . LEU A 1 114 ? 10.196  5.590   -10.063 1.00 25.62  ? 114 LEU A CD1 1 
ATOM   896  C CD2 . LEU A 1 114 ? 10.413  4.095   -8.102  1.00 23.94  ? 114 LEU A CD2 1 
ATOM   897  N N   . THR A 1 115 ? 12.719  6.709   -5.491  1.00 17.81  ? 115 THR A N   1 
ATOM   898  C CA  . THR A 1 115 ? 13.996  7.420   -5.256  1.00 18.77  ? 115 THR A CA  1 
ATOM   899  C C   . THR A 1 115 ? 14.712  7.606   -6.619  1.00 18.88  ? 115 THR A C   1 
ATOM   900  O O   . THR A 1 115 ? 14.403  6.907   -7.611  1.00 15.86  ? 115 THR A O   1 
ATOM   901  C CB  . THR A 1 115 ? 14.953  6.678   -4.311  1.00 19.03  ? 115 THR A CB  1 
ATOM   902  O OG1 . THR A 1 115 ? 15.410  5.493   -4.927  1.00 17.79  ? 115 THR A OG1 1 
ATOM   903  C CG2 . THR A 1 115 ? 14.297  6.302   -2.959  1.00 20.27  ? 115 THR A CG2 1 
ATOM   904  N N   . ASN A 1 116 ? 15.721  8.486   -6.655  1.00 19.92  ? 116 ASN A N   1 
ATOM   905  C CA  . ASN A 1 116 ? 16.584  8.585   -7.838  1.00 21.49  ? 116 ASN A CA  1 
ATOM   906  C C   . ASN A 1 116 ? 17.273  7.278   -8.220  1.00 22.17  ? 116 ASN A C   1 
ATOM   907  O O   . ASN A 1 116 ? 17.535  7.067   -9.390  1.00 23.93  ? 116 ASN A O   1 
ATOM   908  C CB  . ASN A 1 116 ? 17.671  9.669   -7.704  1.00 22.97  ? 116 ASN A CB  1 
ATOM   909  C CG  . ASN A 1 116 ? 18.388  9.904   -9.026  1.00 24.84  ? 116 ASN A CG  1 
ATOM   910  O OD1 . ASN A 1 116 ? 17.746  10.208  -10.034 1.00 27.82  ? 116 ASN A OD1 1 
ATOM   911  N ND2 . ASN A 1 116 ? 19.706  9.652   -9.058  1.00 24.29  ? 116 ASN A ND2 1 
ATOM   912  N N   . ASP A 1 117 ? 17.578  6.398   -7.273  1.00 21.80  ? 117 ASP A N   1 
ATOM   913  C CA  . ASP A 1 117 ? 18.109  5.075   -7.647  1.00 22.87  ? 117 ASP A CA  1 
ATOM   914  C C   . ASP A 1 117 ? 17.062  4.057   -8.134  1.00 22.80  ? 117 ASP A C   1 
ATOM   915  O O   . ASP A 1 117 ? 17.436  2.976   -8.593  1.00 23.87  ? 117 ASP A O   1 
ATOM   916  C CB  . ASP A 1 117 ? 18.904  4.472   -6.492  1.00 26.90  ? 117 ASP A CB  1 
ATOM   917  C CG  . ASP A 1 117 ? 20.053  5.384   -6.042  1.00 30.05  ? 117 ASP A CG  1 
ATOM   918  O OD1 . ASP A 1 117 ? 20.917  5.825   -6.894  1.00 31.25  ? 117 ASP A OD1 1 
ATOM   919  O OD2 . ASP A 1 117 ? 20.068  5.640   -4.816  1.00 33.52  ? 117 ASP A OD2 1 
ATOM   920  N N   . GLY A 1 118 ? 15.778  4.404   -8.071  1.00 20.79  ? 118 GLY A N   1 
ATOM   921  C CA  . GLY A 1 118 ? 14.685  3.549   -8.556  1.00 20.15  ? 118 GLY A CA  1 
ATOM   922  C C   . GLY A 1 118 ? 14.149  2.584   -7.508  1.00 19.65  ? 118 GLY A C   1 
ATOM   923  O O   . GLY A 1 118 ? 13.520  1.582   -7.849  1.00 18.89  ? 118 GLY A O   1 
ATOM   924  N N   . GLU A 1 119 ? 14.373  2.893   -6.242  1.00 18.18  ? 119 GLU A N   1 
ATOM   925  C CA  . GLU A 1 119 ? 13.757  2.149   -5.152  1.00 19.63  ? 119 GLU A CA  1 
ATOM   926  C C   . GLU A 1 119 ? 12.343  2.715   -4.927  1.00 17.51  ? 119 GLU A C   1 
ATOM   927  O O   . GLU A 1 119 ? 12.138  3.930   -4.949  1.00 15.36  ? 119 GLU A O   1 
ATOM   928  C CB  . GLU A 1 119 ? 14.567  2.271   -3.853  1.00 23.61  ? 119 GLU A CB  1 
ATOM   929  C CG  . GLU A 1 119 ? 16.060  1.882   -3.926  1.00 25.88  ? 119 GLU A CG  1 
ATOM   930  C CD  . GLU A 1 119 ? 16.743  1.866   -2.535  1.00 30.95  ? 119 GLU A CD  1 
ATOM   931  O OE1 . GLU A 1 119 ? 16.390  2.702   -1.672  1.00 35.27  ? 119 GLU A OE1 1 
ATOM   932  O OE2 . GLU A 1 119 ? 17.638  1.025   -2.277  1.00 34.00  ? 119 GLU A OE2 1 
ATOM   933  N N   . LEU A 1 120 ? 11.387  1.836   -4.658  1.00 15.76  ? 120 LEU A N   1 
ATOM   934  C CA  . LEU A 1 120 ? 9.992   2.254   -4.422  1.00 15.06  ? 120 LEU A CA  1 
ATOM   935  C C   . LEU A 1 120 ? 9.741   2.254   -2.930  1.00 13.93  ? 120 LEU A C   1 
ATOM   936  O O   . LEU A 1 120 ? 9.980   1.265   -2.268  1.00 14.20  ? 120 LEU A O   1 
ATOM   937  C CB  . LEU A 1 120 ? 9.038   1.296   -5.151  1.00 15.46  ? 120 LEU A CB  1 
ATOM   938  C CG  . LEU A 1 120 ? 7.532   1.419   -4.955  1.00 17.00  ? 120 LEU A CG  1 
ATOM   939  C CD1 . LEU A 1 120 ? 7.099   2.815   -5.265  1.00 19.00  ? 120 LEU A CD1 1 
ATOM   940  C CD2 . LEU A 1 120 ? 6.778   0.434   -5.829  1.00 17.98  ? 120 LEU A CD2 1 
ATOM   941  N N   . ILE A 1 121 ? 9.295   3.367   -2.398  1.00 13.33  ? 121 ILE A N   1 
ATOM   942  C CA  . ILE A 1 121 ? 8.973   3.456   -0.998  1.00 13.78  ? 121 ILE A CA  1 
ATOM   943  C C   . ILE A 1 121 ? 7.454   3.585   -0.818  1.00 13.64  ? 121 ILE A C   1 
ATOM   944  O O   . ILE A 1 121 ? 6.832   4.540   -1.285  1.00 13.66  ? 121 ILE A O   1 
ATOM   945  C CB  . ILE A 1 121 ? 9.697   4.622   -0.263  1.00 14.52  ? 121 ILE A CB  1 
ATOM   946  C CG1 . ILE A 1 121 ? 11.237  4.482   -0.430  1.00 15.16  ? 121 ILE A CG1 1 
ATOM   947  C CG2 . ILE A 1 121 ? 9.283   4.613   1.209   1.00 14.15  ? 121 ILE A CG2 1 
ATOM   948  C CD1 . ILE A 1 121 ? 12.069  5.574   0.196   1.00 15.87  ? 121 ILE A CD1 1 
ATOM   949  N N   . LEU A 1 122 ? 6.892   2.624   -0.102  1.00 13.21  ? 122 LEU A N   1 
ATOM   950  C CA  . LEU A 1 122 ? 5.498   2.621   0.284   1.00 12.86  ? 122 LEU A CA  1 
ATOM   951  C C   . LEU A 1 122 ? 5.384   3.014   1.742   1.00 13.46  ? 122 LEU A C   1 
ATOM   952  O O   . LEU A 1 122 ? 6.050   2.425   2.574   1.00 13.08  ? 122 LEU A O   1 
ATOM   953  C CB  . LEU A 1 122 ? 4.895   1.220   0.057   1.00 12.80  ? 122 LEU A CB  1 
ATOM   954  C CG  . LEU A 1 122 ? 3.461   0.908   0.594   1.00 12.95  ? 122 LEU A CG  1 
ATOM   955  C CD1 . LEU A 1 122 ? 2.355   1.677   -0.113  1.00 12.72  ? 122 LEU A CD1 1 
ATOM   956  C CD2 . LEU A 1 122 ? 3.144   -0.593  0.567   1.00 13.31  ? 122 LEU A CD2 1 
ATOM   957  N N   . THR A 1 123 ? 4.545   3.997   2.065   1.00 14.06  ? 123 THR A N   1 
ATOM   958  C CA  . THR A 1 123 ? 4.132   4.109   3.449   1.00 15.03  ? 123 THR A CA  1 
ATOM   959  C C   . THR A 1 123 ? 2.668   3.836   3.601   1.00 14.96  ? 123 THR A C   1 
ATOM   960  O O   . THR A 1 123 ? 1.873   4.122   2.694   1.00 13.74  ? 123 THR A O   1 
ATOM   961  C CB  . THR A 1 123 ? 4.505   5.444   4.125   1.00 15.81  ? 123 THR A CB  1 
ATOM   962  O OG1 . THR A 1 123 ? 3.606   6.459   3.737   1.00 17.54  ? 123 THR A OG1 1 
ATOM   963  C CG2 . THR A 1 123 ? 5.884   5.859   3.800   1.00 16.24  ? 123 THR A CG2 1 
ATOM   964  N N   . MET A 1 124 ? 2.324   3.269   4.746   1.00 14.06  ? 124 MET A N   1 
ATOM   965  C CA  . MET A 1 124 ? 0.904   3.087   5.140   1.00 15.77  ? 124 MET A CA  1 
ATOM   966  C C   . MET A 1 124 ? 0.737   3.600   6.577   1.00 15.80  ? 124 MET A C   1 
ATOM   967  O O   . MET A 1 124 ? 1.524   3.222   7.431   1.00 14.22  ? 124 MET A O   1 
ATOM   968  C CB  . MET A 1 124 ? 0.475   1.640   5.055   1.00 15.78  ? 124 MET A CB  1 
ATOM   969  C CG  . MET A 1 124 ? 0.612   1.003   3.662   1.00 16.76  ? 124 MET A CG  1 
ATOM   970  S SD  . MET A 1 124 ? 0.133   -0.743  3.629   1.00 18.34  ? 124 MET A SD  1 
ATOM   971  C CE  . MET A 1 124 ? 1.633   -1.562  4.054   1.00 16.62  ? 124 MET A CE  1 
ATOM   972  N N   . THR A 1 125 ? -0.237  4.482   6.787   1.00 16.09  ? 125 THR A N   1 
ATOM   973  C CA  . THR A 1 125 ? -0.434  5.168   8.059   1.00 19.61  ? 125 THR A CA  1 
ATOM   974  C C   . THR A 1 125 ? -1.817  4.860   8.617   1.00 19.78  ? 125 THR A C   1 
ATOM   975  O O   . THR A 1 125 ? -2.758  4.590   7.878   1.00 18.57  ? 125 THR A O   1 
ATOM   976  C CB  . THR A 1 125 ? -0.290  6.685   7.876   1.00 21.31  ? 125 THR A CB  1 
ATOM   977  O OG1 . THR A 1 125 ? 0.989   6.977   7.296   1.00 24.61  ? 125 THR A OG1 1 
ATOM   978  C CG2 . THR A 1 125 ? -0.353  7.422   9.181   1.00 23.76  ? 125 THR A CG2 1 
ATOM   979  N N   . ALA A 1 126 ? -1.907  4.878   9.940   1.00 22.83  ? 126 ALA A N   1 
ATOM   980  C CA  . ALA A 1 126 ? -3.190  4.812   10.690  1.00 25.10  ? 126 ALA A CA  1 
ATOM   981  C C   . ALA A 1 126 ? -2.933  5.701   11.885  1.00 27.02  ? 126 ALA A C   1 
ATOM   982  O O   . ALA A 1 126 ? -2.093  5.375   12.723  1.00 24.68  ? 126 ALA A O   1 
ATOM   983  C CB  . ALA A 1 126 ? -3.515  3.396   11.152  1.00 25.28  ? 126 ALA A CB  1 
ATOM   984  N N   . ASP A 1 127 ? -3.585  6.851   11.886  1.00 30.22  ? 127 ASP A N   1 
ATOM   985  C CA  . ASP A 1 127 ? -3.349  7.882   12.868  1.00 35.61  ? 127 ASP A CA  1 
ATOM   986  C C   . ASP A 1 127 ? -1.843  8.206   12.989  1.00 35.89  ? 127 ASP A C   1 
ATOM   987  O O   . ASP A 1 127 ? -1.257  8.735   12.021  1.00 36.98  ? 127 ASP A O   1 
ATOM   988  C CB  . ASP A 1 127 ? -4.016  7.497   14.188  1.00 37.19  ? 127 ASP A CB  1 
ATOM   989  C CG  . ASP A 1 127 ? -5.534  7.481   14.088  1.00 42.45  ? 127 ASP A CG  1 
ATOM   990  O OD1 . ASP A 1 127 ? -6.128  8.379   13.435  1.00 42.99  ? 127 ASP A OD1 1 
ATOM   991  O OD2 . ASP A 1 127 ? -6.137  6.555   14.675  1.00 47.47  ? 127 ASP A OD2 1 
ATOM   992  N N   . ASP A 1 128 ? -1.223  7.842   14.116  1.00 33.81  ? 128 ASP A N   1 
ATOM   993  C CA  . ASP A 1 128 ? 0.168   8.191   14.396  1.00 34.25  ? 128 ASP A CA  1 
ATOM   994  C C   . ASP A 1 128 ? 1.181   7.100   14.002  1.00 30.80  ? 128 ASP A C   1 
ATOM   995  O O   . ASP A 1 128 ? 2.376   7.390   13.914  1.00 34.32  ? 128 ASP A O   1 
ATOM   996  C CB  . ASP A 1 128 ? 0.372   8.627   15.860  1.00 35.89  ? 128 ASP A CB  1 
ATOM   997  C CG  . ASP A 1 128 ? -0.202  7.664   16.859  1.00 41.69  ? 128 ASP A CG  1 
ATOM   998  O OD1 . ASP A 1 128 ? -1.188  6.964   16.530  1.00 46.15  ? 128 ASP A OD1 1 
ATOM   999  O OD2 . ASP A 1 128 ? 0.319   7.628   17.996  1.00 48.98  ? 128 ASP A OD2 1 
ATOM   1000 N N   . VAL A 1 129 ? 0.706   5.885   13.700  1.00 25.24  ? 129 VAL A N   1 
ATOM   1001 C CA  . VAL A 1 129 ? 1.589   4.783   13.312  1.00 21.48  ? 129 VAL A CA  1 
ATOM   1002 C C   . VAL A 1 129 ? 1.823   4.798   11.789  1.00 18.94  ? 129 VAL A C   1 
ATOM   1003 O O   . VAL A 1 129 ? 0.860   4.847   11.015  1.00 16.66  ? 129 VAL A O   1 
ATOM   1004 C CB  . VAL A 1 129 ? 1.033   3.435   13.803  1.00 21.67  ? 129 VAL A CB  1 
ATOM   1005 C CG1 . VAL A 1 129 ? 1.986   2.306   13.445  1.00 21.55  ? 129 VAL A CG1 1 
ATOM   1006 C CG2 . VAL A 1 129 ? 0.828   3.496   15.317  1.00 24.33  ? 129 VAL A CG2 1 
ATOM   1007 N N   . VAL A 1 130 ? 3.103   4.801   11.404  1.00 17.21  ? 130 VAL A N   1 
ATOM   1008 C CA  . VAL A 1 130 ? 3.536   4.752   10.020  1.00 16.86  ? 130 VAL A CA  1 
ATOM   1009 C C   . VAL A 1 130 ? 4.337   3.473   9.764   1.00 14.77  ? 130 VAL A C   1 
ATOM   1010 O O   . VAL A 1 130 ? 5.318   3.231   10.436  1.00 14.75  ? 130 VAL A O   1 
ATOM   1011 C CB  . VAL A 1 130 ? 4.455   5.950   9.636   1.00 17.25  ? 130 VAL A CB  1 
ATOM   1012 C CG1 . VAL A 1 130 ? 4.805   5.889   8.133   1.00 17.49  ? 130 VAL A CG1 1 
ATOM   1013 C CG2 . VAL A 1 130 ? 3.799   7.282   10.000  1.00 18.11  ? 130 VAL A CG2 1 
ATOM   1014 N N   . CYS A 1 131 ? 3.919   2.704   8.767   1.00 13.95  ? 131 CYS A N   1 
ATOM   1015 C CA  . CYS A 1 131 ? 4.631   1.534   8.259   1.00 13.31  ? 131 CYS A CA  1 
ATOM   1016 C C   . CYS A 1 131 ? 5.360   1.926   6.949   1.00 12.38  ? 131 CYS A C   1 
ATOM   1017 O O   . CYS A 1 131 ? 4.791   2.610   6.138   1.00 12.42  ? 131 CYS A O   1 
ATOM   1018 C CB  . CYS A 1 131 ? 3.636   0.423   7.949   1.00 13.41  ? 131 CYS A CB  1 
ATOM   1019 S SG  . CYS A 1 131 ? 4.335   -0.916  6.932   1.00 16.08  ? 131 CYS A SG  1 
ATOM   1020 N N   . THR A 1 132 ? 6.607   1.506   6.781   1.00 12.27  ? 132 THR A N   1 
ATOM   1021 C CA  . THR A 1 132 ? 7.436   1.879   5.628   1.00 12.35  ? 132 THR A CA  1 
ATOM   1022 C C   . THR A 1 132 ? 8.000   0.608   5.046   1.00 12.03  ? 132 THR A C   1 
ATOM   1023 O O   . THR A 1 132 ? 8.597   -0.183  5.736   1.00 12.14  ? 132 THR A O   1 
ATOM   1024 C CB  . THR A 1 132 ? 8.574   2.859   6.034   1.00 13.41  ? 132 THR A CB  1 
ATOM   1025 O OG1 . THR A 1 132 ? 7.978   4.012   6.647   1.00 14.33  ? 132 THR A OG1 1 
ATOM   1026 C CG2 . THR A 1 132 ? 9.420   3.334   4.810   1.00 13.67  ? 132 THR A CG2 1 
ATOM   1027 N N   . ARG A 1 133 ? 7.801   0.438   3.755   1.00 12.06  ? 133 ARG A N   1 
ATOM   1028 C CA  . ARG A 1 133 ? 8.259   -0.715  3.004   1.00 11.93  ? 133 ARG A CA  1 
ATOM   1029 C C   . ARG A 1 133 ? 8.999   -0.227  1.740   1.00 11.45  ? 133 ARG A C   1 
ATOM   1030 O O   . ARG A 1 133 ? 8.545   0.692   1.056   1.00 11.53  ? 133 ARG A O   1 
ATOM   1031 C CB  . ARG A 1 133 ? 7.035   -1.588  2.686   1.00 12.86  ? 133 ARG A CB  1 
ATOM   1032 C CG  . ARG A 1 133 ? 6.510   -2.262  3.975   1.00 14.03  ? 133 ARG A CG  1 
ATOM   1033 C CD  . ARG A 1 133 ? 5.113   -2.838  3.829   1.00 15.53  ? 133 ARG A CD  1 
ATOM   1034 N NE  . ARG A 1 133 ? 5.021   -3.955  2.912   1.00 17.07  ? 133 ARG A NE  1 
ATOM   1035 C CZ  . ARG A 1 133 ? 5.243   -5.239  3.228   1.00 17.46  ? 133 ARG A CZ  1 
ATOM   1036 N NH1 . ARG A 1 133 ? 5.628   -5.589  4.444   1.00 18.37  ? 133 ARG A NH1 1 
ATOM   1037 N NH2 . ARG A 1 133 ? 5.096   -6.181  2.306   1.00 17.14  ? 133 ARG A NH2 1 
ATOM   1038 N N   . VAL A 1 134 ? 10.161  -0.804  1.495   1.00 10.96  ? 134 VAL A N   1 
ATOM   1039 C CA  . VAL A 1 134 ? 11.017  -0.450  0.400   1.00 10.93  ? 134 VAL A CA  1 
ATOM   1040 C C   . VAL A 1 134 ? 11.124  -1.650  -0.535  1.00 10.74  ? 134 VAL A C   1 
ATOM   1041 O O   . VAL A 1 134 ? 11.326  -2.782  -0.082  1.00 9.90   ? 134 VAL A O   1 
ATOM   1042 C CB  . VAL A 1 134 ? 12.407  -0.052  0.929   1.00 11.25  ? 134 VAL A CB  1 
ATOM   1043 C CG1 . VAL A 1 134 ? 13.295  0.439   -0.174  1.00 11.96  ? 134 VAL A CG1 1 
ATOM   1044 C CG2 . VAL A 1 134 ? 12.278  0.961   2.077   1.00 11.98  ? 134 VAL A CG2 1 
ATOM   1045 N N   . TYR A 1 135 ? 11.023  -1.373  -1.852  1.00 11.61  ? 135 TYR A N   1 
ATOM   1046 C CA  . TYR A 1 135 ? 11.063  -2.397  -2.905  1.00 11.45  ? 135 TYR A CA  1 
ATOM   1047 C C   . TYR A 1 135 ? 12.021  -1.967  -3.964  1.00 11.98  ? 135 TYR A C   1 
ATOM   1048 O O   . TYR A 1 135 ? 12.236  -0.773  -4.166  1.00 12.54  ? 135 TYR A O   1 
ATOM   1049 C CB  . TYR A 1 135 ? 9.713   -2.589  -3.595  1.00 11.60  ? 135 TYR A CB  1 
ATOM   1050 C CG  . TYR A 1 135 ? 8.542   -2.805  -2.667  1.00 11.87  ? 135 TYR A CG  1 
ATOM   1051 C CD1 . TYR A 1 135 ? 8.033   -1.756  -1.920  1.00 12.20  ? 135 TYR A CD1 1 
ATOM   1052 C CD2 . TYR A 1 135 ? 7.922   -4.031  -2.579  1.00 11.52  ? 135 TYR A CD2 1 
ATOM   1053 C CE1 . TYR A 1 135 ? 6.976   -1.954  -1.069  1.00 12.02  ? 135 TYR A CE1 1 
ATOM   1054 C CE2 . TYR A 1 135 ? 6.836   -4.219  -1.724  1.00 12.15  ? 135 TYR A CE2 1 
ATOM   1055 C CZ  . TYR A 1 135 ? 6.375   -3.160  -0.986  1.00 12.04  ? 135 TYR A CZ  1 
ATOM   1056 O OH  . TYR A 1 135 ? 5.309   -3.296  -0.115  1.00 12.80  ? 135 TYR A OH  1 
ATOM   1057 N N   . VAL A 1 136 ? 12.543  -2.965  -4.677  1.00 13.66  ? 136 VAL A N   1 
ATOM   1058 C CA  . VAL A 1 136 ? 13.406  -2.803  -5.871  1.00 13.35  ? 136 VAL A CA  1 
ATOM   1059 C C   . VAL A 1 136 ? 12.779  -3.490  -7.099  1.00 14.11  ? 136 VAL A C   1 
ATOM   1060 O O   . VAL A 1 136 ? 12.049  -4.515  -6.982  1.00 13.15  ? 136 VAL A O   1 
ATOM   1061 C CB  . VAL A 1 136 ? 14.806  -3.403  -5.671  1.00 14.37  ? 136 VAL A CB  1 
ATOM   1062 C CG1 . VAL A 1 136 ? 15.566  -2.679  -4.563  1.00 15.60  ? 136 VAL A CG1 1 
ATOM   1063 C CG2 . VAL A 1 136 ? 14.744  -4.897  -5.427  1.00 15.43  ? 136 VAL A CG2 1 
ATOM   1064 N N   . ARG A 1 137 ? 13.025  -2.920  -8.281  1.00 13.79  ? 137 ARG A N   1 
ATOM   1065 C CA  . ARG A 1 137 ? 12.414  -3.397  -9.494  1.00 15.35  ? 137 ARG A CA  1 
ATOM   1066 C C   . ARG A 1 137 ? 13.217  -4.557  -10.032 1.00 18.34  ? 137 ARG A C   1 
ATOM   1067 O O   . ARG A 1 137 ? 14.427  -4.436  -10.178 1.00 16.46  ? 137 ARG A O   1 
ATOM   1068 C CB  . ARG A 1 137 ? 12.337  -2.278  -10.521 1.00 15.95  ? 137 ARG A CB  1 
ATOM   1069 C CG  . ARG A 1 137 ? 11.519  -2.611  -11.780 1.00 16.29  ? 137 ARG A CG  1 
ATOM   1070 C CD  . ARG A 1 137 ? 10.901  -1.383  -12.491 1.00 17.76  ? 137 ARG A CD  1 
ATOM   1071 N NE  . ARG A 1 137 ? 11.747  -0.207  -12.492 1.00 18.74  ? 137 ARG A NE  1 
ATOM   1072 C CZ  . ARG A 1 137 ? 11.381  1.051   -12.742 1.00 18.45  ? 137 ARG A CZ  1 
ATOM   1073 N NH1 . ARG A 1 137 ? 10.168  1.403   -13.127 1.00 17.64  ? 137 ARG A NH1 1 
ATOM   1074 N NH2 . ARG A 1 137 ? 12.307  1.980   -12.635 1.00 20.68  ? 137 ARG A NH2 1 
ATOM   1075 N N   . GLU A 1 138 ? 12.539  -5.664  -10.340 1.00 22.06  ? 138 GLU A N   1 
ATOM   1076 C CA  . GLU A 1 138 ? 13.191  -6.838  -10.898 1.00 27.59  ? 138 GLU A CA  1 
ATOM   1077 C C   . GLU A 1 138 ? 13.585  -6.554  -12.372 1.00 31.01  ? 138 GLU A C   1 
ATOM   1078 O O   . GLU A 1 138 ? 14.516  -7.222  -12.862 1.00 32.59  ? 138 GLU A O   1 
ATOM   1079 C CB  . GLU A 1 138 ? 12.268  -8.056  -10.903 1.00 30.13  ? 138 GLU A CB  1 
ATOM   1080 C CG  . GLU A 1 138 ? 11.761  -8.527  -9.554  1.00 33.61  ? 138 GLU A CG  1 
ATOM   1081 C CD  . GLU A 1 138 ? 10.711  -9.623  -9.705  1.00 35.07  ? 138 GLU A CD  1 
ATOM   1082 O OE1 . GLU A 1 138 ? 9.726   -9.599  -8.948  1.00 38.91  ? 138 GLU A OE1 1 
ATOM   1083 O OE2 . GLU A 1 138 ? 10.845  -10.484 -10.604 1.00 38.04  ? 138 GLU A OE2 1 
ATOM   1084 O OXT . GLU A 1 138 ? 12.971  -5.716  -13.081 1.00 26.34  ? 138 GLU A OXT 1 
HETATM 1085 C C4  . 9U5 B 2 .   ? -2.784  -10.242 4.791   1.00 17.29  ? 201 9U5 A C4  1 
HETATM 1086 C C14 . 9U5 B 2 .   ? -6.691  -13.640 6.006   1.00 24.24  ? 201 9U5 A C14 1 
HETATM 1087 C C5  . 9U5 B 2 .   ? -2.873  -8.880  5.036   1.00 18.03  ? 201 9U5 A C5  1 
HETATM 1088 C C6  . 9U5 B 2 .   ? -3.880  -8.394  5.862   1.00 18.58  ? 201 9U5 A C6  1 
HETATM 1089 C C11 . 9U5 B 2 .   ? -6.776  -7.780  6.624   1.00 24.29  ? 201 9U5 A C11 1 
HETATM 1090 C C7  . 9U5 B 2 .   ? -5.860  -8.746  7.406   1.00 22.83  ? 201 9U5 A C7  1 
HETATM 1091 C C8  . 9U5 B 2 .   ? -6.670  -9.871  8.016   1.00 21.32  ? 201 9U5 A C8  1 
HETATM 1092 C C9  . 9U5 B 2 .   ? -6.491  -11.141 7.697   1.00 21.17  ? 201 9U5 A C9  1 
HETATM 1093 C C10 . 9U5 B 2 .   ? -5.210  -7.972  8.571   1.00 24.37  ? 201 9U5 A C10 1 
HETATM 1094 C C12 . 9U5 B 2 .   ? -5.415  -13.048 6.555   1.00 22.95  ? 201 9U5 A C12 1 
HETATM 1095 C C13 . 9U5 B 2 .   ? -4.868  -13.820 7.722   1.00 24.68  ? 201 9U5 A C13 1 
HETATM 1096 N N1  . 9U5 B 2 .   ? -5.547  -11.561 6.844   1.00 19.73  ? 201 9U5 A N1  1 
HETATM 1097 C C3  . 9U5 B 2 .   ? -3.643  -11.110 5.396   1.00 18.14  ? 201 9U5 A C3  1 
HETATM 1098 C C1  . 9U5 B 2 .   ? -4.777  -9.271  6.477   1.00 20.38  ? 201 9U5 A C1  1 
HETATM 1099 C C2  . 9U5 B 2 .   ? -4.668  -10.643 6.215   1.00 19.66  ? 201 9U5 A C2  1 
HETATM 1100 C C15 . 9U5 B 2 .   ? -1.984  -8.043  4.292   1.00 17.21  ? 201 9U5 A C15 1 
HETATM 1101 C C16 . 9U5 B 2 .   ? -1.251  -7.372  3.662   1.00 17.96  ? 201 9U5 A C16 1 
HETATM 1102 C C17 . 9U5 B 2 .   ? -0.338  -6.613  2.860   1.00 17.01  ? 201 9U5 A C17 1 
HETATM 1103 C C18 . 9U5 B 2 .   ? 0.694   -7.303  2.232   1.00 16.81  ? 201 9U5 A C18 1 
HETATM 1104 C C19 . 9U5 B 2 .   ? 1.590   -6.649  1.410   1.00 16.53  ? 201 9U5 A C19 1 
HETATM 1105 C C20 . 9U5 B 2 .   ? 1.454   -5.283  1.182   1.00 16.57  ? 201 9U5 A C20 1 
HETATM 1106 C C21 . 9U5 B 2 .   ? 0.420   -4.579  1.804   1.00 17.79  ? 201 9U5 A C21 1 
HETATM 1107 C C22 . 9U5 B 2 .   ? -0.477  -5.234  2.636   1.00 16.87  ? 201 9U5 A C22 1 
HETATM 1108 C C23 . 9U5 B 2 .   ? 2.414   -4.619  0.290   1.00 17.06  ? 201 9U5 A C23 1 
HETATM 1109 O O1  . 9U5 B 2 .   ? 2.041   -3.590  -0.290  1.00 16.91  ? 201 9U5 A O1  1 
HETATM 1110 O O2  . 9U5 B 2 .   ? 3.540   -5.190  0.131   1.00 16.49  ? 201 9U5 A O2  1 
HETATM 1111 O O   . HOH C 3 .   ? 9.004   15.841  -12.713 1.00 33.94  ? 301 HOH A O   1 
HETATM 1112 O O   . HOH C 3 .   ? -18.013 6.486   -6.159  1.00 37.41  ? 302 HOH A O   1 
HETATM 1113 O O   . HOH C 3 .   ? 14.827  -0.435  -8.020  1.00 22.90  ? 303 HOH A O   1 
HETATM 1114 O O   . HOH C 3 .   ? 5.759   12.189  -12.817 1.00 34.90  ? 304 HOH A O   1 
HETATM 1115 O O   . HOH C 3 .   ? -14.078 -6.559  4.920   1.00 26.07  ? 305 HOH A O   1 
HETATM 1116 O O   . HOH C 3 .   ? -1.989  0.413   -22.858 1.00 41.87  ? 306 HOH A O   1 
HETATM 1117 O O   . HOH C 3 .   ? -0.395  -3.047  -0.816  1.00 27.82  ? 307 HOH A O   1 
HETATM 1118 O O   . HOH C 3 .   ? -3.513  8.487   8.156   1.00 39.24  ? 308 HOH A O   1 
HETATM 1119 O O   . HOH C 3 .   ? -7.404  8.154   -7.463  1.00 20.66  ? 309 HOH A O   1 
HETATM 1120 O O   . HOH C 3 .   ? 21.914  4.514   -8.930  1.00 30.90  ? 310 HOH A O   1 
HETATM 1121 O O   . HOH C 3 .   ? -5.418  12.136  -13.682 1.00 48.11  ? 311 HOH A O   1 
HETATM 1122 O O   . HOH C 3 .   ? 5.445   2.515   -18.944 1.00 30.41  ? 312 HOH A O   1 
HETATM 1123 O O   . HOH C 3 .   ? 8.663   -9.372  -2.480  1.00 26.93  ? 313 HOH A O   1 
HETATM 1124 O O   . HOH C 3 .   ? 7.458   -9.297  -7.234  1.00 29.62  ? 314 HOH A O   1 
HETATM 1125 O O   . HOH C 3 .   ? 7.851   3.315   9.214   1.00 19.65  ? 315 HOH A O   1 
HETATM 1126 O O   . HOH C 3 .   ? 6.163   6.818   -0.079  1.00 13.99  ? 316 HOH A O   1 
HETATM 1127 O O   . HOH C 3 .   ? 2.365   -4.304  -19.318 1.00 36.69  ? 317 HOH A O   1 
HETATM 1128 O O   . HOH C 3 .   ? -9.243  3.862   8.185   1.00 31.59  ? 318 HOH A O   1 
HETATM 1129 O O   . HOH C 3 .   ? 2.546   -3.123  -2.874  1.00 18.28  ? 319 HOH A O   1 
HETATM 1130 O O   . HOH C 3 .   ? 9.690   -8.099  -14.020 1.00 33.49  ? 320 HOH A O   1 
HETATM 1131 O O   . HOH C 3 .   ? 6.661   -8.141  12.534  1.00 36.05  ? 321 HOH A O   1 
HETATM 1132 O O   . HOH C 3 .   ? -8.994  -4.070  12.495  1.00 33.99  ? 322 HOH A O   1 
HETATM 1133 O O   . HOH C 3 .   ? 1.820   9.551   7.434   1.00 39.17  ? 323 HOH A O   1 
HETATM 1134 O O   . HOH C 3 .   ? -6.292  -3.507  -10.726 1.00 101.84 ? 324 HOH A O   1 
HETATM 1135 O O   . HOH C 3 .   ? 11.126  14.972  -6.522  1.00 28.05  ? 325 HOH A O   1 
HETATM 1136 O O   . HOH C 3 .   ? 14.343  -7.394  4.928   1.00 48.77  ? 326 HOH A O   1 
HETATM 1137 O O   . HOH C 3 .   ? 7.223   -4.511  9.278   1.00 13.62  ? 327 HOH A O   1 
HETATM 1138 O O   . HOH C 3 .   ? 0.995   6.835   4.481   1.00 31.05  ? 328 HOH A O   1 
HETATM 1139 O O   . HOH C 3 .   ? -2.381  4.989   18.022  1.00 41.88  ? 329 HOH A O   1 
HETATM 1140 O O   . HOH C 3 .   ? -8.165  -4.961  -4.372  1.00 50.36  ? 330 HOH A O   1 
HETATM 1141 O O   . HOH C 3 .   ? -5.734  12.364  -1.946  1.00 39.12  ? 331 HOH A O   1 
HETATM 1142 O O   . HOH C 3 .   ? -1.585  -1.326  -3.140  1.00 38.01  ? 332 HOH A O   1 
HETATM 1143 O O   . HOH C 3 .   ? -2.871  2.621   5.909   1.00 28.38  ? 333 HOH A O   1 
HETATM 1144 O O   . HOH C 3 .   ? 6.507   -5.491  10.992  1.00 25.03  ? 334 HOH A O   1 
HETATM 1145 O O   . HOH C 3 .   ? -8.370  11.273  -20.022 1.00 52.13  ? 335 HOH A O   1 
HETATM 1146 O O   . HOH C 3 .   ? 10.987  -9.744  3.864   1.00 39.89  ? 336 HOH A O   1 
HETATM 1147 O O   . HOH C 3 .   ? -4.355  -14.751 -3.337  1.00 33.50  ? 337 HOH A O   1 
HETATM 1148 O O   . HOH C 3 .   ? -4.211  -6.228  17.867  1.00 24.90  ? 338 HOH A O   1 
HETATM 1149 O O   . HOH C 3 .   ? 10.126  -5.223  -13.562 1.00 23.07  ? 339 HOH A O   1 
HETATM 1150 O O   . HOH C 3 .   ? -5.053  0.288   1.959   1.00 28.79  ? 340 HOH A O   1 
HETATM 1151 O O   . HOH C 3 .   ? -5.261  1.401   5.237   1.00 20.03  ? 341 HOH A O   1 
HETATM 1152 O O   . HOH C 3 .   ? 3.286   6.152   -17.848 1.00 25.45  ? 342 HOH A O   1 
HETATM 1153 O O   . HOH C 3 .   ? 4.497   11.149  4.083   1.00 34.28  ? 343 HOH A O   1 
HETATM 1154 O O   . HOH C 3 .   ? -8.491  -8.793  -0.820  1.00 30.99  ? 344 HOH A O   1 
HETATM 1155 O O   . HOH C 3 .   ? -2.599  0.831   -16.374 1.00 38.55  ? 345 HOH A O   1 
HETATM 1156 O O   . HOH C 3 .   ? -14.287 -2.841  -0.725  1.00 35.60  ? 346 HOH A O   1 
HETATM 1157 O O   . HOH C 3 .   ? 20.839  8.734   -6.426  1.00 31.13  ? 347 HOH A O   1 
HETATM 1158 O O   . HOH C 3 .   ? 6.162   -3.834  13.255  1.00 24.81  ? 348 HOH A O   1 
HETATM 1159 O O   . HOH C 3 .   ? -3.078  14.614  -8.625  1.00 32.01  ? 349 HOH A O   1 
HETATM 1160 O O   . HOH C 3 .   ? -2.421  -3.342  -4.738  1.00 32.92  ? 350 HOH A O   1 
HETATM 1161 O O   . HOH C 3 .   ? 14.620  0.378   -11.539 1.00 26.20  ? 351 HOH A O   1 
HETATM 1162 O O   . HOH C 3 .   ? 4.373   -0.949  -3.488  1.00 24.45  ? 352 HOH A O   1 
HETATM 1163 O O   . HOH C 3 .   ? 10.953  6.654   -13.540 1.00 44.90  ? 353 HOH A O   1 
HETATM 1164 O O   . HOH C 3 .   ? -4.755  -0.593  -16.580 1.00 43.73  ? 354 HOH A O   1 
HETATM 1165 O O   . HOH C 3 .   ? 13.060  9.435   -8.769  1.00 28.51  ? 355 HOH A O   1 
HETATM 1166 O O   . HOH C 3 .   ? 18.584  -0.415  5.322   1.00 35.51  ? 356 HOH A O   1 
HETATM 1167 O O   . HOH C 3 .   ? -10.224 10.906  16.165  1.00 56.33  ? 357 HOH A O   1 
HETATM 1168 O O   . HOH C 3 .   ? 7.962   -6.352  9.196   1.00 29.30  ? 358 HOH A O   1 
HETATM 1169 O O   . HOH C 3 .   ? 16.629  -7.504  1.081   1.00 48.20  ? 359 HOH A O   1 
HETATM 1170 O O   . HOH C 3 .   ? 3.557   -6.595  -19.647 1.00 44.09  ? 360 HOH A O   1 
HETATM 1171 O O   . HOH C 3 .   ? 3.531   14.254  -11.677 1.00 34.58  ? 361 HOH A O   1 
HETATM 1172 O O   . HOH C 3 .   ? 11.246  -12.433 6.852   1.00 43.04  ? 362 HOH A O   1 
# 
